data_5UY9
# 
_entry.id   5UY9 
# 
_audit_conform.dict_name       mmcif_pdbx.dic 
_audit_conform.dict_version    5.398 
_audit_conform.dict_location   http://mmcif.pdb.org/dictionaries/ascii/mmcif_pdbx.dic 
# 
loop_
_database_2.database_id 
_database_2.database_code 
_database_2.pdbx_database_accession 
_database_2.pdbx_DOI 
PDB   5UY9         pdb_00005uy9 10.2210/pdb5uy9/pdb 
WWPDB D_1000226618 ?            ?                   
# 
loop_
_pdbx_audit_revision_history.ordinal 
_pdbx_audit_revision_history.data_content_type 
_pdbx_audit_revision_history.major_revision 
_pdbx_audit_revision_history.minor_revision 
_pdbx_audit_revision_history.revision_date 
1 'Structure model' 1 0 2017-04-26 
2 'Structure model' 1 1 2017-05-24 
3 'Structure model' 1 2 2017-09-20 
4 'Structure model' 1 3 2018-01-24 
5 'Structure model' 1 4 2024-11-06 
# 
_pdbx_audit_revision_details.ordinal             1 
_pdbx_audit_revision_details.revision_ordinal    1 
_pdbx_audit_revision_details.data_content_type   'Structure model' 
_pdbx_audit_revision_details.provider            repository 
_pdbx_audit_revision_details.type                'Initial release' 
_pdbx_audit_revision_details.description         ? 
_pdbx_audit_revision_details.details             ? 
# 
loop_
_pdbx_audit_revision_group.ordinal 
_pdbx_audit_revision_group.revision_ordinal 
_pdbx_audit_revision_group.data_content_type 
_pdbx_audit_revision_group.group 
1 2 'Structure model' 'Database references' 
2 3 'Structure model' 'Database references' 
3 4 'Structure model' 'Structure summary'   
4 5 'Structure model' 'Data collection'     
5 5 'Structure model' 'Database references' 
6 5 'Structure model' 'Structure summary'   
# 
loop_
_pdbx_audit_revision_category.ordinal 
_pdbx_audit_revision_category.revision_ordinal 
_pdbx_audit_revision_category.data_content_type 
_pdbx_audit_revision_category.category 
1 3 'Structure model' citation                  
2 4 'Structure model' audit_author              
3 5 'Structure model' chem_comp_atom            
4 5 'Structure model' chem_comp_bond            
5 5 'Structure model' database_2                
6 5 'Structure model' pdbx_entry_details        
7 5 'Structure model' pdbx_modification_feature 
# 
loop_
_pdbx_audit_revision_item.ordinal 
_pdbx_audit_revision_item.revision_ordinal 
_pdbx_audit_revision_item.data_content_type 
_pdbx_audit_revision_item.item 
1 3 'Structure model' '_citation.journal_volume'            
2 3 'Structure model' '_citation.page_first'                
3 3 'Structure model' '_citation.page_last'                 
4 4 'Structure model' '_audit_author.name'                  
5 5 'Structure model' '_database_2.pdbx_DOI'                
6 5 'Structure model' '_database_2.pdbx_database_accession' 
# 
_pdbx_database_status.status_code                     REL 
_pdbx_database_status.status_code_sf                  REL 
_pdbx_database_status.status_code_mr                  ? 
_pdbx_database_status.entry_id                        5UY9 
_pdbx_database_status.recvd_initial_deposition_date   2017-02-23 
_pdbx_database_status.SG_entry                        N 
_pdbx_database_status.deposit_site                    RCSB 
_pdbx_database_status.process_site                    RCSB 
_pdbx_database_status.status_code_cs                  ? 
_pdbx_database_status.methods_development_category    ? 
_pdbx_database_status.pdb_format_compatible           Y 
_pdbx_database_status.status_code_nmr_data            ? 
# 
loop_
_audit_author.name 
_audit_author.pdbx_ordinal 
_audit_author.identifier_ORCID 
'Dong, S.-H.' 1 0000-0002-1743-2163 
'Nair, S.'    2 ?                   
# 
_citation.abstract                  ? 
_citation.abstract_id_CAS           ? 
_citation.book_id_ISBN              ? 
_citation.book_publisher            ? 
_citation.book_publisher_city       ? 
_citation.book_title                ? 
_citation.coordinate_linkage        ? 
_citation.country                   UK 
_citation.database_id_Medline       ? 
_citation.details                   ? 
_citation.id                        primary 
_citation.journal_abbrev            Oncogene 
_citation.journal_id_ASTM           ? 
_citation.journal_id_CSD            ? 
_citation.journal_id_ISSN           1476-5594 
_citation.journal_full              ? 
_citation.journal_issue             ? 
_citation.journal_volume            36 
_citation.language                  ? 
_citation.page_first                5177 
_citation.page_last                 5188 
_citation.title                     
'Prolyl isomerase PIN1 regulates the stability, transcriptional activity and oncogenic potential of BRD4.' 
_citation.year                      2017 
_citation.database_id_CSD           ? 
_citation.pdbx_database_id_DOI      10.1038/onc.2017.137 
_citation.pdbx_database_id_PubMed   28481868 
_citation.unpublished_flag          ? 
# 
loop_
_citation_author.citation_id 
_citation_author.name 
_citation_author.ordinal 
_citation_author.identifier_ORCID 
primary 'Hu, X.'     1 ? 
primary 'Dong, S.H.' 2 ? 
primary 'Chen, J.'   3 ? 
primary 'Zhou, X.Z.' 4 ? 
primary 'Chen, R.'   5 ? 
primary 'Nair, S.'   6 ? 
primary 'Lu, K.P.'   7 ? 
primary 'Chen, L.F.' 8 ? 
# 
loop_
_entity.id 
_entity.type 
_entity.src_method 
_entity.pdbx_description 
_entity.formula_weight 
_entity.pdbx_number_of_molecules 
_entity.pdbx_ec 
_entity.pdbx_mutation 
_entity.pdbx_fragment 
_entity.details 
1 polymer     man 'Peptidyl-prolyl cis-trans isomerase NIMA-interacting 1'                             18185.193 1  5.2.1.8 R14A ? 
? 
2 polymer     syn 'Brd4 peptide'                                                                       859.801   1  ?       ?    ? 
? 
3 non-polymer man '2-{2-[2-(2-{2-[2-(2-ETHOXY-ETHOXY)-ETHOXY]-ETHOXY}-ETHOXY)-ETHOXY]-ETHOXY}-ETHANOL' 354.436   1  ?       ?    ? 
? 
4 non-polymer man 'SULFATE ION'                                                                        96.063    2  ?       ?    ? 
? 
5 water       nat water                                                                                18.015    80 ?       ?    ? 
? 
# 
_entity_name_com.entity_id   1 
_entity_name_com.name        'Peptidyl-prolyl cis-trans isomerase Pin1,PPIase Pin1,Rotamase Pin1' 
# 
loop_
_entity_poly.entity_id 
_entity_poly.type 
_entity_poly.nstd_linkage 
_entity_poly.nstd_monomer 
_entity_poly.pdbx_seq_one_letter_code 
_entity_poly.pdbx_seq_one_letter_code_can 
_entity_poly.pdbx_strand_id 
_entity_poly.pdbx_target_identifier 
1 'polypeptide(L)' no no  
;MADEEKLPPGWEKAMSRSSGRVYYFNHITNASQWERPSGNSSSGGKNGQGEPARVRCSHLLVKHSQSRRPSSWRQEKITR
TKEEALELINGYIQKIKSGEEDFESLASQFSDCSSAKARGDLGAFSRGQMQKPFEDASFALRTGEMSGPVFTDSGIHIIL
RTE
;
;MADEEKLPPGWEKAMSRSSGRVYYFNHITNASQWERPSGNSSSGGKNGQGEPARVRCSHLLVKHSQSRRPSSWRQEKITR
TKEEALELINGYIQKIKSGEEDFESLASQFSDCSSAKARGDLGAFSRGQMQKPFEDASFALRTGEMSGPVFTDSGIHIIL
RTE
;
A ? 
2 'polypeptide(L)' no yes 'QAS(TPO)PR(NIT)' QASTPRX B ? 
# 
loop_
_pdbx_entity_nonpoly.entity_id 
_pdbx_entity_nonpoly.name 
_pdbx_entity_nonpoly.comp_id 
3 '2-{2-[2-(2-{2-[2-(2-ETHOXY-ETHOXY)-ETHOXY]-ETHOXY}-ETHOXY)-ETHOXY]-ETHOXY}-ETHANOL' PE4 
4 'SULFATE ION'                                                                        SO4 
5 water                                                                                HOH 
# 
loop_
_entity_poly_seq.entity_id 
_entity_poly_seq.num 
_entity_poly_seq.mon_id 
_entity_poly_seq.hetero 
1 1   MET n 
1 2   ALA n 
1 3   ASP n 
1 4   GLU n 
1 5   GLU n 
1 6   LYS n 
1 7   LEU n 
1 8   PRO n 
1 9   PRO n 
1 10  GLY n 
1 11  TRP n 
1 12  GLU n 
1 13  LYS n 
1 14  ALA n 
1 15  MET n 
1 16  SER n 
1 17  ARG n 
1 18  SER n 
1 19  SER n 
1 20  GLY n 
1 21  ARG n 
1 22  VAL n 
1 23  TYR n 
1 24  TYR n 
1 25  PHE n 
1 26  ASN n 
1 27  HIS n 
1 28  ILE n 
1 29  THR n 
1 30  ASN n 
1 31  ALA n 
1 32  SER n 
1 33  GLN n 
1 34  TRP n 
1 35  GLU n 
1 36  ARG n 
1 37  PRO n 
1 38  SER n 
1 39  GLY n 
1 40  ASN n 
1 41  SER n 
1 42  SER n 
1 43  SER n 
1 44  GLY n 
1 45  GLY n 
1 46  LYS n 
1 47  ASN n 
1 48  GLY n 
1 49  GLN n 
1 50  GLY n 
1 51  GLU n 
1 52  PRO n 
1 53  ALA n 
1 54  ARG n 
1 55  VAL n 
1 56  ARG n 
1 57  CYS n 
1 58  SER n 
1 59  HIS n 
1 60  LEU n 
1 61  LEU n 
1 62  VAL n 
1 63  LYS n 
1 64  HIS n 
1 65  SER n 
1 66  GLN n 
1 67  SER n 
1 68  ARG n 
1 69  ARG n 
1 70  PRO n 
1 71  SER n 
1 72  SER n 
1 73  TRP n 
1 74  ARG n 
1 75  GLN n 
1 76  GLU n 
1 77  LYS n 
1 78  ILE n 
1 79  THR n 
1 80  ARG n 
1 81  THR n 
1 82  LYS n 
1 83  GLU n 
1 84  GLU n 
1 85  ALA n 
1 86  LEU n 
1 87  GLU n 
1 88  LEU n 
1 89  ILE n 
1 90  ASN n 
1 91  GLY n 
1 92  TYR n 
1 93  ILE n 
1 94  GLN n 
1 95  LYS n 
1 96  ILE n 
1 97  LYS n 
1 98  SER n 
1 99  GLY n 
1 100 GLU n 
1 101 GLU n 
1 102 ASP n 
1 103 PHE n 
1 104 GLU n 
1 105 SER n 
1 106 LEU n 
1 107 ALA n 
1 108 SER n 
1 109 GLN n 
1 110 PHE n 
1 111 SER n 
1 112 ASP n 
1 113 CYS n 
1 114 SER n 
1 115 SER n 
1 116 ALA n 
1 117 LYS n 
1 118 ALA n 
1 119 ARG n 
1 120 GLY n 
1 121 ASP n 
1 122 LEU n 
1 123 GLY n 
1 124 ALA n 
1 125 PHE n 
1 126 SER n 
1 127 ARG n 
1 128 GLY n 
1 129 GLN n 
1 130 MET n 
1 131 GLN n 
1 132 LYS n 
1 133 PRO n 
1 134 PHE n 
1 135 GLU n 
1 136 ASP n 
1 137 ALA n 
1 138 SER n 
1 139 PHE n 
1 140 ALA n 
1 141 LEU n 
1 142 ARG n 
1 143 THR n 
1 144 GLY n 
1 145 GLU n 
1 146 MET n 
1 147 SER n 
1 148 GLY n 
1 149 PRO n 
1 150 VAL n 
1 151 PHE n 
1 152 THR n 
1 153 ASP n 
1 154 SER n 
1 155 GLY n 
1 156 ILE n 
1 157 HIS n 
1 158 ILE n 
1 159 ILE n 
1 160 LEU n 
1 161 ARG n 
1 162 THR n 
1 163 GLU n 
2 1   GLN n 
2 2   ALA n 
2 3   SER n 
2 4   TPO n 
2 5   PRO n 
2 6   ARG n 
2 7   NIT n 
# 
_entity_src_gen.entity_id                          1 
_entity_src_gen.pdbx_src_id                        1 
_entity_src_gen.pdbx_alt_source_flag               sample 
_entity_src_gen.pdbx_seq_type                      'Biological sequence' 
_entity_src_gen.pdbx_beg_seq_num                   1 
_entity_src_gen.pdbx_end_seq_num                   163 
_entity_src_gen.gene_src_common_name               Human 
_entity_src_gen.gene_src_genus                     ? 
_entity_src_gen.pdbx_gene_src_gene                 PIN1 
_entity_src_gen.gene_src_species                   ? 
_entity_src_gen.gene_src_strain                    ? 
_entity_src_gen.gene_src_tissue                    ? 
_entity_src_gen.gene_src_tissue_fraction           ? 
_entity_src_gen.gene_src_details                   ? 
_entity_src_gen.pdbx_gene_src_fragment             ? 
_entity_src_gen.pdbx_gene_src_scientific_name      'Homo sapiens' 
_entity_src_gen.pdbx_gene_src_ncbi_taxonomy_id     9606 
_entity_src_gen.pdbx_gene_src_variant              ? 
_entity_src_gen.pdbx_gene_src_cell_line            ? 
_entity_src_gen.pdbx_gene_src_atcc                 ? 
_entity_src_gen.pdbx_gene_src_organ                ? 
_entity_src_gen.pdbx_gene_src_organelle            ? 
_entity_src_gen.pdbx_gene_src_cell                 ? 
_entity_src_gen.pdbx_gene_src_cellular_location    ? 
_entity_src_gen.host_org_common_name               ? 
_entity_src_gen.pdbx_host_org_scientific_name      'Escherichia coli' 
_entity_src_gen.pdbx_host_org_ncbi_taxonomy_id     562 
_entity_src_gen.host_org_genus                     ? 
_entity_src_gen.pdbx_host_org_gene                 ? 
_entity_src_gen.pdbx_host_org_organ                ? 
_entity_src_gen.host_org_species                   ? 
_entity_src_gen.pdbx_host_org_tissue               ? 
_entity_src_gen.pdbx_host_org_tissue_fraction      ? 
_entity_src_gen.pdbx_host_org_strain               ? 
_entity_src_gen.pdbx_host_org_variant              ? 
_entity_src_gen.pdbx_host_org_cell_line            ? 
_entity_src_gen.pdbx_host_org_atcc                 ? 
_entity_src_gen.pdbx_host_org_culture_collection   ? 
_entity_src_gen.pdbx_host_org_cell                 ? 
_entity_src_gen.pdbx_host_org_organelle            ? 
_entity_src_gen.pdbx_host_org_cellular_location    ? 
_entity_src_gen.pdbx_host_org_vector_type          ? 
_entity_src_gen.pdbx_host_org_vector               ? 
_entity_src_gen.host_org_details                   ? 
_entity_src_gen.expression_system_id               ? 
_entity_src_gen.plasmid_name                       ? 
_entity_src_gen.plasmid_details                    ? 
_entity_src_gen.pdbx_description                   ? 
# 
_pdbx_entity_src_syn.entity_id              2 
_pdbx_entity_src_syn.pdbx_src_id            1 
_pdbx_entity_src_syn.pdbx_alt_source_flag   sample 
_pdbx_entity_src_syn.pdbx_beg_seq_num       1 
_pdbx_entity_src_syn.pdbx_end_seq_num       7 
_pdbx_entity_src_syn.organism_scientific    'Homo sapiens' 
_pdbx_entity_src_syn.organism_common_name   ? 
_pdbx_entity_src_syn.ncbi_taxonomy_id       9606 
_pdbx_entity_src_syn.details                ? 
# 
loop_
_chem_comp.id 
_chem_comp.type 
_chem_comp.mon_nstd_flag 
_chem_comp.name 
_chem_comp.pdbx_synonyms 
_chem_comp.formula 
_chem_comp.formula_weight 
ALA 'L-peptide linking' y ALANINE                                                                              ? 'C3 H7 N O2'     
89.093  
ARG 'L-peptide linking' y ARGININE                                                                             ? 'C6 H15 N4 O2 1' 
175.209 
ASN 'L-peptide linking' y ASPARAGINE                                                                           ? 'C4 H8 N2 O3'    
132.118 
ASP 'L-peptide linking' y 'ASPARTIC ACID'                                                                      ? 'C4 H7 N O4'     
133.103 
CYS 'L-peptide linking' y CYSTEINE                                                                             ? 'C3 H7 N O2 S'   
121.158 
GLN 'L-peptide linking' y GLUTAMINE                                                                            ? 'C5 H10 N2 O3'   
146.144 
GLU 'L-peptide linking' y 'GLUTAMIC ACID'                                                                      ? 'C5 H9 N O4'     
147.129 
GLY 'peptide linking'   y GLYCINE                                                                              ? 'C2 H5 N O2'     
75.067  
HIS 'L-peptide linking' y HISTIDINE                                                                            ? 'C6 H10 N3 O2 1' 
156.162 
HOH non-polymer         . WATER                                                                                ? 'H2 O'           
18.015  
ILE 'L-peptide linking' y ISOLEUCINE                                                                           ? 'C6 H13 N O2'    
131.173 
LEU 'L-peptide linking' y LEUCINE                                                                              ? 'C6 H13 N O2'    
131.173 
LYS 'L-peptide linking' y LYSINE                                                                               ? 'C6 H15 N2 O2 1' 
147.195 
MET 'L-peptide linking' y METHIONINE                                                                           ? 'C5 H11 N O2 S'  
149.211 
NIT non-polymer         . 4-NITROANILINE                                                                       PARANITROANILINE 
'C6 H6 N2 O2'    138.124 
PE4 non-polymer         . '2-{2-[2-(2-{2-[2-(2-ETHOXY-ETHOXY)-ETHOXY]-ETHOXY}-ETHOXY)-ETHOXY]-ETHOXY}-ETHANOL' 
'POLYETHYLENE GLYCOL PEG4000' 'C16 H34 O8'     354.436 
PHE 'L-peptide linking' y PHENYLALANINE                                                                        ? 'C9 H11 N O2'    
165.189 
PRO 'L-peptide linking' y PROLINE                                                                              ? 'C5 H9 N O2'     
115.130 
SER 'L-peptide linking' y SERINE                                                                               ? 'C3 H7 N O3'     
105.093 
SO4 non-polymer         . 'SULFATE ION'                                                                        ? 'O4 S -2'        
96.063  
THR 'L-peptide linking' y THREONINE                                                                            ? 'C4 H9 N O3'     
119.119 
TPO 'L-peptide linking' n PHOSPHOTHREONINE                                                                     PHOSPHONOTHREONINE 
'C4 H10 N O6 P'  199.099 
TRP 'L-peptide linking' y TRYPTOPHAN                                                                           ? 'C11 H12 N2 O2'  
204.225 
TYR 'L-peptide linking' y TYROSINE                                                                             ? 'C9 H11 N O3'    
181.189 
VAL 'L-peptide linking' y VALINE                                                                               ? 'C5 H11 N O2'    
117.146 
# 
loop_
_pdbx_poly_seq_scheme.asym_id 
_pdbx_poly_seq_scheme.entity_id 
_pdbx_poly_seq_scheme.seq_id 
_pdbx_poly_seq_scheme.mon_id 
_pdbx_poly_seq_scheme.ndb_seq_num 
_pdbx_poly_seq_scheme.pdb_seq_num 
_pdbx_poly_seq_scheme.auth_seq_num 
_pdbx_poly_seq_scheme.pdb_mon_id 
_pdbx_poly_seq_scheme.auth_mon_id 
_pdbx_poly_seq_scheme.pdb_strand_id 
_pdbx_poly_seq_scheme.pdb_ins_code 
_pdbx_poly_seq_scheme.hetero 
A 1 1   MET 1   1   ?   ?   ?   A . n 
A 1 2   ALA 2   2   ?   ?   ?   A . n 
A 1 3   ASP 3   3   ?   ?   ?   A . n 
A 1 4   GLU 4   4   ?   ?   ?   A . n 
A 1 5   GLU 5   5   ?   ?   ?   A . n 
A 1 6   LYS 6   6   6   LYS LYS A . n 
A 1 7   LEU 7   7   7   LEU LEU A . n 
A 1 8   PRO 8   8   8   PRO PRO A . n 
A 1 9   PRO 9   9   9   PRO PRO A . n 
A 1 10  GLY 10  10  10  GLY GLY A . n 
A 1 11  TRP 11  11  11  TRP TRP A . n 
A 1 12  GLU 12  12  12  GLU GLU A . n 
A 1 13  LYS 13  13  13  LYS LYS A . n 
A 1 14  ALA 14  14  14  ALA ALA A . n 
A 1 15  MET 15  15  15  MET MET A . n 
A 1 16  SER 16  16  16  SER SER A . n 
A 1 17  ARG 17  17  17  ARG ARG A . n 
A 1 18  SER 18  18  18  SER SER A . n 
A 1 19  SER 19  19  19  SER SER A . n 
A 1 20  GLY 20  20  20  GLY GLY A . n 
A 1 21  ARG 21  21  21  ARG ARG A . n 
A 1 22  VAL 22  22  22  VAL VAL A . n 
A 1 23  TYR 23  23  23  TYR TYR A . n 
A 1 24  TYR 24  24  24  TYR TYR A . n 
A 1 25  PHE 25  25  25  PHE PHE A . n 
A 1 26  ASN 26  26  26  ASN ASN A . n 
A 1 27  HIS 27  27  27  HIS HIS A . n 
A 1 28  ILE 28  28  28  ILE ILE A . n 
A 1 29  THR 29  29  29  THR THR A . n 
A 1 30  ASN 30  30  30  ASN ASN A . n 
A 1 31  ALA 31  31  31  ALA ALA A . n 
A 1 32  SER 32  32  32  SER SER A . n 
A 1 33  GLN 33  33  33  GLN GLN A . n 
A 1 34  TRP 34  34  34  TRP TRP A . n 
A 1 35  GLU 35  35  35  GLU GLU A . n 
A 1 36  ARG 36  36  36  ARG ARG A . n 
A 1 37  PRO 37  37  37  PRO PRO A . n 
A 1 38  SER 38  38  38  SER SER A . n 
A 1 39  GLY 39  39  ?   ?   ?   A . n 
A 1 40  ASN 40  40  ?   ?   ?   A . n 
A 1 41  SER 41  41  ?   ?   ?   A . n 
A 1 42  SER 42  42  ?   ?   ?   A . n 
A 1 43  SER 43  43  ?   ?   ?   A . n 
A 1 44  GLY 44  44  ?   ?   ?   A . n 
A 1 45  GLY 45  45  ?   ?   ?   A . n 
A 1 46  LYS 46  46  ?   ?   ?   A . n 
A 1 47  ASN 47  47  ?   ?   ?   A . n 
A 1 48  GLY 48  48  ?   ?   ?   A . n 
A 1 49  GLN 49  49  ?   ?   ?   A . n 
A 1 50  GLY 50  50  ?   ?   ?   A . n 
A 1 51  GLU 51  51  51  GLU GLU A . n 
A 1 52  PRO 52  52  52  PRO PRO A . n 
A 1 53  ALA 53  53  53  ALA ALA A . n 
A 1 54  ARG 54  54  54  ARG ARG A . n 
A 1 55  VAL 55  55  55  VAL VAL A . n 
A 1 56  ARG 56  56  56  ARG ARG A . n 
A 1 57  CYS 57  57  57  CYS CYS A . n 
A 1 58  SER 58  58  58  SER SER A . n 
A 1 59  HIS 59  59  59  HIS HIS A . n 
A 1 60  LEU 60  60  60  LEU LEU A . n 
A 1 61  LEU 61  61  61  LEU LEU A . n 
A 1 62  VAL 62  62  62  VAL VAL A . n 
A 1 63  LYS 63  63  63  LYS LYS A . n 
A 1 64  HIS 64  64  64  HIS HIS A . n 
A 1 65  SER 65  65  65  SER SER A . n 
A 1 66  GLN 66  66  66  GLN GLN A . n 
A 1 67  SER 67  67  67  SER SER A . n 
A 1 68  ARG 68  68  68  ARG ARG A . n 
A 1 69  ARG 69  69  69  ARG ARG A . n 
A 1 70  PRO 70  70  70  PRO PRO A . n 
A 1 71  SER 71  71  71  SER SER A . n 
A 1 72  SER 72  72  72  SER SER A . n 
A 1 73  TRP 73  73  73  TRP TRP A . n 
A 1 74  ARG 74  74  74  ARG ARG A . n 
A 1 75  GLN 75  75  75  GLN GLN A . n 
A 1 76  GLU 76  76  76  GLU GLU A . n 
A 1 77  LYS 77  77  77  LYS LYS A . n 
A 1 78  ILE 78  78  78  ILE ILE A . n 
A 1 79  THR 79  79  79  THR THR A . n 
A 1 80  ARG 80  80  80  ARG ARG A . n 
A 1 81  THR 81  81  81  THR THR A . n 
A 1 82  LYS 82  82  82  LYS LYS A . n 
A 1 83  GLU 83  83  83  GLU GLU A . n 
A 1 84  GLU 84  84  84  GLU GLU A . n 
A 1 85  ALA 85  85  85  ALA ALA A . n 
A 1 86  LEU 86  86  86  LEU LEU A . n 
A 1 87  GLU 87  87  87  GLU GLU A . n 
A 1 88  LEU 88  88  88  LEU LEU A . n 
A 1 89  ILE 89  89  89  ILE ILE A . n 
A 1 90  ASN 90  90  90  ASN ASN A . n 
A 1 91  GLY 91  91  91  GLY GLY A . n 
A 1 92  TYR 92  92  92  TYR TYR A . n 
A 1 93  ILE 93  93  93  ILE ILE A . n 
A 1 94  GLN 94  94  94  GLN GLN A . n 
A 1 95  LYS 95  95  95  LYS LYS A . n 
A 1 96  ILE 96  96  96  ILE ILE A . n 
A 1 97  LYS 97  97  97  LYS LYS A . n 
A 1 98  SER 98  98  98  SER SER A . n 
A 1 99  GLY 99  99  99  GLY GLY A . n 
A 1 100 GLU 100 100 100 GLU GLU A . n 
A 1 101 GLU 101 101 101 GLU GLU A . n 
A 1 102 ASP 102 102 102 ASP ASP A . n 
A 1 103 PHE 103 103 103 PHE PHE A . n 
A 1 104 GLU 104 104 104 GLU GLU A . n 
A 1 105 SER 105 105 105 SER SER A . n 
A 1 106 LEU 106 106 106 LEU LEU A . n 
A 1 107 ALA 107 107 107 ALA ALA A . n 
A 1 108 SER 108 108 108 SER SER A . n 
A 1 109 GLN 109 109 109 GLN GLN A . n 
A 1 110 PHE 110 110 110 PHE PHE A . n 
A 1 111 SER 111 111 111 SER SER A . n 
A 1 112 ASP 112 112 112 ASP ASP A . n 
A 1 113 CYS 113 113 113 CYS CYS A . n 
A 1 114 SER 114 114 114 SER SER A . n 
A 1 115 SER 115 115 115 SER SER A . n 
A 1 116 ALA 116 116 116 ALA ALA A . n 
A 1 117 LYS 117 117 117 LYS LYS A . n 
A 1 118 ALA 118 118 118 ALA ALA A . n 
A 1 119 ARG 119 119 119 ARG ARG A . n 
A 1 120 GLY 120 120 120 GLY GLY A . n 
A 1 121 ASP 121 121 121 ASP ASP A . n 
A 1 122 LEU 122 122 122 LEU LEU A . n 
A 1 123 GLY 123 123 123 GLY GLY A . n 
A 1 124 ALA 124 124 124 ALA ALA A . n 
A 1 125 PHE 125 125 125 PHE PHE A . n 
A 1 126 SER 126 126 126 SER SER A . n 
A 1 127 ARG 127 127 127 ARG ARG A . n 
A 1 128 GLY 128 128 128 GLY GLY A . n 
A 1 129 GLN 129 129 129 GLN GLN A . n 
A 1 130 MET 130 130 130 MET MET A . n 
A 1 131 GLN 131 131 131 GLN GLN A . n 
A 1 132 LYS 132 132 132 LYS LYS A . n 
A 1 133 PRO 133 133 133 PRO PRO A . n 
A 1 134 PHE 134 134 134 PHE PHE A . n 
A 1 135 GLU 135 135 135 GLU GLU A . n 
A 1 136 ASP 136 136 136 ASP ASP A . n 
A 1 137 ALA 137 137 137 ALA ALA A . n 
A 1 138 SER 138 138 138 SER SER A . n 
A 1 139 PHE 139 139 139 PHE PHE A . n 
A 1 140 ALA 140 140 140 ALA ALA A . n 
A 1 141 LEU 141 141 141 LEU LEU A . n 
A 1 142 ARG 142 142 142 ARG ARG A . n 
A 1 143 THR 143 143 143 THR THR A . n 
A 1 144 GLY 144 144 144 GLY GLY A . n 
A 1 145 GLU 145 145 145 GLU GLU A . n 
A 1 146 MET 146 146 146 MET MET A . n 
A 1 147 SER 147 147 147 SER SER A . n 
A 1 148 GLY 148 148 148 GLY GLY A . n 
A 1 149 PRO 149 149 149 PRO PRO A . n 
A 1 150 VAL 150 150 150 VAL VAL A . n 
A 1 151 PHE 151 151 151 PHE PHE A . n 
A 1 152 THR 152 152 152 THR THR A . n 
A 1 153 ASP 153 153 153 ASP ASP A . n 
A 1 154 SER 154 154 154 SER SER A . n 
A 1 155 GLY 155 155 155 GLY GLY A . n 
A 1 156 ILE 156 156 156 ILE ILE A . n 
A 1 157 HIS 157 157 157 HIS HIS A . n 
A 1 158 ILE 158 158 158 ILE ILE A . n 
A 1 159 ILE 159 159 159 ILE ILE A . n 
A 1 160 LEU 160 160 160 LEU LEU A . n 
A 1 161 ARG 161 161 161 ARG ARG A . n 
A 1 162 THR 162 162 162 THR THR A . n 
A 1 163 GLU 163 163 163 GLU GLU A . n 
B 2 1   GLN 1   1   1   GLN GLN B . n 
B 2 2   ALA 2   2   2   ALA ALA B . n 
B 2 3   SER 3   3   3   SER SER B . n 
B 2 4   TPO 4   4   4   TPO TPO B . n 
B 2 5   PRO 5   5   5   PRO PRO B . n 
B 2 6   ARG 6   6   6   ARG ARG B . n 
B 2 7   NIT 7   7   7   NIT ZNP B . n 
# 
loop_
_pdbx_nonpoly_scheme.asym_id 
_pdbx_nonpoly_scheme.entity_id 
_pdbx_nonpoly_scheme.mon_id 
_pdbx_nonpoly_scheme.ndb_seq_num 
_pdbx_nonpoly_scheme.pdb_seq_num 
_pdbx_nonpoly_scheme.auth_seq_num 
_pdbx_nonpoly_scheme.pdb_mon_id 
_pdbx_nonpoly_scheme.auth_mon_id 
_pdbx_nonpoly_scheme.pdb_strand_id 
_pdbx_nonpoly_scheme.pdb_ins_code 
C 3 PE4 1  300 300 PE4 PE4 A . 
D 4 SO4 1  301 301 SO4 SO4 A . 
E 4 SO4 1  101 302 SO4 SO4 B . 
F 5 HOH 1  401 89  HOH HOH A . 
F 5 HOH 2  402 81  HOH HOH A . 
F 5 HOH 3  403 61  HOH HOH A . 
F 5 HOH 4  404 29  HOH HOH A . 
F 5 HOH 5  405 83  HOH HOH A . 
F 5 HOH 6  406 42  HOH HOH A . 
F 5 HOH 7  407 33  HOH HOH A . 
F 5 HOH 8  408 9   HOH HOH A . 
F 5 HOH 9  409 24  HOH HOH A . 
F 5 HOH 10 410 76  HOH HOH A . 
F 5 HOH 11 411 71  HOH HOH A . 
F 5 HOH 12 412 55  HOH HOH A . 
F 5 HOH 13 413 20  HOH HOH A . 
F 5 HOH 14 414 95  HOH HOH A . 
F 5 HOH 15 415 16  HOH HOH A . 
F 5 HOH 16 416 15  HOH HOH A . 
F 5 HOH 17 417 8   HOH HOH A . 
F 5 HOH 18 418 3   HOH HOH A . 
F 5 HOH 19 419 50  HOH HOH A . 
F 5 HOH 20 420 34  HOH HOH A . 
F 5 HOH 21 421 25  HOH HOH A . 
F 5 HOH 22 422 28  HOH HOH A . 
F 5 HOH 23 423 32  HOH HOH A . 
F 5 HOH 24 424 23  HOH HOH A . 
F 5 HOH 25 425 1   HOH HOH A . 
F 5 HOH 26 426 56  HOH HOH A . 
F 5 HOH 27 427 5   HOH HOH A . 
F 5 HOH 28 428 6   HOH HOH A . 
F 5 HOH 29 429 14  HOH HOH A . 
F 5 HOH 30 430 41  HOH HOH A . 
F 5 HOH 31 431 36  HOH HOH A . 
F 5 HOH 32 432 59  HOH HOH A . 
F 5 HOH 33 433 10  HOH HOH A . 
F 5 HOH 34 434 40  HOH HOH A . 
F 5 HOH 35 435 37  HOH HOH A . 
F 5 HOH 36 436 27  HOH HOH A . 
F 5 HOH 37 437 7   HOH HOH A . 
F 5 HOH 38 438 38  HOH HOH A . 
F 5 HOH 39 439 21  HOH HOH A . 
F 5 HOH 40 440 17  HOH HOH A . 
F 5 HOH 41 441 43  HOH HOH A . 
F 5 HOH 42 442 22  HOH HOH A . 
F 5 HOH 43 443 53  HOH HOH A . 
F 5 HOH 44 444 74  HOH HOH A . 
F 5 HOH 45 445 87  HOH HOH A . 
F 5 HOH 46 446 52  HOH HOH A . 
F 5 HOH 47 447 64  HOH HOH A . 
F 5 HOH 48 448 19  HOH HOH A . 
F 5 HOH 49 449 84  HOH HOH A . 
F 5 HOH 50 450 93  HOH HOH A . 
F 5 HOH 51 451 62  HOH HOH A . 
F 5 HOH 52 452 35  HOH HOH A . 
F 5 HOH 53 453 18  HOH HOH A . 
F 5 HOH 54 454 72  HOH HOH A . 
F 5 HOH 55 455 45  HOH HOH A . 
F 5 HOH 56 456 26  HOH HOH A . 
F 5 HOH 57 457 12  HOH HOH A . 
F 5 HOH 58 458 80  HOH HOH A . 
F 5 HOH 59 459 70  HOH HOH A . 
F 5 HOH 60 460 51  HOH HOH A . 
F 5 HOH 61 461 13  HOH HOH A . 
F 5 HOH 62 462 31  HOH HOH A . 
F 5 HOH 63 463 47  HOH HOH A . 
F 5 HOH 64 464 79  HOH HOH A . 
F 5 HOH 65 465 11  HOH HOH A . 
F 5 HOH 66 466 66  HOH HOH A . 
F 5 HOH 67 467 39  HOH HOH A . 
F 5 HOH 68 468 75  HOH HOH A . 
F 5 HOH 69 469 30  HOH HOH A . 
F 5 HOH 70 470 88  HOH HOH A . 
F 5 HOH 71 471 77  HOH HOH A . 
F 5 HOH 72 472 69  HOH HOH A . 
F 5 HOH 73 473 63  HOH HOH A . 
F 5 HOH 74 474 58  HOH HOH A . 
F 5 HOH 75 475 49  HOH HOH A . 
F 5 HOH 76 476 60  HOH HOH A . 
F 5 HOH 77 477 57  HOH HOH A . 
F 5 HOH 78 478 96  HOH HOH A . 
F 5 HOH 79 479 82  HOH HOH A . 
G 5 HOH 1  201 4   HOH HOH B . 
# 
loop_
_software.citation_id 
_software.classification 
_software.compiler_name 
_software.compiler_version 
_software.contact_author 
_software.contact_author_email 
_software.date 
_software.description 
_software.dependencies 
_software.hardware 
_software.language 
_software.location 
_software.mods 
_software.name 
_software.os 
_software.os_version 
_software.type 
_software.version 
_software.pdbx_ordinal 
? refinement       ? ? ? ? ? ? ? ? ? ? ? REFMAC   ? ? ? 5.8.0049 1 
? 'data reduction' ? ? ? ? ? ? ? ? ? ? ? HKL-2000 ? ? ? HKL2000  2 
? 'data scaling'   ? ? ? ? ? ? ? ? ? ? ? HKL-2000 ? ? ? HKL2000  3 
? phasing          ? ? ? ? ? ? ? ? ? ? ? PHASER   ? ? ? .        4 
# 
_cell.angle_alpha                  90.00 
_cell.angle_alpha_esd              ? 
_cell.angle_beta                   90.00 
_cell.angle_beta_esd               ? 
_cell.angle_gamma                  120.00 
_cell.angle_gamma_esd              ? 
_cell.entry_id                     5UY9 
_cell.details                      ? 
_cell.formula_units_Z              ? 
_cell.length_a                     68.534 
_cell.length_a_esd                 ? 
_cell.length_b                     68.534 
_cell.length_b_esd                 ? 
_cell.length_c                     79.640 
_cell.length_c_esd                 ? 
_cell.volume                       ? 
_cell.volume_esd                   ? 
_cell.Z_PDB                        6 
_cell.reciprocal_angle_alpha       ? 
_cell.reciprocal_angle_beta        ? 
_cell.reciprocal_angle_gamma       ? 
_cell.reciprocal_angle_alpha_esd   ? 
_cell.reciprocal_angle_beta_esd    ? 
_cell.reciprocal_angle_gamma_esd   ? 
_cell.reciprocal_length_a          ? 
_cell.reciprocal_length_b          ? 
_cell.reciprocal_length_c          ? 
_cell.reciprocal_length_a_esd      ? 
_cell.reciprocal_length_b_esd      ? 
_cell.reciprocal_length_c_esd      ? 
_cell.pdbx_unique_axis             ? 
# 
_symmetry.entry_id                         5UY9 
_symmetry.cell_setting                     ? 
_symmetry.Int_Tables_number                152 
_symmetry.space_group_name_Hall            ? 
_symmetry.space_group_name_H-M             'P 31 2 1' 
_symmetry.pdbx_full_space_group_name_H-M   ? 
# 
_exptl.absorpt_coefficient_mu     ? 
_exptl.absorpt_correction_T_max   ? 
_exptl.absorpt_correction_T_min   ? 
_exptl.absorpt_correction_type    ? 
_exptl.absorpt_process_details    ? 
_exptl.entry_id                   5UY9 
_exptl.crystals_number            1 
_exptl.details                    ? 
_exptl.method                     'X-RAY DIFFRACTION' 
_exptl.method_details             ? 
# 
_exptl_crystal.colour                      ? 
_exptl_crystal.density_diffrn              ? 
_exptl_crystal.density_Matthews            2.76 
_exptl_crystal.density_method              ? 
_exptl_crystal.density_percent_sol         55.49 
_exptl_crystal.description                 ? 
_exptl_crystal.F_000                       ? 
_exptl_crystal.id                          1 
_exptl_crystal.preparation                 ? 
_exptl_crystal.size_max                    ? 
_exptl_crystal.size_mid                    ? 
_exptl_crystal.size_min                    ? 
_exptl_crystal.size_rad                    ? 
_exptl_crystal.colour_lustre               ? 
_exptl_crystal.colour_modifier             ? 
_exptl_crystal.colour_primary              ? 
_exptl_crystal.density_meas                ? 
_exptl_crystal.density_meas_esd            ? 
_exptl_crystal.density_meas_gt             ? 
_exptl_crystal.density_meas_lt             ? 
_exptl_crystal.density_meas_temp           ? 
_exptl_crystal.density_meas_temp_esd       ? 
_exptl_crystal.density_meas_temp_gt        ? 
_exptl_crystal.density_meas_temp_lt        ? 
_exptl_crystal.pdbx_crystal_image_url      ? 
_exptl_crystal.pdbx_crystal_image_format   ? 
_exptl_crystal.pdbx_mosaicity              ? 
_exptl_crystal.pdbx_mosaicity_esd          ? 
# 
_exptl_crystal_grow.apparatus       ? 
_exptl_crystal_grow.atmosphere      ? 
_exptl_crystal_grow.crystal_id      1 
_exptl_crystal_grow.details         ? 
_exptl_crystal_grow.method          'VAPOR DIFFUSION, HANGING DROP' 
_exptl_crystal_grow.method_ref      ? 
_exptl_crystal_grow.pH              ? 
_exptl_crystal_grow.pressure        ? 
_exptl_crystal_grow.pressure_esd    ? 
_exptl_crystal_grow.seeding         ? 
_exptl_crystal_grow.seeding_ref     ? 
_exptl_crystal_grow.temp            277 
_exptl_crystal_grow.temp_details    ? 
_exptl_crystal_grow.temp_esd        ? 
_exptl_crystal_grow.time            ? 
_exptl_crystal_grow.pdbx_details    '140 mM NaCl, 2.7 mM KCl, 10 mM Na2HPO4 , 1.8 mM KH2PO4, PH 7.3' 
_exptl_crystal_grow.pdbx_pH_range   ? 
# 
_diffrn.ambient_environment    ? 
_diffrn.ambient_temp           77.1 
_diffrn.ambient_temp_details   ? 
_diffrn.ambient_temp_esd       ? 
_diffrn.crystal_id             1 
_diffrn.crystal_support        ? 
_diffrn.crystal_treatment      ? 
_diffrn.details                ? 
_diffrn.id                     1 
_diffrn.ambient_pressure       ? 
_diffrn.ambient_pressure_esd   ? 
_diffrn.ambient_pressure_gt    ? 
_diffrn.ambient_pressure_lt    ? 
_diffrn.ambient_temp_gt        ? 
_diffrn.ambient_temp_lt        ? 
# 
_diffrn_detector.details                      ? 
_diffrn_detector.detector                     CCD 
_diffrn_detector.diffrn_id                    1 
_diffrn_detector.type                         'MARMOSAIC 225 mm CCD' 
_diffrn_detector.area_resol_mean              ? 
_diffrn_detector.dtime                        ? 
_diffrn_detector.pdbx_frames_total            ? 
_diffrn_detector.pdbx_collection_time_total   ? 
_diffrn_detector.pdbx_collection_date         2016-04-06 
# 
_diffrn_radiation.collimation                      ? 
_diffrn_radiation.diffrn_id                        1 
_diffrn_radiation.filter_edge                      ? 
_diffrn_radiation.inhomogeneity                    ? 
_diffrn_radiation.monochromator                    ? 
_diffrn_radiation.polarisn_norm                    ? 
_diffrn_radiation.polarisn_ratio                   ? 
_diffrn_radiation.probe                            ? 
_diffrn_radiation.type                             ? 
_diffrn_radiation.xray_symbol                      ? 
_diffrn_radiation.wavelength_id                    1 
_diffrn_radiation.pdbx_monochromatic_or_laue_m_l   M 
_diffrn_radiation.pdbx_wavelength_list             ? 
_diffrn_radiation.pdbx_wavelength                  ? 
_diffrn_radiation.pdbx_diffrn_protocol             'SINGLE WAVELENGTH' 
_diffrn_radiation.pdbx_analyzer                    ? 
_diffrn_radiation.pdbx_scattering_type             x-ray 
# 
_diffrn_radiation_wavelength.id           1 
_diffrn_radiation_wavelength.wavelength   0.97872 
_diffrn_radiation_wavelength.wt           1.0 
# 
_diffrn_source.current                     ? 
_diffrn_source.details                     ? 
_diffrn_source.diffrn_id                   1 
_diffrn_source.power                       ? 
_diffrn_source.size                        ? 
_diffrn_source.source                      SYNCHROTRON 
_diffrn_source.target                      ? 
_diffrn_source.type                        'APS BEAMLINE 21-ID-F' 
_diffrn_source.voltage                     ? 
_diffrn_source.take-off_angle              ? 
_diffrn_source.pdbx_wavelength_list        0.97872 
_diffrn_source.pdbx_wavelength             ? 
_diffrn_source.pdbx_synchrotron_beamline   21-ID-F 
_diffrn_source.pdbx_synchrotron_site       APS 
# 
_reflns.B_iso_Wilson_estimate            ? 
_reflns.entry_id                         5UY9 
_reflns.data_reduction_details           ? 
_reflns.data_reduction_method            ? 
_reflns.d_resolution_high                1.85 
_reflns.d_resolution_low                 33.07 
_reflns.details                          ? 
_reflns.limit_h_max                      ? 
_reflns.limit_h_min                      ? 
_reflns.limit_k_max                      ? 
_reflns.limit_k_min                      ? 
_reflns.limit_l_max                      ? 
_reflns.limit_l_min                      ? 
_reflns.number_all                       ? 
_reflns.number_obs                       17865 
_reflns.observed_criterion               ? 
_reflns.observed_criterion_F_max         ? 
_reflns.observed_criterion_F_min         ? 
_reflns.observed_criterion_I_max         ? 
_reflns.observed_criterion_I_min         ? 
_reflns.observed_criterion_sigma_F       ? 
_reflns.observed_criterion_sigma_I       ? 
_reflns.percent_possible_obs             96.9 
_reflns.R_free_details                   ? 
_reflns.Rmerge_F_all                     ? 
_reflns.Rmerge_F_obs                     ? 
_reflns.Friedel_coverage                 ? 
_reflns.number_gt                        ? 
_reflns.threshold_expression             ? 
_reflns.pdbx_redundancy                  9 
_reflns.pdbx_Rmerge_I_obs                ? 
_reflns.pdbx_Rmerge_I_all                ? 
_reflns.pdbx_Rsym_value                  ? 
_reflns.pdbx_netI_over_av_sigmaI         ? 
_reflns.pdbx_netI_over_sigmaI            5.48 
_reflns.pdbx_res_netI_over_av_sigmaI_2   ? 
_reflns.pdbx_res_netI_over_sigmaI_2      ? 
_reflns.pdbx_chi_squared                 ? 
_reflns.pdbx_scaling_rejects             ? 
_reflns.pdbx_d_res_high_opt              ? 
_reflns.pdbx_d_res_low_opt               ? 
_reflns.pdbx_d_res_opt_method            ? 
_reflns.phase_calculation_details        ? 
_reflns.pdbx_Rrim_I_all                  ? 
_reflns.pdbx_Rpim_I_all                  ? 
_reflns.pdbx_d_opt                       ? 
_reflns.pdbx_number_measured_all         ? 
_reflns.pdbx_diffrn_id                   1 
_reflns.pdbx_ordinal                     1 
_reflns.pdbx_CC_half                     ? 
_reflns.pdbx_R_split                     ? 
# 
_reflns_shell.d_res_high                  . 
_reflns_shell.d_res_low                   ? 
_reflns_shell.meanI_over_sigI_all         ? 
_reflns_shell.meanI_over_sigI_obs         ? 
_reflns_shell.number_measured_all         ? 
_reflns_shell.number_measured_obs         ? 
_reflns_shell.number_possible             ? 
_reflns_shell.number_unique_all           ? 
_reflns_shell.number_unique_obs           ? 
_reflns_shell.percent_possible_all        ? 
_reflns_shell.percent_possible_obs        ? 
_reflns_shell.Rmerge_F_all                ? 
_reflns_shell.Rmerge_F_obs                ? 
_reflns_shell.Rmerge_I_all                ? 
_reflns_shell.Rmerge_I_obs                ? 
_reflns_shell.meanI_over_sigI_gt          ? 
_reflns_shell.meanI_over_uI_all           ? 
_reflns_shell.meanI_over_uI_gt            ? 
_reflns_shell.number_measured_gt          ? 
_reflns_shell.number_unique_gt            ? 
_reflns_shell.percent_possible_gt         ? 
_reflns_shell.Rmerge_F_gt                 ? 
_reflns_shell.Rmerge_I_gt                 ? 
_reflns_shell.pdbx_redundancy             ? 
_reflns_shell.pdbx_Rsym_value             ? 
_reflns_shell.pdbx_chi_squared            ? 
_reflns_shell.pdbx_netI_over_sigmaI_all   ? 
_reflns_shell.pdbx_netI_over_sigmaI_obs   ? 
_reflns_shell.pdbx_Rrim_I_all             ? 
_reflns_shell.pdbx_Rpim_I_all             ? 
_reflns_shell.pdbx_rejects                ? 
_reflns_shell.pdbx_ordinal                1 
_reflns_shell.pdbx_diffrn_id              1 
_reflns_shell.pdbx_CC_half                ? 
_reflns_shell.pdbx_R_split                ? 
# 
_refine.aniso_B[1][1]                            -1.05 
_refine.aniso_B[1][2]                            -0.53 
_refine.aniso_B[1][3]                            -0.00 
_refine.aniso_B[2][2]                            -1.05 
_refine.aniso_B[2][3]                            0.00 
_refine.aniso_B[3][3]                            3.42 
_refine.B_iso_max                                ? 
_refine.B_iso_mean                               42.425 
_refine.B_iso_min                                ? 
_refine.correlation_coeff_Fo_to_Fc               0.947 
_refine.correlation_coeff_Fo_to_Fc_free          0.914 
_refine.details                                  'HYDROGENS HAVE BEEN ADDED IN THE RIDING POSITIONS' 
_refine.diff_density_max                         ? 
_refine.diff_density_max_esd                     ? 
_refine.diff_density_min                         ? 
_refine.diff_density_min_esd                     ? 
_refine.diff_density_rms                         ? 
_refine.diff_density_rms_esd                     ? 
_refine.entry_id                                 5UY9 
_refine.pdbx_refine_id                           'X-RAY DIFFRACTION' 
_refine.ls_abs_structure_details                 ? 
_refine.ls_abs_structure_Flack                   ? 
_refine.ls_abs_structure_Flack_esd               ? 
_refine.ls_abs_structure_Rogers                  ? 
_refine.ls_abs_structure_Rogers_esd              ? 
_refine.ls_d_res_high                            1.85 
_refine.ls_d_res_low                             33.07 
_refine.ls_extinction_coef                       ? 
_refine.ls_extinction_coef_esd                   ? 
_refine.ls_extinction_expression                 ? 
_refine.ls_extinction_method                     ? 
_refine.ls_goodness_of_fit_all                   ? 
_refine.ls_goodness_of_fit_all_esd               ? 
_refine.ls_goodness_of_fit_obs                   ? 
_refine.ls_goodness_of_fit_obs_esd               ? 
_refine.ls_hydrogen_treatment                    ? 
_refine.ls_matrix_type                           ? 
_refine.ls_number_constraints                    ? 
_refine.ls_number_parameters                     ? 
_refine.ls_number_reflns_all                     ? 
_refine.ls_number_reflns_obs                     16929 
_refine.ls_number_reflns_R_free                  905 
_refine.ls_number_reflns_R_work                  ? 
_refine.ls_number_restraints                     ? 
_refine.ls_percent_reflns_obs                    94.03 
_refine.ls_percent_reflns_R_free                 5.1 
_refine.ls_R_factor_all                          ? 
_refine.ls_R_factor_obs                          0.23510 
_refine.ls_R_factor_R_free                       0.29078 
_refine.ls_R_factor_R_free_error                 ? 
_refine.ls_R_factor_R_free_error_details         ? 
_refine.ls_R_factor_R_work                       0.23229 
_refine.ls_R_Fsqd_factor_obs                     ? 
_refine.ls_R_I_factor_obs                        ? 
_refine.ls_redundancy_reflns_all                 ? 
_refine.ls_redundancy_reflns_obs                 ? 
_refine.ls_restrained_S_all                      ? 
_refine.ls_restrained_S_obs                      ? 
_refine.ls_shift_over_esd_max                    ? 
_refine.ls_shift_over_esd_mean                   ? 
_refine.ls_structure_factor_coef                 ? 
_refine.ls_weighting_details                     ? 
_refine.ls_weighting_scheme                      ? 
_refine.ls_wR_factor_all                         ? 
_refine.ls_wR_factor_obs                         ? 
_refine.ls_wR_factor_R_free                      ? 
_refine.ls_wR_factor_R_work                      ? 
_refine.occupancy_max                            ? 
_refine.occupancy_min                            ? 
_refine.solvent_model_details                    ? 
_refine.solvent_model_param_bsol                 ? 
_refine.solvent_model_param_ksol                 ? 
_refine.ls_R_factor_gt                           ? 
_refine.ls_goodness_of_fit_gt                    ? 
_refine.ls_goodness_of_fit_ref                   ? 
_refine.ls_shift_over_su_max                     ? 
_refine.ls_shift_over_su_max_lt                  ? 
_refine.ls_shift_over_su_mean                    ? 
_refine.ls_shift_over_su_mean_lt                 ? 
_refine.pdbx_ls_sigma_I                          ? 
_refine.pdbx_ls_sigma_F                          ? 
_refine.pdbx_ls_sigma_Fsqd                       ? 
_refine.pdbx_data_cutoff_high_absF               ? 
_refine.pdbx_data_cutoff_high_rms_absF           ? 
_refine.pdbx_data_cutoff_low_absF                ? 
_refine.pdbx_isotropic_thermal_model             ? 
_refine.pdbx_ls_cross_valid_method               THROUGHOUT 
_refine.pdbx_method_to_determine_struct          'MOLECULAR REPLACEMENT' 
_refine.pdbx_starting_model                      ? 
_refine.pdbx_stereochemistry_target_values       ? 
_refine.pdbx_R_Free_selection_details            RANDOM 
_refine.pdbx_stereochem_target_val_spec_case     ? 
_refine.pdbx_overall_ESU_R                       0.125 
_refine.pdbx_overall_ESU_R_Free                  0.157 
_refine.pdbx_solvent_vdw_probe_radii             1.20 
_refine.pdbx_solvent_ion_probe_radii             0.80 
_refine.pdbx_solvent_shrinkage_radii             0.80 
_refine.pdbx_real_space_R                        ? 
_refine.pdbx_density_correlation                 ? 
_refine.pdbx_pd_number_of_powder_patterns        ? 
_refine.pdbx_pd_number_of_points                 ? 
_refine.pdbx_pd_meas_number_of_points            ? 
_refine.pdbx_pd_proc_ls_prof_R_factor            ? 
_refine.pdbx_pd_proc_ls_prof_wR_factor           ? 
_refine.pdbx_pd_Marquardt_correlation_coeff      ? 
_refine.pdbx_pd_Fsqrd_R_factor                   ? 
_refine.pdbx_pd_ls_matrix_band_width             ? 
_refine.pdbx_overall_phase_error                 ? 
_refine.pdbx_overall_SU_R_free_Cruickshank_DPI   ? 
_refine.pdbx_overall_SU_R_free_Blow_DPI          ? 
_refine.pdbx_overall_SU_R_Blow_DPI               ? 
_refine.pdbx_TLS_residual_ADP_flag               ? 
_refine.pdbx_diffrn_id                           1 
_refine.overall_SU_B                             0.007 
_refine.overall_SU_ML                            0.000 
_refine.overall_SU_R_Cruickshank_DPI             ? 
_refine.overall_SU_R_free                        ? 
_refine.overall_FOM_free_R_set                   ? 
_refine.overall_FOM_work_R_set                   ? 
_refine.pdbx_average_fsc_overall                 ? 
_refine.pdbx_average_fsc_work                    ? 
_refine.pdbx_average_fsc_free                    ? 
# 
_refine_hist.pdbx_refine_id                   'X-RAY DIFFRACTION' 
_refine_hist.cycle_id                         1 
_refine_hist.pdbx_number_atoms_protein        1257 
_refine_hist.pdbx_number_atoms_nucleic_acid   0 
_refine_hist.pdbx_number_atoms_ligand         0 
_refine_hist.number_atoms_solvent             80 
_refine_hist.number_atoms_total               1337 
_refine_hist.d_res_high                       1.85 
_refine_hist.d_res_low                        33.07 
# 
_refine_ls_shell.pdbx_refine_id                   'X-RAY DIFFRACTION' 
_refine_ls_shell.d_res_high                       1.849 
_refine_ls_shell.d_res_low                        1.896 
_refine_ls_shell.number_reflns_all                ? 
_refine_ls_shell.number_reflns_obs                ? 
_refine_ls_shell.number_reflns_R_free             82 
_refine_ls_shell.number_reflns_R_work             1228 
_refine_ls_shell.percent_reflns_obs               96.82 
_refine_ls_shell.percent_reflns_R_free            ? 
_refine_ls_shell.R_factor_all                     ? 
_refine_ls_shell.R_factor_obs                     ? 
_refine_ls_shell.R_factor_R_free                  0.394 
_refine_ls_shell.R_factor_R_free_error            ? 
_refine_ls_shell.R_factor_R_work                  0.390 
_refine_ls_shell.redundancy_reflns_all            ? 
_refine_ls_shell.redundancy_reflns_obs            ? 
_refine_ls_shell.wR_factor_all                    ? 
_refine_ls_shell.wR_factor_obs                    ? 
_refine_ls_shell.wR_factor_R_free                 ? 
_refine_ls_shell.wR_factor_R_work                 ? 
_refine_ls_shell.pdbx_total_number_of_bins_used   20 
_refine_ls_shell.pdbx_phase_error                 ? 
_refine_ls_shell.pdbx_fsc_work                    ? 
_refine_ls_shell.pdbx_fsc_free                    ? 
# 
_struct.entry_id                     5UY9 
_struct.title                        'Prolyl isomerase Pin1 R14A mutant bound with Brd4 peptide' 
_struct.pdbx_model_details           ? 
_struct.pdbx_formula_weight          ? 
_struct.pdbx_formula_weight_method   ? 
_struct.pdbx_model_type_details      ? 
_struct.pdbx_CASP_flag               N 
# 
_struct_keywords.entry_id        5UY9 
_struct_keywords.text            ISOMERASE 
_struct_keywords.pdbx_keywords   ISOMERASE 
# 
loop_
_struct_asym.id 
_struct_asym.pdbx_blank_PDB_chainid_flag 
_struct_asym.pdbx_modified 
_struct_asym.entity_id 
_struct_asym.details 
A N N 1 ? 
B N N 2 ? 
C N N 3 ? 
D N N 4 ? 
E N N 4 ? 
F N N 5 ? 
G N N 5 ? 
# 
loop_
_struct_ref.id 
_struct_ref.db_name 
_struct_ref.db_code 
_struct_ref.pdbx_db_accession 
_struct_ref.pdbx_db_isoform 
_struct_ref.entity_id 
_struct_ref.pdbx_seq_one_letter_code 
_struct_ref.pdbx_align_begin 
1 UNP PIN1_HUMAN Q13526 ? 1 
;MADEEKLPPGWEKRMSRSSGRVYYFNHITNASQWERPSGNSSSGGKNGQGEPARVRCSHLLVKHSQSRRPSSWRQEKITR
TKEEALELINGYIQKIKSGEEDFESLASQFSDCSSAKARGDLGAFSRGQMQKPFEDASFALRTGEMSGPVFTDSGIHIIL
RTE
;
1 
2 PDB 5UY9       5UY9   ? 2 ? 1 
# 
loop_
_struct_ref_seq.align_id 
_struct_ref_seq.ref_id 
_struct_ref_seq.pdbx_PDB_id_code 
_struct_ref_seq.pdbx_strand_id 
_struct_ref_seq.seq_align_beg 
_struct_ref_seq.pdbx_seq_align_beg_ins_code 
_struct_ref_seq.seq_align_end 
_struct_ref_seq.pdbx_seq_align_end_ins_code 
_struct_ref_seq.pdbx_db_accession 
_struct_ref_seq.db_align_beg 
_struct_ref_seq.pdbx_db_align_beg_ins_code 
_struct_ref_seq.db_align_end 
_struct_ref_seq.pdbx_db_align_end_ins_code 
_struct_ref_seq.pdbx_auth_seq_align_beg 
_struct_ref_seq.pdbx_auth_seq_align_end 
1 1 5UY9 A 1 ? 163 ? Q13526 1 ? 163 ? 1 163 
2 2 5UY9 B 1 ? 7   ? 5UY9   1 ? 7   ? 1 7   
# 
_struct_ref_seq_dif.align_id                     1 
_struct_ref_seq_dif.pdbx_pdb_id_code             5UY9 
_struct_ref_seq_dif.mon_id                       ALA 
_struct_ref_seq_dif.pdbx_pdb_strand_id           A 
_struct_ref_seq_dif.seq_num                      14 
_struct_ref_seq_dif.pdbx_pdb_ins_code            ? 
_struct_ref_seq_dif.pdbx_seq_db_name             UNP 
_struct_ref_seq_dif.pdbx_seq_db_accession_code   Q13526 
_struct_ref_seq_dif.db_mon_id                    ARG 
_struct_ref_seq_dif.pdbx_seq_db_seq_num          14 
_struct_ref_seq_dif.details                      'engineered mutation' 
_struct_ref_seq_dif.pdbx_auth_seq_num            14 
_struct_ref_seq_dif.pdbx_ordinal                 1 
# 
_pdbx_struct_assembly.id                   1 
_pdbx_struct_assembly.details              author_and_software_defined_assembly 
_pdbx_struct_assembly.method_details       PISA 
_pdbx_struct_assembly.oligomeric_details   dimeric 
_pdbx_struct_assembly.oligomeric_count     2 
# 
loop_
_pdbx_struct_assembly_prop.biol_id 
_pdbx_struct_assembly_prop.type 
_pdbx_struct_assembly_prop.value 
_pdbx_struct_assembly_prop.details 
1 'ABSA (A^2)' 2110 ? 
1 MORE         -26  ? 
1 'SSA (A^2)'  8430 ? 
# 
_pdbx_struct_assembly_gen.assembly_id       1 
_pdbx_struct_assembly_gen.oper_expression   1 
_pdbx_struct_assembly_gen.asym_id_list      A,B,C,D,E,F,G 
# 
_pdbx_struct_assembly_auth_evidence.id                     1 
_pdbx_struct_assembly_auth_evidence.assembly_id            1 
_pdbx_struct_assembly_auth_evidence.experimental_support   'assay for oligomerization' 
_pdbx_struct_assembly_auth_evidence.details                ? 
# 
_pdbx_struct_oper_list.id                   1 
_pdbx_struct_oper_list.type                 'identity operation' 
_pdbx_struct_oper_list.name                 1_555 
_pdbx_struct_oper_list.symmetry_operation   x,y,z 
_pdbx_struct_oper_list.matrix[1][1]         1.0000000000 
_pdbx_struct_oper_list.matrix[1][2]         0.0000000000 
_pdbx_struct_oper_list.matrix[1][3]         0.0000000000 
_pdbx_struct_oper_list.vector[1]            0.0000000000 
_pdbx_struct_oper_list.matrix[2][1]         0.0000000000 
_pdbx_struct_oper_list.matrix[2][2]         1.0000000000 
_pdbx_struct_oper_list.matrix[2][3]         0.0000000000 
_pdbx_struct_oper_list.vector[2]            0.0000000000 
_pdbx_struct_oper_list.matrix[3][1]         0.0000000000 
_pdbx_struct_oper_list.matrix[3][2]         0.0000000000 
_pdbx_struct_oper_list.matrix[3][3]         1.0000000000 
_pdbx_struct_oper_list.vector[3]            0.0000000000 
# 
loop_
_struct_conf.conf_type_id 
_struct_conf.id 
_struct_conf.pdbx_PDB_helix_id 
_struct_conf.beg_label_comp_id 
_struct_conf.beg_label_asym_id 
_struct_conf.beg_label_seq_id 
_struct_conf.pdbx_beg_PDB_ins_code 
_struct_conf.end_label_comp_id 
_struct_conf.end_label_asym_id 
_struct_conf.end_label_seq_id 
_struct_conf.pdbx_end_PDB_ins_code 
_struct_conf.beg_auth_comp_id 
_struct_conf.beg_auth_asym_id 
_struct_conf.beg_auth_seq_id 
_struct_conf.end_auth_comp_id 
_struct_conf.end_auth_asym_id 
_struct_conf.end_auth_seq_id 
_struct_conf.pdbx_PDB_helix_class 
_struct_conf.details 
_struct_conf.pdbx_PDB_helix_length 
HELX_P HELX_P1 AA1 THR A 81  ? SER A 98  ? THR A 81  SER A 98  1 ? 18 
HELX_P HELX_P2 AA2 ASP A 102 ? SER A 111 ? ASP A 102 SER A 111 1 ? 10 
HELX_P HELX_P3 AA3 CYS A 113 ? ARG A 119 ? CYS A 113 ARG A 119 5 ? 7  
HELX_P HELX_P4 AA4 GLN A 131 ? LEU A 141 ? GLN A 131 LEU A 141 1 ? 11 
# 
_struct_conf_type.id          HELX_P 
_struct_conf_type.criteria    ? 
_struct_conf_type.reference   ? 
# 
loop_
_struct_conn.id 
_struct_conn.conn_type_id 
_struct_conn.pdbx_leaving_atom_flag 
_struct_conn.pdbx_PDB_id 
_struct_conn.ptnr1_label_asym_id 
_struct_conn.ptnr1_label_comp_id 
_struct_conn.ptnr1_label_seq_id 
_struct_conn.ptnr1_label_atom_id 
_struct_conn.pdbx_ptnr1_label_alt_id 
_struct_conn.pdbx_ptnr1_PDB_ins_code 
_struct_conn.pdbx_ptnr1_standard_comp_id 
_struct_conn.ptnr1_symmetry 
_struct_conn.ptnr2_label_asym_id 
_struct_conn.ptnr2_label_comp_id 
_struct_conn.ptnr2_label_seq_id 
_struct_conn.ptnr2_label_atom_id 
_struct_conn.pdbx_ptnr2_label_alt_id 
_struct_conn.pdbx_ptnr2_PDB_ins_code 
_struct_conn.ptnr1_auth_asym_id 
_struct_conn.ptnr1_auth_comp_id 
_struct_conn.ptnr1_auth_seq_id 
_struct_conn.ptnr2_auth_asym_id 
_struct_conn.ptnr2_auth_comp_id 
_struct_conn.ptnr2_auth_seq_id 
_struct_conn.ptnr2_symmetry 
_struct_conn.pdbx_ptnr3_label_atom_id 
_struct_conn.pdbx_ptnr3_label_seq_id 
_struct_conn.pdbx_ptnr3_label_comp_id 
_struct_conn.pdbx_ptnr3_label_asym_id 
_struct_conn.pdbx_ptnr3_label_alt_id 
_struct_conn.pdbx_ptnr3_PDB_ins_code 
_struct_conn.details 
_struct_conn.pdbx_dist_value 
_struct_conn.pdbx_value_order 
_struct_conn.pdbx_role 
covale1 covale both ? B SER 3 C ? ? ? 1_555 B TPO 4 N  ? ? B SER 3 B TPO 4 1_555 ? ? ? ? ? ? ? 1.337 ? ? 
covale2 covale both ? B TPO 4 C ? ? ? 1_555 B PRO 5 N  ? ? B TPO 4 B PRO 5 1_555 ? ? ? ? ? ? ? 1.363 ? ? 
covale3 covale both ? B ARG 6 C ? ? ? 1_555 B NIT 7 N1 ? ? B ARG 6 B NIT 7 1_555 ? ? ? ? ? ? ? 1.510 ? ? 
# 
_struct_conn_type.id          covale 
_struct_conn_type.criteria    ? 
_struct_conn_type.reference   ? 
# 
loop_
_pdbx_modification_feature.ordinal 
_pdbx_modification_feature.label_comp_id 
_pdbx_modification_feature.label_asym_id 
_pdbx_modification_feature.label_seq_id 
_pdbx_modification_feature.label_alt_id 
_pdbx_modification_feature.modified_residue_label_comp_id 
_pdbx_modification_feature.modified_residue_label_asym_id 
_pdbx_modification_feature.modified_residue_label_seq_id 
_pdbx_modification_feature.modified_residue_label_alt_id 
_pdbx_modification_feature.auth_comp_id 
_pdbx_modification_feature.auth_asym_id 
_pdbx_modification_feature.auth_seq_id 
_pdbx_modification_feature.PDB_ins_code 
_pdbx_modification_feature.symmetry 
_pdbx_modification_feature.modified_residue_auth_comp_id 
_pdbx_modification_feature.modified_residue_auth_asym_id 
_pdbx_modification_feature.modified_residue_auth_seq_id 
_pdbx_modification_feature.modified_residue_PDB_ins_code 
_pdbx_modification_feature.modified_residue_symmetry 
_pdbx_modification_feature.comp_id_linking_atom 
_pdbx_modification_feature.modified_residue_id_linking_atom 
_pdbx_modification_feature.modified_residue_id 
_pdbx_modification_feature.ref_pcm_id 
_pdbx_modification_feature.ref_comp_id 
_pdbx_modification_feature.type 
_pdbx_modification_feature.category 
1 TPO B 4 ? . . . . TPO B 4 ? 1_555 . . . . . . . THR 1 TPO Phosphorylation 'Named protein modification' 
2 NIT B 7 ? . . . . NIT B 7 ? 1_555 . . . . . . . ?   1 NIT None            'Non-standard residue'       
# 
loop_
_struct_sheet.id 
_struct_sheet.type 
_struct_sheet.number_strands 
_struct_sheet.details 
AA1 ? 3 ? 
AA2 ? 4 ? 
# 
loop_
_struct_sheet_order.sheet_id 
_struct_sheet_order.range_id_1 
_struct_sheet_order.range_id_2 
_struct_sheet_order.offset 
_struct_sheet_order.sense 
AA1 1 2 ? anti-parallel 
AA1 2 3 ? anti-parallel 
AA2 1 2 ? anti-parallel 
AA2 2 3 ? anti-parallel 
AA2 3 4 ? anti-parallel 
# 
loop_
_struct_sheet_range.sheet_id 
_struct_sheet_range.id 
_struct_sheet_range.beg_label_comp_id 
_struct_sheet_range.beg_label_asym_id 
_struct_sheet_range.beg_label_seq_id 
_struct_sheet_range.pdbx_beg_PDB_ins_code 
_struct_sheet_range.end_label_comp_id 
_struct_sheet_range.end_label_asym_id 
_struct_sheet_range.end_label_seq_id 
_struct_sheet_range.pdbx_end_PDB_ins_code 
_struct_sheet_range.beg_auth_comp_id 
_struct_sheet_range.beg_auth_asym_id 
_struct_sheet_range.beg_auth_seq_id 
_struct_sheet_range.end_auth_comp_id 
_struct_sheet_range.end_auth_asym_id 
_struct_sheet_range.end_auth_seq_id 
AA1 1 TRP A 11  ? MET A 15  ? TRP A 11  MET A 15  
AA1 2 VAL A 22  ? ASN A 26  ? VAL A 22  ASN A 26  
AA1 3 SER A 32  ? GLN A 33  ? SER A 32  GLN A 33  
AA2 1 ASP A 121 ? SER A 126 ? ASP A 121 SER A 126 
AA2 2 ARG A 54  ? VAL A 62  ? ARG A 54  VAL A 62  
AA2 3 GLY A 155 ? ARG A 161 ? GLY A 155 ARG A 161 
AA2 4 VAL A 150 ? THR A 152 ? VAL A 150 THR A 152 
# 
loop_
_pdbx_struct_sheet_hbond.sheet_id 
_pdbx_struct_sheet_hbond.range_id_1 
_pdbx_struct_sheet_hbond.range_id_2 
_pdbx_struct_sheet_hbond.range_1_label_atom_id 
_pdbx_struct_sheet_hbond.range_1_label_comp_id 
_pdbx_struct_sheet_hbond.range_1_label_asym_id 
_pdbx_struct_sheet_hbond.range_1_label_seq_id 
_pdbx_struct_sheet_hbond.range_1_PDB_ins_code 
_pdbx_struct_sheet_hbond.range_1_auth_atom_id 
_pdbx_struct_sheet_hbond.range_1_auth_comp_id 
_pdbx_struct_sheet_hbond.range_1_auth_asym_id 
_pdbx_struct_sheet_hbond.range_1_auth_seq_id 
_pdbx_struct_sheet_hbond.range_2_label_atom_id 
_pdbx_struct_sheet_hbond.range_2_label_comp_id 
_pdbx_struct_sheet_hbond.range_2_label_asym_id 
_pdbx_struct_sheet_hbond.range_2_label_seq_id 
_pdbx_struct_sheet_hbond.range_2_PDB_ins_code 
_pdbx_struct_sheet_hbond.range_2_auth_atom_id 
_pdbx_struct_sheet_hbond.range_2_auth_comp_id 
_pdbx_struct_sheet_hbond.range_2_auth_asym_id 
_pdbx_struct_sheet_hbond.range_2_auth_seq_id 
AA1 1 2 N ALA A 14  ? N ALA A 14  O TYR A 23  ? O TYR A 23  
AA1 2 3 N TYR A 24  ? N TYR A 24  O GLN A 33  ? O GLN A 33  
AA2 1 2 O LEU A 122 ? O LEU A 122 N CYS A 57  ? N CYS A 57  
AA2 2 3 N VAL A 62  ? N VAL A 62  O ILE A 156 ? O ILE A 156 
AA2 3 4 O HIS A 157 ? O HIS A 157 N VAL A 150 ? N VAL A 150 
# 
loop_
_struct_site.id 
_struct_site.pdbx_evidence_code 
_struct_site.pdbx_auth_asym_id 
_struct_site.pdbx_auth_comp_id 
_struct_site.pdbx_auth_seq_id 
_struct_site.pdbx_auth_ins_code 
_struct_site.pdbx_num_residues 
_struct_site.details 
AC1 Software A PE4 300 ? 12 'binding site for residue PE4 A 300' 
AC2 Software A SO4 301 ? 6  'binding site for residue SO4 A 301' 
AC3 Software B SO4 101 ? 1  'binding site for residue SO4 B 101' 
# 
loop_
_struct_site_gen.id 
_struct_site_gen.site_id 
_struct_site_gen.pdbx_num_res 
_struct_site_gen.label_comp_id 
_struct_site_gen.label_asym_id 
_struct_site_gen.label_seq_id 
_struct_site_gen.pdbx_auth_ins_code 
_struct_site_gen.auth_comp_id 
_struct_site_gen.auth_asym_id 
_struct_site_gen.auth_seq_id 
_struct_site_gen.label_atom_id 
_struct_site_gen.label_alt_id 
_struct_site_gen.symmetry 
_struct_site_gen.details 
1  AC1 12 TYR A 23  ? TYR A 23  . ? 1_555 ? 
2  AC1 12 ALA A 31  ? ALA A 31  . ? 1_555 ? 
3  AC1 12 SER A 32  ? SER A 32  . ? 1_555 ? 
4  AC1 12 TRP A 34  ? TRP A 34  . ? 1_555 ? 
5  AC1 12 ILE A 93  ? ILE A 93  . ? 1_555 ? 
6  AC1 12 LYS A 97  ? LYS A 97  . ? 1_555 ? 
7  AC1 12 LYS A 97  ? LYS A 97  . ? 6_555 ? 
8  AC1 12 SER A 98  ? SER A 98  . ? 6_555 ? 
9  AC1 12 MET A 146 ? MET A 146 . ? 1_555 ? 
10 AC1 12 SER A 147 ? SER A 147 . ? 1_555 ? 
11 AC1 12 GLY A 148 ? GLY A 148 . ? 1_555 ? 
12 AC1 12 HOH F .   ? HOH A 420 . ? 1_555 ? 
13 AC2 6  ARG A 69  ? ARG A 69  . ? 1_555 ? 
14 AC2 6  SER A 72  ? SER A 72  . ? 1_555 ? 
15 AC2 6  TRP A 73  ? TRP A 73  . ? 1_555 ? 
16 AC2 6  CYS A 113 ? CYS A 113 . ? 1_555 ? 
17 AC2 6  SER A 114 ? SER A 114 . ? 1_555 ? 
18 AC2 6  HOH F .   ? HOH A 455 . ? 1_555 ? 
19 AC3 1  ARG B 6   ? ARG B 6   . ? 1_555 ? 
# 
_pdbx_entry_details.entry_id                   5UY9 
_pdbx_entry_details.compound_details           ? 
_pdbx_entry_details.source_details             ? 
_pdbx_entry_details.nonpolymer_details         ? 
_pdbx_entry_details.sequence_details           ? 
_pdbx_entry_details.has_ligand_of_interest     ? 
_pdbx_entry_details.has_protein_modification   Y 
# 
_pdbx_validate_close_contact.id               1 
_pdbx_validate_close_contact.PDB_model_num    1 
_pdbx_validate_close_contact.auth_atom_id_1   O 
_pdbx_validate_close_contact.auth_asym_id_1   B 
_pdbx_validate_close_contact.auth_comp_id_1   ARG 
_pdbx_validate_close_contact.auth_seq_id_1    6 
_pdbx_validate_close_contact.PDB_ins_code_1   ? 
_pdbx_validate_close_contact.label_alt_id_1   ? 
_pdbx_validate_close_contact.auth_atom_id_2   N1 
_pdbx_validate_close_contact.auth_asym_id_2   B 
_pdbx_validate_close_contact.auth_comp_id_2   NIT 
_pdbx_validate_close_contact.auth_seq_id_2    7 
_pdbx_validate_close_contact.PDB_ins_code_2   ? 
_pdbx_validate_close_contact.label_alt_id_2   ? 
_pdbx_validate_close_contact.dist             1.79 
# 
loop_
_pdbx_validate_rmsd_angle.id 
_pdbx_validate_rmsd_angle.PDB_model_num 
_pdbx_validate_rmsd_angle.auth_atom_id_1 
_pdbx_validate_rmsd_angle.auth_asym_id_1 
_pdbx_validate_rmsd_angle.auth_comp_id_1 
_pdbx_validate_rmsd_angle.auth_seq_id_1 
_pdbx_validate_rmsd_angle.PDB_ins_code_1 
_pdbx_validate_rmsd_angle.label_alt_id_1 
_pdbx_validate_rmsd_angle.auth_atom_id_2 
_pdbx_validate_rmsd_angle.auth_asym_id_2 
_pdbx_validate_rmsd_angle.auth_comp_id_2 
_pdbx_validate_rmsd_angle.auth_seq_id_2 
_pdbx_validate_rmsd_angle.PDB_ins_code_2 
_pdbx_validate_rmsd_angle.label_alt_id_2 
_pdbx_validate_rmsd_angle.auth_atom_id_3 
_pdbx_validate_rmsd_angle.auth_asym_id_3 
_pdbx_validate_rmsd_angle.auth_comp_id_3 
_pdbx_validate_rmsd_angle.auth_seq_id_3 
_pdbx_validate_rmsd_angle.PDB_ins_code_3 
_pdbx_validate_rmsd_angle.label_alt_id_3 
_pdbx_validate_rmsd_angle.angle_value 
_pdbx_validate_rmsd_angle.angle_target_value 
_pdbx_validate_rmsd_angle.angle_deviation 
_pdbx_validate_rmsd_angle.angle_standard_deviation 
_pdbx_validate_rmsd_angle.linker_flag 
1 1 C B TPO 4 ? ? N B PRO 5 ? ? CA B PRO 5 ? ? 133.11 119.30 13.81  1.50 Y 
2 1 C B TPO 4 ? ? N B PRO 5 ? ? CD B PRO 5 ? ? 113.11 128.40 -15.29 2.10 Y 
# 
loop_
_pdbx_validate_torsion.id 
_pdbx_validate_torsion.PDB_model_num 
_pdbx_validate_torsion.auth_comp_id 
_pdbx_validate_torsion.auth_asym_id 
_pdbx_validate_torsion.auth_seq_id 
_pdbx_validate_torsion.PDB_ins_code 
_pdbx_validate_torsion.label_alt_id 
_pdbx_validate_torsion.phi 
_pdbx_validate_torsion.psi 
1 1 LEU A 7 ? ? 86.45   128.69 
2 1 PRO A 8 ? ? -55.61  173.47 
3 1 ALA B 2 ? ? -156.63 36.69  
4 1 SER B 3 ? ? 86.51   -86.80 
5 1 PRO B 5 ? ? 20.48   131.18 
# 
loop_
_pdbx_unobs_or_zero_occ_residues.id 
_pdbx_unobs_or_zero_occ_residues.PDB_model_num 
_pdbx_unobs_or_zero_occ_residues.polymer_flag 
_pdbx_unobs_or_zero_occ_residues.occupancy_flag 
_pdbx_unobs_or_zero_occ_residues.auth_asym_id 
_pdbx_unobs_or_zero_occ_residues.auth_comp_id 
_pdbx_unobs_or_zero_occ_residues.auth_seq_id 
_pdbx_unobs_or_zero_occ_residues.PDB_ins_code 
_pdbx_unobs_or_zero_occ_residues.label_asym_id 
_pdbx_unobs_or_zero_occ_residues.label_comp_id 
_pdbx_unobs_or_zero_occ_residues.label_seq_id 
1  1 Y 1 A MET 1  ? A MET 1  
2  1 Y 1 A ALA 2  ? A ALA 2  
3  1 Y 1 A ASP 3  ? A ASP 3  
4  1 Y 1 A GLU 4  ? A GLU 4  
5  1 Y 1 A GLU 5  ? A GLU 5  
6  1 Y 1 A GLY 39 ? A GLY 39 
7  1 Y 1 A ASN 40 ? A ASN 40 
8  1 Y 1 A SER 41 ? A SER 41 
9  1 Y 1 A SER 42 ? A SER 42 
10 1 Y 1 A SER 43 ? A SER 43 
11 1 Y 1 A GLY 44 ? A GLY 44 
12 1 Y 1 A GLY 45 ? A GLY 45 
13 1 Y 1 A LYS 46 ? A LYS 46 
14 1 Y 1 A ASN 47 ? A ASN 47 
15 1 Y 1 A GLY 48 ? A GLY 48 
16 1 Y 1 A GLN 49 ? A GLN 49 
17 1 Y 1 A GLY 50 ? A GLY 50 
# 
loop_
_chem_comp_atom.comp_id 
_chem_comp_atom.atom_id 
_chem_comp_atom.type_symbol 
_chem_comp_atom.pdbx_aromatic_flag 
_chem_comp_atom.pdbx_stereo_config 
_chem_comp_atom.pdbx_ordinal 
ALA N    N N N 1   
ALA CA   C N S 2   
ALA C    C N N 3   
ALA O    O N N 4   
ALA CB   C N N 5   
ALA OXT  O N N 6   
ALA H    H N N 7   
ALA H2   H N N 8   
ALA HA   H N N 9   
ALA HB1  H N N 10  
ALA HB2  H N N 11  
ALA HB3  H N N 12  
ALA HXT  H N N 13  
ARG N    N N N 14  
ARG CA   C N S 15  
ARG C    C N N 16  
ARG O    O N N 17  
ARG CB   C N N 18  
ARG CG   C N N 19  
ARG CD   C N N 20  
ARG NE   N N N 21  
ARG CZ   C N N 22  
ARG NH1  N N N 23  
ARG NH2  N N N 24  
ARG OXT  O N N 25  
ARG H    H N N 26  
ARG H2   H N N 27  
ARG HA   H N N 28  
ARG HB2  H N N 29  
ARG HB3  H N N 30  
ARG HG2  H N N 31  
ARG HG3  H N N 32  
ARG HD2  H N N 33  
ARG HD3  H N N 34  
ARG HE   H N N 35  
ARG HH11 H N N 36  
ARG HH12 H N N 37  
ARG HH21 H N N 38  
ARG HH22 H N N 39  
ARG HXT  H N N 40  
ASN N    N N N 41  
ASN CA   C N S 42  
ASN C    C N N 43  
ASN O    O N N 44  
ASN CB   C N N 45  
ASN CG   C N N 46  
ASN OD1  O N N 47  
ASN ND2  N N N 48  
ASN OXT  O N N 49  
ASN H    H N N 50  
ASN H2   H N N 51  
ASN HA   H N N 52  
ASN HB2  H N N 53  
ASN HB3  H N N 54  
ASN HD21 H N N 55  
ASN HD22 H N N 56  
ASN HXT  H N N 57  
ASP N    N N N 58  
ASP CA   C N S 59  
ASP C    C N N 60  
ASP O    O N N 61  
ASP CB   C N N 62  
ASP CG   C N N 63  
ASP OD1  O N N 64  
ASP OD2  O N N 65  
ASP OXT  O N N 66  
ASP H    H N N 67  
ASP H2   H N N 68  
ASP HA   H N N 69  
ASP HB2  H N N 70  
ASP HB3  H N N 71  
ASP HD2  H N N 72  
ASP HXT  H N N 73  
CYS N    N N N 74  
CYS CA   C N R 75  
CYS C    C N N 76  
CYS O    O N N 77  
CYS CB   C N N 78  
CYS SG   S N N 79  
CYS OXT  O N N 80  
CYS H    H N N 81  
CYS H2   H N N 82  
CYS HA   H N N 83  
CYS HB2  H N N 84  
CYS HB3  H N N 85  
CYS HG   H N N 86  
CYS HXT  H N N 87  
GLN N    N N N 88  
GLN CA   C N S 89  
GLN C    C N N 90  
GLN O    O N N 91  
GLN CB   C N N 92  
GLN CG   C N N 93  
GLN CD   C N N 94  
GLN OE1  O N N 95  
GLN NE2  N N N 96  
GLN OXT  O N N 97  
GLN H    H N N 98  
GLN H2   H N N 99  
GLN HA   H N N 100 
GLN HB2  H N N 101 
GLN HB3  H N N 102 
GLN HG2  H N N 103 
GLN HG3  H N N 104 
GLN HE21 H N N 105 
GLN HE22 H N N 106 
GLN HXT  H N N 107 
GLU N    N N N 108 
GLU CA   C N S 109 
GLU C    C N N 110 
GLU O    O N N 111 
GLU CB   C N N 112 
GLU CG   C N N 113 
GLU CD   C N N 114 
GLU OE1  O N N 115 
GLU OE2  O N N 116 
GLU OXT  O N N 117 
GLU H    H N N 118 
GLU H2   H N N 119 
GLU HA   H N N 120 
GLU HB2  H N N 121 
GLU HB3  H N N 122 
GLU HG2  H N N 123 
GLU HG3  H N N 124 
GLU HE2  H N N 125 
GLU HXT  H N N 126 
GLY N    N N N 127 
GLY CA   C N N 128 
GLY C    C N N 129 
GLY O    O N N 130 
GLY OXT  O N N 131 
GLY H    H N N 132 
GLY H2   H N N 133 
GLY HA2  H N N 134 
GLY HA3  H N N 135 
GLY HXT  H N N 136 
HIS N    N N N 137 
HIS CA   C N S 138 
HIS C    C N N 139 
HIS O    O N N 140 
HIS CB   C N N 141 
HIS CG   C Y N 142 
HIS ND1  N Y N 143 
HIS CD2  C Y N 144 
HIS CE1  C Y N 145 
HIS NE2  N Y N 146 
HIS OXT  O N N 147 
HIS H    H N N 148 
HIS H2   H N N 149 
HIS HA   H N N 150 
HIS HB2  H N N 151 
HIS HB3  H N N 152 
HIS HD1  H N N 153 
HIS HD2  H N N 154 
HIS HE1  H N N 155 
HIS HE2  H N N 156 
HIS HXT  H N N 157 
HOH O    O N N 158 
HOH H1   H N N 159 
HOH H2   H N N 160 
ILE N    N N N 161 
ILE CA   C N S 162 
ILE C    C N N 163 
ILE O    O N N 164 
ILE CB   C N S 165 
ILE CG1  C N N 166 
ILE CG2  C N N 167 
ILE CD1  C N N 168 
ILE OXT  O N N 169 
ILE H    H N N 170 
ILE H2   H N N 171 
ILE HA   H N N 172 
ILE HB   H N N 173 
ILE HG12 H N N 174 
ILE HG13 H N N 175 
ILE HG21 H N N 176 
ILE HG22 H N N 177 
ILE HG23 H N N 178 
ILE HD11 H N N 179 
ILE HD12 H N N 180 
ILE HD13 H N N 181 
ILE HXT  H N N 182 
LEU N    N N N 183 
LEU CA   C N S 184 
LEU C    C N N 185 
LEU O    O N N 186 
LEU CB   C N N 187 
LEU CG   C N N 188 
LEU CD1  C N N 189 
LEU CD2  C N N 190 
LEU OXT  O N N 191 
LEU H    H N N 192 
LEU H2   H N N 193 
LEU HA   H N N 194 
LEU HB2  H N N 195 
LEU HB3  H N N 196 
LEU HG   H N N 197 
LEU HD11 H N N 198 
LEU HD12 H N N 199 
LEU HD13 H N N 200 
LEU HD21 H N N 201 
LEU HD22 H N N 202 
LEU HD23 H N N 203 
LEU HXT  H N N 204 
LYS N    N N N 205 
LYS CA   C N S 206 
LYS C    C N N 207 
LYS O    O N N 208 
LYS CB   C N N 209 
LYS CG   C N N 210 
LYS CD   C N N 211 
LYS CE   C N N 212 
LYS NZ   N N N 213 
LYS OXT  O N N 214 
LYS H    H N N 215 
LYS H2   H N N 216 
LYS HA   H N N 217 
LYS HB2  H N N 218 
LYS HB3  H N N 219 
LYS HG2  H N N 220 
LYS HG3  H N N 221 
LYS HD2  H N N 222 
LYS HD3  H N N 223 
LYS HE2  H N N 224 
LYS HE3  H N N 225 
LYS HZ1  H N N 226 
LYS HZ2  H N N 227 
LYS HZ3  H N N 228 
LYS HXT  H N N 229 
MET N    N N N 230 
MET CA   C N S 231 
MET C    C N N 232 
MET O    O N N 233 
MET CB   C N N 234 
MET CG   C N N 235 
MET SD   S N N 236 
MET CE   C N N 237 
MET OXT  O N N 238 
MET H    H N N 239 
MET H2   H N N 240 
MET HA   H N N 241 
MET HB2  H N N 242 
MET HB3  H N N 243 
MET HG2  H N N 244 
MET HG3  H N N 245 
MET HE1  H N N 246 
MET HE2  H N N 247 
MET HE3  H N N 248 
MET HXT  H N N 249 
NIT N1   N N N 250 
NIT C1   C Y N 251 
NIT C2   C Y N 252 
NIT C3   C Y N 253 
NIT C4   C Y N 254 
NIT N4   N N N 255 
NIT ON1  O N N 256 
NIT ON2  O N N 257 
NIT C5   C Y N 258 
NIT C6   C Y N 259 
NIT HN11 H N N 260 
NIT HN12 H N N 261 
NIT H2   H N N 262 
NIT H3   H N N 263 
NIT H5   H N N 264 
NIT H6   H N N 265 
PE4 O1   O N N 266 
PE4 C1   C N N 267 
PE4 C2   C N N 268 
PE4 O2   O N N 269 
PE4 C3   C N N 270 
PE4 C4   C N N 271 
PE4 O3   O N N 272 
PE4 C5   C N N 273 
PE4 C6   C N N 274 
PE4 O4   O N N 275 
PE4 C7   C N N 276 
PE4 C8   C N N 277 
PE4 O5   O N N 278 
PE4 C9   C N N 279 
PE4 C10  C N N 280 
PE4 O6   O N N 281 
PE4 C11  C N N 282 
PE4 C12  C N N 283 
PE4 O7   O N N 284 
PE4 C13  C N N 285 
PE4 C14  C N N 286 
PE4 O8   O N N 287 
PE4 C15  C N N 288 
PE4 C16  C N N 289 
PE4 HO1  H N N 290 
PE4 H11  H N N 291 
PE4 H12  H N N 292 
PE4 H21  H N N 293 
PE4 H22  H N N 294 
PE4 H31  H N N 295 
PE4 H32  H N N 296 
PE4 H41  H N N 297 
PE4 H42  H N N 298 
PE4 H51  H N N 299 
PE4 H52  H N N 300 
PE4 H61  H N N 301 
PE4 H62  H N N 302 
PE4 H71  H N N 303 
PE4 H72  H N N 304 
PE4 H81  H N N 305 
PE4 H82  H N N 306 
PE4 H91  H N N 307 
PE4 H92  H N N 308 
PE4 H101 H N N 309 
PE4 H102 H N N 310 
PE4 H111 H N N 311 
PE4 H112 H N N 312 
PE4 H121 H N N 313 
PE4 H122 H N N 314 
PE4 H131 H N N 315 
PE4 H132 H N N 316 
PE4 H141 H N N 317 
PE4 H142 H N N 318 
PE4 H151 H N N 319 
PE4 H152 H N N 320 
PE4 H161 H N N 321 
PE4 H162 H N N 322 
PE4 H163 H N N 323 
PHE N    N N N 324 
PHE CA   C N S 325 
PHE C    C N N 326 
PHE O    O N N 327 
PHE CB   C N N 328 
PHE CG   C Y N 329 
PHE CD1  C Y N 330 
PHE CD2  C Y N 331 
PHE CE1  C Y N 332 
PHE CE2  C Y N 333 
PHE CZ   C Y N 334 
PHE OXT  O N N 335 
PHE H    H N N 336 
PHE H2   H N N 337 
PHE HA   H N N 338 
PHE HB2  H N N 339 
PHE HB3  H N N 340 
PHE HD1  H N N 341 
PHE HD2  H N N 342 
PHE HE1  H N N 343 
PHE HE2  H N N 344 
PHE HZ   H N N 345 
PHE HXT  H N N 346 
PRO N    N N N 347 
PRO CA   C N S 348 
PRO C    C N N 349 
PRO O    O N N 350 
PRO CB   C N N 351 
PRO CG   C N N 352 
PRO CD   C N N 353 
PRO OXT  O N N 354 
PRO H    H N N 355 
PRO HA   H N N 356 
PRO HB2  H N N 357 
PRO HB3  H N N 358 
PRO HG2  H N N 359 
PRO HG3  H N N 360 
PRO HD2  H N N 361 
PRO HD3  H N N 362 
PRO HXT  H N N 363 
SER N    N N N 364 
SER CA   C N S 365 
SER C    C N N 366 
SER O    O N N 367 
SER CB   C N N 368 
SER OG   O N N 369 
SER OXT  O N N 370 
SER H    H N N 371 
SER H2   H N N 372 
SER HA   H N N 373 
SER HB2  H N N 374 
SER HB3  H N N 375 
SER HG   H N N 376 
SER HXT  H N N 377 
SO4 S    S N N 378 
SO4 O1   O N N 379 
SO4 O2   O N N 380 
SO4 O3   O N N 381 
SO4 O4   O N N 382 
THR N    N N N 383 
THR CA   C N S 384 
THR C    C N N 385 
THR O    O N N 386 
THR CB   C N R 387 
THR OG1  O N N 388 
THR CG2  C N N 389 
THR OXT  O N N 390 
THR H    H N N 391 
THR H2   H N N 392 
THR HA   H N N 393 
THR HB   H N N 394 
THR HG1  H N N 395 
THR HG21 H N N 396 
THR HG22 H N N 397 
THR HG23 H N N 398 
THR HXT  H N N 399 
TPO N    N N N 400 
TPO CA   C N S 401 
TPO CB   C N R 402 
TPO CG2  C N N 403 
TPO OG1  O N N 404 
TPO P    P N N 405 
TPO O1P  O N N 406 
TPO O2P  O N N 407 
TPO O3P  O N N 408 
TPO C    C N N 409 
TPO O    O N N 410 
TPO OXT  O N N 411 
TPO H    H N N 412 
TPO H2   H N N 413 
TPO HA   H N N 414 
TPO HB   H N N 415 
TPO HG21 H N N 416 
TPO HG22 H N N 417 
TPO HG23 H N N 418 
TPO HOP2 H N N 419 
TPO HOP3 H N N 420 
TPO HXT  H N N 421 
TRP N    N N N 422 
TRP CA   C N S 423 
TRP C    C N N 424 
TRP O    O N N 425 
TRP CB   C N N 426 
TRP CG   C Y N 427 
TRP CD1  C Y N 428 
TRP CD2  C Y N 429 
TRP NE1  N Y N 430 
TRP CE2  C Y N 431 
TRP CE3  C Y N 432 
TRP CZ2  C Y N 433 
TRP CZ3  C Y N 434 
TRP CH2  C Y N 435 
TRP OXT  O N N 436 
TRP H    H N N 437 
TRP H2   H N N 438 
TRP HA   H N N 439 
TRP HB2  H N N 440 
TRP HB3  H N N 441 
TRP HD1  H N N 442 
TRP HE1  H N N 443 
TRP HE3  H N N 444 
TRP HZ2  H N N 445 
TRP HZ3  H N N 446 
TRP HH2  H N N 447 
TRP HXT  H N N 448 
TYR N    N N N 449 
TYR CA   C N S 450 
TYR C    C N N 451 
TYR O    O N N 452 
TYR CB   C N N 453 
TYR CG   C Y N 454 
TYR CD1  C Y N 455 
TYR CD2  C Y N 456 
TYR CE1  C Y N 457 
TYR CE2  C Y N 458 
TYR CZ   C Y N 459 
TYR OH   O N N 460 
TYR OXT  O N N 461 
TYR H    H N N 462 
TYR H2   H N N 463 
TYR HA   H N N 464 
TYR HB2  H N N 465 
TYR HB3  H N N 466 
TYR HD1  H N N 467 
TYR HD2  H N N 468 
TYR HE1  H N N 469 
TYR HE2  H N N 470 
TYR HH   H N N 471 
TYR HXT  H N N 472 
VAL N    N N N 473 
VAL CA   C N S 474 
VAL C    C N N 475 
VAL O    O N N 476 
VAL CB   C N N 477 
VAL CG1  C N N 478 
VAL CG2  C N N 479 
VAL OXT  O N N 480 
VAL H    H N N 481 
VAL H2   H N N 482 
VAL HA   H N N 483 
VAL HB   H N N 484 
VAL HG11 H N N 485 
VAL HG12 H N N 486 
VAL HG13 H N N 487 
VAL HG21 H N N 488 
VAL HG22 H N N 489 
VAL HG23 H N N 490 
VAL HXT  H N N 491 
# 
loop_
_chem_comp_bond.comp_id 
_chem_comp_bond.atom_id_1 
_chem_comp_bond.atom_id_2 
_chem_comp_bond.value_order 
_chem_comp_bond.pdbx_aromatic_flag 
_chem_comp_bond.pdbx_stereo_config 
_chem_comp_bond.pdbx_ordinal 
ALA N   CA   sing N N 1   
ALA N   H    sing N N 2   
ALA N   H2   sing N N 3   
ALA CA  C    sing N N 4   
ALA CA  CB   sing N N 5   
ALA CA  HA   sing N N 6   
ALA C   O    doub N N 7   
ALA C   OXT  sing N N 8   
ALA CB  HB1  sing N N 9   
ALA CB  HB2  sing N N 10  
ALA CB  HB3  sing N N 11  
ALA OXT HXT  sing N N 12  
ARG N   CA   sing N N 13  
ARG N   H    sing N N 14  
ARG N   H2   sing N N 15  
ARG CA  C    sing N N 16  
ARG CA  CB   sing N N 17  
ARG CA  HA   sing N N 18  
ARG C   O    doub N N 19  
ARG C   OXT  sing N N 20  
ARG CB  CG   sing N N 21  
ARG CB  HB2  sing N N 22  
ARG CB  HB3  sing N N 23  
ARG CG  CD   sing N N 24  
ARG CG  HG2  sing N N 25  
ARG CG  HG3  sing N N 26  
ARG CD  NE   sing N N 27  
ARG CD  HD2  sing N N 28  
ARG CD  HD3  sing N N 29  
ARG NE  CZ   sing N N 30  
ARG NE  HE   sing N N 31  
ARG CZ  NH1  sing N N 32  
ARG CZ  NH2  doub N N 33  
ARG NH1 HH11 sing N N 34  
ARG NH1 HH12 sing N N 35  
ARG NH2 HH21 sing N N 36  
ARG NH2 HH22 sing N N 37  
ARG OXT HXT  sing N N 38  
ASN N   CA   sing N N 39  
ASN N   H    sing N N 40  
ASN N   H2   sing N N 41  
ASN CA  C    sing N N 42  
ASN CA  CB   sing N N 43  
ASN CA  HA   sing N N 44  
ASN C   O    doub N N 45  
ASN C   OXT  sing N N 46  
ASN CB  CG   sing N N 47  
ASN CB  HB2  sing N N 48  
ASN CB  HB3  sing N N 49  
ASN CG  OD1  doub N N 50  
ASN CG  ND2  sing N N 51  
ASN ND2 HD21 sing N N 52  
ASN ND2 HD22 sing N N 53  
ASN OXT HXT  sing N N 54  
ASP N   CA   sing N N 55  
ASP N   H    sing N N 56  
ASP N   H2   sing N N 57  
ASP CA  C    sing N N 58  
ASP CA  CB   sing N N 59  
ASP CA  HA   sing N N 60  
ASP C   O    doub N N 61  
ASP C   OXT  sing N N 62  
ASP CB  CG   sing N N 63  
ASP CB  HB2  sing N N 64  
ASP CB  HB3  sing N N 65  
ASP CG  OD1  doub N N 66  
ASP CG  OD2  sing N N 67  
ASP OD2 HD2  sing N N 68  
ASP OXT HXT  sing N N 69  
CYS N   CA   sing N N 70  
CYS N   H    sing N N 71  
CYS N   H2   sing N N 72  
CYS CA  C    sing N N 73  
CYS CA  CB   sing N N 74  
CYS CA  HA   sing N N 75  
CYS C   O    doub N N 76  
CYS C   OXT  sing N N 77  
CYS CB  SG   sing N N 78  
CYS CB  HB2  sing N N 79  
CYS CB  HB3  sing N N 80  
CYS SG  HG   sing N N 81  
CYS OXT HXT  sing N N 82  
GLN N   CA   sing N N 83  
GLN N   H    sing N N 84  
GLN N   H2   sing N N 85  
GLN CA  C    sing N N 86  
GLN CA  CB   sing N N 87  
GLN CA  HA   sing N N 88  
GLN C   O    doub N N 89  
GLN C   OXT  sing N N 90  
GLN CB  CG   sing N N 91  
GLN CB  HB2  sing N N 92  
GLN CB  HB3  sing N N 93  
GLN CG  CD   sing N N 94  
GLN CG  HG2  sing N N 95  
GLN CG  HG3  sing N N 96  
GLN CD  OE1  doub N N 97  
GLN CD  NE2  sing N N 98  
GLN NE2 HE21 sing N N 99  
GLN NE2 HE22 sing N N 100 
GLN OXT HXT  sing N N 101 
GLU N   CA   sing N N 102 
GLU N   H    sing N N 103 
GLU N   H2   sing N N 104 
GLU CA  C    sing N N 105 
GLU CA  CB   sing N N 106 
GLU CA  HA   sing N N 107 
GLU C   O    doub N N 108 
GLU C   OXT  sing N N 109 
GLU CB  CG   sing N N 110 
GLU CB  HB2  sing N N 111 
GLU CB  HB3  sing N N 112 
GLU CG  CD   sing N N 113 
GLU CG  HG2  sing N N 114 
GLU CG  HG3  sing N N 115 
GLU CD  OE1  doub N N 116 
GLU CD  OE2  sing N N 117 
GLU OE2 HE2  sing N N 118 
GLU OXT HXT  sing N N 119 
GLY N   CA   sing N N 120 
GLY N   H    sing N N 121 
GLY N   H2   sing N N 122 
GLY CA  C    sing N N 123 
GLY CA  HA2  sing N N 124 
GLY CA  HA3  sing N N 125 
GLY C   O    doub N N 126 
GLY C   OXT  sing N N 127 
GLY OXT HXT  sing N N 128 
HIS N   CA   sing N N 129 
HIS N   H    sing N N 130 
HIS N   H2   sing N N 131 
HIS CA  C    sing N N 132 
HIS CA  CB   sing N N 133 
HIS CA  HA   sing N N 134 
HIS C   O    doub N N 135 
HIS C   OXT  sing N N 136 
HIS CB  CG   sing N N 137 
HIS CB  HB2  sing N N 138 
HIS CB  HB3  sing N N 139 
HIS CG  ND1  sing Y N 140 
HIS CG  CD2  doub Y N 141 
HIS ND1 CE1  doub Y N 142 
HIS ND1 HD1  sing N N 143 
HIS CD2 NE2  sing Y N 144 
HIS CD2 HD2  sing N N 145 
HIS CE1 NE2  sing Y N 146 
HIS CE1 HE1  sing N N 147 
HIS NE2 HE2  sing N N 148 
HIS OXT HXT  sing N N 149 
HOH O   H1   sing N N 150 
HOH O   H2   sing N N 151 
ILE N   CA   sing N N 152 
ILE N   H    sing N N 153 
ILE N   H2   sing N N 154 
ILE CA  C    sing N N 155 
ILE CA  CB   sing N N 156 
ILE CA  HA   sing N N 157 
ILE C   O    doub N N 158 
ILE C   OXT  sing N N 159 
ILE CB  CG1  sing N N 160 
ILE CB  CG2  sing N N 161 
ILE CB  HB   sing N N 162 
ILE CG1 CD1  sing N N 163 
ILE CG1 HG12 sing N N 164 
ILE CG1 HG13 sing N N 165 
ILE CG2 HG21 sing N N 166 
ILE CG2 HG22 sing N N 167 
ILE CG2 HG23 sing N N 168 
ILE CD1 HD11 sing N N 169 
ILE CD1 HD12 sing N N 170 
ILE CD1 HD13 sing N N 171 
ILE OXT HXT  sing N N 172 
LEU N   CA   sing N N 173 
LEU N   H    sing N N 174 
LEU N   H2   sing N N 175 
LEU CA  C    sing N N 176 
LEU CA  CB   sing N N 177 
LEU CA  HA   sing N N 178 
LEU C   O    doub N N 179 
LEU C   OXT  sing N N 180 
LEU CB  CG   sing N N 181 
LEU CB  HB2  sing N N 182 
LEU CB  HB3  sing N N 183 
LEU CG  CD1  sing N N 184 
LEU CG  CD2  sing N N 185 
LEU CG  HG   sing N N 186 
LEU CD1 HD11 sing N N 187 
LEU CD1 HD12 sing N N 188 
LEU CD1 HD13 sing N N 189 
LEU CD2 HD21 sing N N 190 
LEU CD2 HD22 sing N N 191 
LEU CD2 HD23 sing N N 192 
LEU OXT HXT  sing N N 193 
LYS N   CA   sing N N 194 
LYS N   H    sing N N 195 
LYS N   H2   sing N N 196 
LYS CA  C    sing N N 197 
LYS CA  CB   sing N N 198 
LYS CA  HA   sing N N 199 
LYS C   O    doub N N 200 
LYS C   OXT  sing N N 201 
LYS CB  CG   sing N N 202 
LYS CB  HB2  sing N N 203 
LYS CB  HB3  sing N N 204 
LYS CG  CD   sing N N 205 
LYS CG  HG2  sing N N 206 
LYS CG  HG3  sing N N 207 
LYS CD  CE   sing N N 208 
LYS CD  HD2  sing N N 209 
LYS CD  HD3  sing N N 210 
LYS CE  NZ   sing N N 211 
LYS CE  HE2  sing N N 212 
LYS CE  HE3  sing N N 213 
LYS NZ  HZ1  sing N N 214 
LYS NZ  HZ2  sing N N 215 
LYS NZ  HZ3  sing N N 216 
LYS OXT HXT  sing N N 217 
MET N   CA   sing N N 218 
MET N   H    sing N N 219 
MET N   H2   sing N N 220 
MET CA  C    sing N N 221 
MET CA  CB   sing N N 222 
MET CA  HA   sing N N 223 
MET C   O    doub N N 224 
MET C   OXT  sing N N 225 
MET CB  CG   sing N N 226 
MET CB  HB2  sing N N 227 
MET CB  HB3  sing N N 228 
MET CG  SD   sing N N 229 
MET CG  HG2  sing N N 230 
MET CG  HG3  sing N N 231 
MET SD  CE   sing N N 232 
MET CE  HE1  sing N N 233 
MET CE  HE2  sing N N 234 
MET CE  HE3  sing N N 235 
MET OXT HXT  sing N N 236 
NIT N1  C1   sing N N 237 
NIT N1  HN11 sing N N 238 
NIT N1  HN12 sing N N 239 
NIT C1  C2   doub Y N 240 
NIT C1  C6   sing Y N 241 
NIT C2  C3   sing Y N 242 
NIT C2  H2   sing N N 243 
NIT C3  C4   doub Y N 244 
NIT C3  H3   sing N N 245 
NIT C4  N4   sing N N 246 
NIT C4  C5   sing Y N 247 
NIT N4  ON1  sing N N 248 
NIT N4  ON2  doub N N 249 
NIT C5  C6   doub Y N 250 
NIT C5  H5   sing N N 251 
NIT C6  H6   sing N N 252 
PE4 O1  C1   sing N N 253 
PE4 O1  HO1  sing N N 254 
PE4 C1  C2   sing N N 255 
PE4 C1  H11  sing N N 256 
PE4 C1  H12  sing N N 257 
PE4 C2  O2   sing N N 258 
PE4 C2  H21  sing N N 259 
PE4 C2  H22  sing N N 260 
PE4 O2  C3   sing N N 261 
PE4 C3  C4   sing N N 262 
PE4 C3  H31  sing N N 263 
PE4 C3  H32  sing N N 264 
PE4 C4  O3   sing N N 265 
PE4 C4  H41  sing N N 266 
PE4 C4  H42  sing N N 267 
PE4 O3  C5   sing N N 268 
PE4 C5  C6   sing N N 269 
PE4 C5  H51  sing N N 270 
PE4 C5  H52  sing N N 271 
PE4 C6  O4   sing N N 272 
PE4 C6  H61  sing N N 273 
PE4 C6  H62  sing N N 274 
PE4 O4  C7   sing N N 275 
PE4 C7  C8   sing N N 276 
PE4 C7  H71  sing N N 277 
PE4 C7  H72  sing N N 278 
PE4 C8  O5   sing N N 279 
PE4 C8  H81  sing N N 280 
PE4 C8  H82  sing N N 281 
PE4 O5  C9   sing N N 282 
PE4 C9  C10  sing N N 283 
PE4 C9  H91  sing N N 284 
PE4 C9  H92  sing N N 285 
PE4 C10 O6   sing N N 286 
PE4 C10 H101 sing N N 287 
PE4 C10 H102 sing N N 288 
PE4 O6  C11  sing N N 289 
PE4 C11 C12  sing N N 290 
PE4 C11 H111 sing N N 291 
PE4 C11 H112 sing N N 292 
PE4 C12 O7   sing N N 293 
PE4 C12 H121 sing N N 294 
PE4 C12 H122 sing N N 295 
PE4 O7  C13  sing N N 296 
PE4 C13 C14  sing N N 297 
PE4 C13 H131 sing N N 298 
PE4 C13 H132 sing N N 299 
PE4 C14 O8   sing N N 300 
PE4 C14 H141 sing N N 301 
PE4 C14 H142 sing N N 302 
PE4 O8  C15  sing N N 303 
PE4 C15 C16  sing N N 304 
PE4 C15 H151 sing N N 305 
PE4 C15 H152 sing N N 306 
PE4 C16 H161 sing N N 307 
PE4 C16 H162 sing N N 308 
PE4 C16 H163 sing N N 309 
PHE N   CA   sing N N 310 
PHE N   H    sing N N 311 
PHE N   H2   sing N N 312 
PHE CA  C    sing N N 313 
PHE CA  CB   sing N N 314 
PHE CA  HA   sing N N 315 
PHE C   O    doub N N 316 
PHE C   OXT  sing N N 317 
PHE CB  CG   sing N N 318 
PHE CB  HB2  sing N N 319 
PHE CB  HB3  sing N N 320 
PHE CG  CD1  doub Y N 321 
PHE CG  CD2  sing Y N 322 
PHE CD1 CE1  sing Y N 323 
PHE CD1 HD1  sing N N 324 
PHE CD2 CE2  doub Y N 325 
PHE CD2 HD2  sing N N 326 
PHE CE1 CZ   doub Y N 327 
PHE CE1 HE1  sing N N 328 
PHE CE2 CZ   sing Y N 329 
PHE CE2 HE2  sing N N 330 
PHE CZ  HZ   sing N N 331 
PHE OXT HXT  sing N N 332 
PRO N   CA   sing N N 333 
PRO N   CD   sing N N 334 
PRO N   H    sing N N 335 
PRO CA  C    sing N N 336 
PRO CA  CB   sing N N 337 
PRO CA  HA   sing N N 338 
PRO C   O    doub N N 339 
PRO C   OXT  sing N N 340 
PRO CB  CG   sing N N 341 
PRO CB  HB2  sing N N 342 
PRO CB  HB3  sing N N 343 
PRO CG  CD   sing N N 344 
PRO CG  HG2  sing N N 345 
PRO CG  HG3  sing N N 346 
PRO CD  HD2  sing N N 347 
PRO CD  HD3  sing N N 348 
PRO OXT HXT  sing N N 349 
SER N   CA   sing N N 350 
SER N   H    sing N N 351 
SER N   H2   sing N N 352 
SER CA  C    sing N N 353 
SER CA  CB   sing N N 354 
SER CA  HA   sing N N 355 
SER C   O    doub N N 356 
SER C   OXT  sing N N 357 
SER CB  OG   sing N N 358 
SER CB  HB2  sing N N 359 
SER CB  HB3  sing N N 360 
SER OG  HG   sing N N 361 
SER OXT HXT  sing N N 362 
SO4 S   O1   doub N N 363 
SO4 S   O2   doub N N 364 
SO4 S   O3   sing N N 365 
SO4 S   O4   sing N N 366 
THR N   CA   sing N N 367 
THR N   H    sing N N 368 
THR N   H2   sing N N 369 
THR CA  C    sing N N 370 
THR CA  CB   sing N N 371 
THR CA  HA   sing N N 372 
THR C   O    doub N N 373 
THR C   OXT  sing N N 374 
THR CB  OG1  sing N N 375 
THR CB  CG2  sing N N 376 
THR CB  HB   sing N N 377 
THR OG1 HG1  sing N N 378 
THR CG2 HG21 sing N N 379 
THR CG2 HG22 sing N N 380 
THR CG2 HG23 sing N N 381 
THR OXT HXT  sing N N 382 
TPO N   CA   sing N N 383 
TPO N   H    sing N N 384 
TPO N   H2   sing N N 385 
TPO CA  CB   sing N N 386 
TPO CA  C    sing N N 387 
TPO CA  HA   sing N N 388 
TPO CB  CG2  sing N N 389 
TPO CB  OG1  sing N N 390 
TPO CB  HB   sing N N 391 
TPO CG2 HG21 sing N N 392 
TPO CG2 HG22 sing N N 393 
TPO CG2 HG23 sing N N 394 
TPO OG1 P    sing N N 395 
TPO P   O1P  doub N N 396 
TPO P   O2P  sing N N 397 
TPO P   O3P  sing N N 398 
TPO O2P HOP2 sing N N 399 
TPO O3P HOP3 sing N N 400 
TPO C   O    doub N N 401 
TPO C   OXT  sing N N 402 
TPO OXT HXT  sing N N 403 
TRP N   CA   sing N N 404 
TRP N   H    sing N N 405 
TRP N   H2   sing N N 406 
TRP CA  C    sing N N 407 
TRP CA  CB   sing N N 408 
TRP CA  HA   sing N N 409 
TRP C   O    doub N N 410 
TRP C   OXT  sing N N 411 
TRP CB  CG   sing N N 412 
TRP CB  HB2  sing N N 413 
TRP CB  HB3  sing N N 414 
TRP CG  CD1  doub Y N 415 
TRP CG  CD2  sing Y N 416 
TRP CD1 NE1  sing Y N 417 
TRP CD1 HD1  sing N N 418 
TRP CD2 CE2  doub Y N 419 
TRP CD2 CE3  sing Y N 420 
TRP NE1 CE2  sing Y N 421 
TRP NE1 HE1  sing N N 422 
TRP CE2 CZ2  sing Y N 423 
TRP CE3 CZ3  doub Y N 424 
TRP CE3 HE3  sing N N 425 
TRP CZ2 CH2  doub Y N 426 
TRP CZ2 HZ2  sing N N 427 
TRP CZ3 CH2  sing Y N 428 
TRP CZ3 HZ3  sing N N 429 
TRP CH2 HH2  sing N N 430 
TRP OXT HXT  sing N N 431 
TYR N   CA   sing N N 432 
TYR N   H    sing N N 433 
TYR N   H2   sing N N 434 
TYR CA  C    sing N N 435 
TYR CA  CB   sing N N 436 
TYR CA  HA   sing N N 437 
TYR C   O    doub N N 438 
TYR C   OXT  sing N N 439 
TYR CB  CG   sing N N 440 
TYR CB  HB2  sing N N 441 
TYR CB  HB3  sing N N 442 
TYR CG  CD1  doub Y N 443 
TYR CG  CD2  sing Y N 444 
TYR CD1 CE1  sing Y N 445 
TYR CD1 HD1  sing N N 446 
TYR CD2 CE2  doub Y N 447 
TYR CD2 HD2  sing N N 448 
TYR CE1 CZ   doub Y N 449 
TYR CE1 HE1  sing N N 450 
TYR CE2 CZ   sing Y N 451 
TYR CE2 HE2  sing N N 452 
TYR CZ  OH   sing N N 453 
TYR OH  HH   sing N N 454 
TYR OXT HXT  sing N N 455 
VAL N   CA   sing N N 456 
VAL N   H    sing N N 457 
VAL N   H2   sing N N 458 
VAL CA  C    sing N N 459 
VAL CA  CB   sing N N 460 
VAL CA  HA   sing N N 461 
VAL C   O    doub N N 462 
VAL C   OXT  sing N N 463 
VAL CB  CG1  sing N N 464 
VAL CB  CG2  sing N N 465 
VAL CB  HB   sing N N 466 
VAL CG1 HG11 sing N N 467 
VAL CG1 HG12 sing N N 468 
VAL CG1 HG13 sing N N 469 
VAL CG2 HG21 sing N N 470 
VAL CG2 HG22 sing N N 471 
VAL CG2 HG23 sing N N 472 
VAL OXT HXT  sing N N 473 
# 
_atom_sites.entry_id                    5UY9 
_atom_sites.fract_transf_matrix[1][1]   0.01057598 
_atom_sites.fract_transf_matrix[1][2]   0.00835709 
_atom_sites.fract_transf_matrix[1][3]   0.01010785 
_atom_sites.fract_transf_matrix[2][1]   -0.00407054 
_atom_sites.fract_transf_matrix[2][2]   0.01536051 
_atom_sites.fract_transf_matrix[2][3]   0.00560126 
_atom_sites.fract_transf_matrix[3][1]   -0.00553940 
_atom_sites.fract_transf_matrix[3][2]   -0.00512729 
_atom_sites.fract_transf_matrix[3][3]   0.01003515 
_atom_sites.fract_transf_vector[1]      0.251303 
_atom_sites.fract_transf_vector[2]      -0.358231 
_atom_sites.fract_transf_vector[3]      0.152912 
# 
loop_
_atom_type.symbol 
C 
N 
O 
P 
S 
# 
loop_
_atom_site.group_PDB 
_atom_site.id 
_atom_site.type_symbol 
_atom_site.label_atom_id 
_atom_site.label_alt_id 
_atom_site.label_comp_id 
_atom_site.label_asym_id 
_atom_site.label_entity_id 
_atom_site.label_seq_id 
_atom_site.pdbx_PDB_ins_code 
_atom_site.Cartn_x 
_atom_site.Cartn_y 
_atom_site.Cartn_z 
_atom_site.occupancy 
_atom_site.B_iso_or_equiv 
_atom_site.pdbx_formal_charge 
_atom_site.auth_seq_id 
_atom_site.auth_comp_id 
_atom_site.auth_asym_id 
_atom_site.auth_atom_id 
_atom_site.pdbx_PDB_model_num 
ATOM   1    N N   . LYS A 1 6   ? -16.789 11.958  -15.162 1.00 86.30  ? 6   LYS A N   1 
ATOM   2    C CA  . LYS A 1 6   ? -15.950 13.010  -14.507 1.00 84.52  ? 6   LYS A CA  1 
ATOM   3    C C   . LYS A 1 6   ? -14.744 12.349  -13.840 1.00 81.14  ? 6   LYS A C   1 
ATOM   4    O O   . LYS A 1 6   ? -13.595 12.664  -14.175 1.00 80.02  ? 6   LYS A O   1 
ATOM   5    C CB  . LYS A 1 6   ? -16.771 13.814  -13.480 1.00 87.99  ? 6   LYS A CB  1 
ATOM   6    C CG  . LYS A 1 6   ? -18.028 14.486  -14.031 1.00 92.04  ? 6   LYS A CG  1 
ATOM   7    C CD  . LYS A 1 6   ? -19.027 14.791  -12.914 1.00 94.92  ? 6   LYS A CD  1 
ATOM   8    C CE  . LYS A 1 6   ? -20.343 15.363  -13.439 1.00 97.40  ? 6   LYS A CE  1 
ATOM   9    N NZ  . LYS A 1 6   ? -20.254 16.814  -13.791 1.00 100.50 ? 6   LYS A NZ  1 
ATOM   10   N N   . LEU A 1 7   ? -15.036 11.422  -12.918 1.00 76.69  ? 7   LEU A N   1 
ATOM   11   C CA  . LEU A 1 7   ? -14.070 10.606  -12.152 1.00 69.92  ? 7   LEU A CA  1 
ATOM   12   C C   . LEU A 1 7   ? -13.561 11.284  -10.873 1.00 65.89  ? 7   LEU A C   1 
ATOM   13   O O   . LEU A 1 7   ? -13.101 12.417  -10.923 1.00 63.62  ? 7   LEU A O   1 
ATOM   14   C CB  . LEU A 1 7   ? -12.898 10.059  -13.016 1.00 70.52  ? 7   LEU A CB  1 
ATOM   15   C CG  . LEU A 1 7   ? -13.205 9.270   -14.309 1.00 71.12  ? 7   LEU A CG  1 
ATOM   16   C CD1 . LEU A 1 7   ? -11.992 9.183   -15.231 1.00 70.01  ? 7   LEU A CD1 1 
ATOM   17   C CD2 . LEU A 1 7   ? -13.760 7.883   -14.014 1.00 70.10  ? 7   LEU A CD2 1 
ATOM   18   N N   . PRO A 1 8   ? -13.637 10.570  -9.728  1.00 64.21  ? 8   PRO A N   1 
ATOM   19   C CA  . PRO A 1 8   ? -13.120 10.951  -8.390  1.00 63.87  ? 8   PRO A CA  1 
ATOM   20   C C   . PRO A 1 8   ? -11.602 11.298  -8.349  1.00 62.42  ? 8   PRO A C   1 
ATOM   21   O O   . PRO A 1 8   ? -10.912 11.113  -9.365  1.00 63.43  ? 8   PRO A O   1 
ATOM   22   C CB  . PRO A 1 8   ? -13.409 9.705   -7.537  1.00 63.59  ? 8   PRO A CB  1 
ATOM   23   C CG  . PRO A 1 8   ? -14.491 8.973   -8.250  1.00 64.67  ? 8   PRO A CG  1 
ATOM   24   C CD  . PRO A 1 8   ? -14.254 9.227   -9.706  1.00 64.10  ? 8   PRO A CD  1 
ATOM   25   N N   . PRO A 1 9   ? -11.075 11.788  -7.187  1.00 60.79  ? 9   PRO A N   1 
ATOM   26   C CA  . PRO A 1 9   ? -9.707  12.347  -7.211  1.00 58.34  ? 9   PRO A CA  1 
ATOM   27   C C   . PRO A 1 9   ? -8.577  11.383  -7.607  1.00 55.45  ? 9   PRO A C   1 
ATOM   28   O O   . PRO A 1 9   ? -8.285  10.408  -6.874  1.00 52.51  ? 9   PRO A O   1 
ATOM   29   C CB  . PRO A 1 9   ? -9.512  12.891  -5.775  1.00 59.68  ? 9   PRO A CB  1 
ATOM   30   C CG  . PRO A 1 9   ? -10.899 13.144  -5.273  1.00 60.75  ? 9   PRO A CG  1 
ATOM   31   C CD  . PRO A 1 9   ? -11.717 12.028  -5.872  1.00 61.36  ? 9   PRO A CD  1 
ATOM   32   N N   . GLY A 1 10  ? -7.962  11.673  -8.763  1.00 51.48  ? 10  GLY A N   1 
ATOM   33   C CA  . GLY A 1 10  ? -6.755  10.977  -9.215  1.00 47.59  ? 10  GLY A CA  1 
ATOM   34   C C   . GLY A 1 10  ? -6.935  9.888   -10.268 1.00 44.41  ? 10  GLY A C   1 
ATOM   35   O O   . GLY A 1 10  ? -5.967  9.246   -10.671 1.00 42.55  ? 10  GLY A O   1 
ATOM   36   N N   . TRP A 1 11  ? -8.162  9.708   -10.733 1.00 44.34  ? 11  TRP A N   1 
ATOM   37   C CA  . TRP A 1 11  ? -8.505  8.646   -11.691 1.00 44.04  ? 11  TRP A CA  1 
ATOM   38   C C   . TRP A 1 11  ? -8.356  9.112   -13.129 1.00 44.66  ? 11  TRP A C   1 
ATOM   39   O O   . TRP A 1 11  ? -8.761  10.217  -13.475 1.00 45.58  ? 11  TRP A O   1 
ATOM   40   C CB  . TRP A 1 11  ? -9.930  8.169   -11.447 1.00 42.51  ? 11  TRP A CB  1 
ATOM   41   C CG  . TRP A 1 11  ? -10.074 7.350   -10.201 1.00 42.26  ? 11  TRP A CG  1 
ATOM   42   C CD1 . TRP A 1 11  ? -10.599 7.760   -9.010  1.00 43.44  ? 11  TRP A CD1 1 
ATOM   43   C CD2 . TRP A 1 11  ? -9.700  5.968   -10.023 1.00 41.12  ? 11  TRP A CD2 1 
ATOM   44   N NE1 . TRP A 1 11  ? -10.561 6.728   -8.096  1.00 43.39  ? 11  TRP A NE1 1 
ATOM   45   C CE2 . TRP A 1 11  ? -10.039 5.611   -8.693  1.00 40.55  ? 11  TRP A CE2 1 
ATOM   46   C CE3 . TRP A 1 11  ? -9.136  4.986   -10.870 1.00 39.62  ? 11  TRP A CE3 1 
ATOM   47   C CZ2 . TRP A 1 11  ? -9.824  4.323   -8.172  1.00 40.59  ? 11  TRP A CZ2 1 
ATOM   48   C CZ3 . TRP A 1 11  ? -8.920  3.696   -10.354 1.00 38.39  ? 11  TRP A CZ3 1 
ATOM   49   C CH2 . TRP A 1 11  ? -9.258  3.380   -9.006  1.00 38.95  ? 11  TRP A CH2 1 
ATOM   50   N N   . GLU A 1 12  ? -7.757  8.269   -13.959 1.00 43.63  ? 12  GLU A N   1 
ATOM   51   C CA  . GLU A 1 12  ? -7.711  8.490   -15.403 1.00 44.45  ? 12  GLU A CA  1 
ATOM   52   C C   . GLU A 1 12  ? -8.080  7.189   -16.130 1.00 44.04  ? 12  GLU A C   1 
ATOM   53   O O   . GLU A 1 12  ? -7.955  6.093   -15.559 1.00 40.04  ? 12  GLU A O   1 
ATOM   54   C CB  . GLU A 1 12  ? -6.314  8.969   -15.830 1.00 46.56  ? 12  GLU A CB  1 
ATOM   55   C CG  . GLU A 1 12  ? -5.229  7.895   -15.739 1.00 48.90  ? 12  GLU A CG  1 
ATOM   56   C CD  . GLU A 1 12  ? -3.814  8.438   -15.847 1.00 50.89  ? 12  GLU A CD  1 
ATOM   57   O OE1 . GLU A 1 12  ? -3.073  7.942   -16.718 1.00 51.94  ? 12  GLU A OE1 1 
ATOM   58   O OE2 . GLU A 1 12  ? -3.446  9.368   -15.075 1.00 55.68  ? 12  GLU A OE2 1 
ATOM   59   N N   . LYS A 1 13  ? -8.516  7.324   -17.381 1.00 44.97  ? 13  LYS A N   1 
ATOM   60   C CA  . LYS A 1 13  ? -8.860  6.185   -18.227 1.00 46.66  ? 13  LYS A CA  1 
ATOM   61   C C   . LYS A 1 13  ? -7.633  5.757   -19.007 1.00 45.57  ? 13  LYS A C   1 
ATOM   62   O O   . LYS A 1 13  ? -6.853  6.579   -19.475 1.00 47.56  ? 13  LYS A O   1 
ATOM   63   C CB  . LYS A 1 13  ? -9.995  6.553   -19.185 1.00 49.75  ? 13  LYS A CB  1 
ATOM   64   C CG  . LYS A 1 13  ? -10.641 5.372   -19.899 1.00 50.89  ? 13  LYS A CG  1 
ATOM   65   C CD  . LYS A 1 13  ? -11.705 5.846   -20.892 1.00 55.96  ? 13  LYS A CD  1 
ATOM   66   C CE  . LYS A 1 13  ? -13.101 5.904   -20.270 1.00 57.85  ? 13  LYS A CE  1 
ATOM   67   N NZ  . LYS A 1 13  ? -14.125 6.298   -21.278 1.00 59.81  ? 13  LYS A NZ  1 
ATOM   68   N N   . ALA A 1 14  ? -7.460  4.454   -19.143 1.00 44.64  ? 14  ALA A N   1 
ATOM   69   C CA  . ALA A 1 14  ? -6.336  3.913   -19.862 1.00 44.05  ? 14  ALA A CA  1 
ATOM   70   C C   . ALA A 1 14  ? -6.812  2.738   -20.694 1.00 45.02  ? 14  ALA A C   1 
ATOM   71   O O   . ALA A 1 14  ? -7.977  2.334   -20.628 1.00 42.49  ? 14  ALA A O   1 
ATOM   72   C CB  . ALA A 1 14  ? -5.249  3.485   -18.888 1.00 43.25  ? 14  ALA A CB  1 
ATOM   73   N N   . MET A 1 15  ? -5.893  2.196   -21.474 1.00 46.95  ? 15  MET A N   1 
ATOM   74   C CA  . MET A 1 15  ? -6.184  1.047   -22.288 1.00 49.33  ? 15  MET A CA  1 
ATOM   75   C C   . MET A 1 15  ? -5.236  -0.067  -21.913 1.00 47.36  ? 15  MET A C   1 
ATOM   76   O O   . MET A 1 15  ? -4.044  0.157   -21.786 1.00 46.32  ? 15  MET A O   1 
ATOM   77   C CB  . MET A 1 15  ? -6.067  1.415   -23.768 1.00 52.94  ? 15  MET A CB  1 
ATOM   78   C CG  . MET A 1 15  ? -6.721  0.409   -24.698 1.00 55.48  ? 15  MET A CG  1 
ATOM   79   S SD  . MET A 1 15  ? -7.544  1.202   -26.103 1.00 65.29  ? 15  MET A SD  1 
ATOM   80   C CE  . MET A 1 15  ? -6.139  1.817   -27.044 1.00 61.47  ? 15  MET A CE  1 
ATOM   81   N N   . SER A 1 16  ? -5.781  -1.265  -21.727 1.00 48.34  ? 16  SER A N   1 
ATOM   82   C CA  . SER A 1 16  ? -4.971  -2.436  -21.435 1.00 49.28  ? 16  SER A CA  1 
ATOM   83   C C   . SER A 1 16  ? -3.997  -2.755  -22.574 1.00 49.23  ? 16  SER A C   1 
ATOM   84   O O   . SER A 1 16  ? -4.393  -2.918  -23.715 1.00 48.78  ? 16  SER A O   1 
ATOM   85   C CB  . SER A 1 16  ? -5.863  -3.636  -21.178 1.00 50.72  ? 16  SER A CB  1 
ATOM   86   O OG  . SER A 1 16  ? -5.072  -4.807  -21.065 1.00 52.63  ? 16  SER A OG  1 
ATOM   87   N N   . ARG A 1 17  ? -2.720  -2.837  -22.240 1.00 51.65  ? 17  ARG A N   1 
ATOM   88   C CA  . ARG A 1 17  ? -1.677  -3.175  -23.205 1.00 54.26  ? 17  ARG A CA  1 
ATOM   89   C C   . ARG A 1 17  ? -1.873  -4.561  -23.810 1.00 54.88  ? 17  ARG A C   1 
ATOM   90   O O   . ARG A 1 17  ? -1.615  -4.755  -25.001 1.00 56.09  ? 17  ARG A O   1 
ATOM   91   C CB  . ARG A 1 17  ? -0.318  -3.116  -22.531 1.00 56.76  ? 17  ARG A CB  1 
ATOM   92   C CG  . ARG A 1 17  ? 0.823   -2.730  -23.438 1.00 61.63  ? 17  ARG A CG  1 
ATOM   93   C CD  . ARG A 1 17  ? 2.071   -2.612  -22.584 1.00 67.28  ? 17  ARG A CD  1 
ATOM   94   N NE  . ARG A 1 17  ? 3.117   -1.800  -23.200 1.00 71.90  ? 17  ARG A NE  1 
ATOM   95   C CZ  . ARG A 1 17  ? 3.110   -0.471  -23.277 1.00 74.73  ? 17  ARG A CZ  1 
ATOM   96   N NH1 . ARG A 1 17  ? 2.093   0.249   -22.803 1.00 75.21  ? 17  ARG A NH1 1 
ATOM   97   N NH2 . ARG A 1 17  ? 4.133   0.143   -23.853 1.00 78.75  ? 17  ARG A NH2 1 
ATOM   98   N N   . SER A 1 18  ? -2.320  -5.525  -23.001 1.00 53.75  ? 18  SER A N   1 
ATOM   99   C CA  . SER A 1 18  ? -2.448  -6.895  -23.493 1.00 54.06  ? 18  SER A CA  1 
ATOM   100  C C   . SER A 1 18  ? -3.762  -7.165  -24.219 1.00 54.32  ? 18  SER A C   1 
ATOM   101  O O   . SER A 1 18  ? -3.761  -7.884  -25.217 1.00 57.62  ? 18  SER A O   1 
ATOM   102  C CB  . SER A 1 18  ? -2.146  -7.953  -22.414 1.00 54.07  ? 18  SER A CB  1 
ATOM   103  O OG  . SER A 1 18  ? -2.880  -7.738  -21.225 1.00 53.19  ? 18  SER A OG  1 
ATOM   104  N N   . SER A 1 19  ? -4.859  -6.565  -23.757 1.00 52.23  ? 19  SER A N   1 
ATOM   105  C CA  . SER A 1 19  ? -6.189  -6.866  -24.306 1.00 52.67  ? 19  SER A CA  1 
ATOM   106  C C   . SER A 1 19  ? -6.903  -5.733  -25.048 1.00 50.57  ? 19  SER A C   1 
ATOM   107  O O   . SER A 1 19  ? -7.867  -5.999  -25.752 1.00 50.75  ? 19  SER A O   1 
ATOM   108  C CB  . SER A 1 19  ? -7.108  -7.400  -23.206 1.00 53.65  ? 19  SER A CB  1 
ATOM   109  O OG  . SER A 1 19  ? -7.223  -6.461  -22.152 1.00 54.43  ? 19  SER A OG  1 
ATOM   110  N N   . GLY A 1 20  ? -6.447  -4.484  -24.881 1.00 48.71  ? 20  GLY A N   1 
ATOM   111  C CA  . GLY A 1 20  ? -7.105  -3.314  -25.521 1.00 47.12  ? 20  GLY A CA  1 
ATOM   112  C C   . GLY A 1 20  ? -8.401  -2.815  -24.861 1.00 45.55  ? 20  GLY A C   1 
ATOM   113  O O   . GLY A 1 20  ? -8.993  -1.815  -25.282 1.00 46.15  ? 20  GLY A O   1 
ATOM   114  N N   . ARG A 1 21  ? -8.851  -3.514  -23.831 1.00 43.70  ? 21  ARG A N   1 
ATOM   115  C CA  . ARG A 1 21  ? -10.005 -3.088  -23.065 1.00 43.66  ? 21  ARG A CA  1 
ATOM   116  C C   . ARG A 1 21  ? -9.652  -1.885  -22.172 1.00 40.46  ? 21  ARG A C   1 
ATOM   117  O O   . ARG A 1 21  ? -8.539  -1.813  -21.598 1.00 38.90  ? 21  ARG A O   1 
ATOM   118  C CB  . ARG A 1 21  ? -10.495 -4.256  -22.215 1.00 45.36  ? 21  ARG A CB  1 
ATOM   119  C CG  . ARG A 1 21  ? -11.918 -4.094  -21.699 1.00 48.24  ? 21  ARG A CG  1 
ATOM   120  C CD  . ARG A 1 21  ? -12.625 -5.435  -21.536 1.00 49.98  ? 21  ARG A CD  1 
ATOM   121  N NE  . ARG A 1 21  ? -11.757 -6.483  -21.017 1.00 49.59  ? 21  ARG A NE  1 
ATOM   122  C CZ  . ARG A 1 21  ? -11.609 -6.821  -19.739 1.00 50.61  ? 21  ARG A CZ  1 
ATOM   123  N NH1 . ARG A 1 21  ? -12.253 -6.212  -18.748 1.00 50.06  ? 21  ARG A NH1 1 
ATOM   124  N NH2 . ARG A 1 21  ? -10.787 -7.807  -19.446 1.00 52.92  ? 21  ARG A NH2 1 
ATOM   125  N N   . VAL A 1 22  ? -10.584 -0.949  -22.067 1.00 38.92  ? 22  VAL A N   1 
ATOM   126  C CA  . VAL A 1 22  ? -10.406 0.208   -21.178 1.00 37.99  ? 22  VAL A CA  1 
ATOM   127  C C   . VAL A 1 22  ? -10.356 -0.204  -19.701 1.00 36.08  ? 22  VAL A C   1 
ATOM   128  O O   . VAL A 1 22  ? -11.032 -1.135  -19.272 1.00 34.91  ? 22  VAL A O   1 
ATOM   129  C CB  . VAL A 1 22  ? -11.449 1.335   -21.405 1.00 40.16  ? 22  VAL A CB  1 
ATOM   130  C CG1 . VAL A 1 22  ? -11.263 1.982   -22.781 1.00 41.63  ? 22  VAL A CG1 1 
ATOM   131  C CG2 . VAL A 1 22  ? -12.878 0.823   -21.233 1.00 41.69  ? 22  VAL A CG2 1 
ATOM   132  N N   . TYR A 1 23  ? -9.498  0.465   -18.946 1.00 35.17  ? 23  TYR A N   1 
ATOM   133  C CA  . TYR A 1 23  ? -9.504  0.345   -17.496 1.00 34.59  ? 23  TYR A CA  1 
ATOM   134  C C   . TYR A 1 23  ? -9.231  1.694   -16.875 1.00 33.64  ? 23  TYR A C   1 
ATOM   135  O O   . TYR A 1 23  ? -9.094  2.687   -17.603 1.00 34.30  ? 23  TYR A O   1 
ATOM   136  C CB  . TYR A 1 23  ? -8.490  -0.698  -17.012 1.00 33.95  ? 23  TYR A CB  1 
ATOM   137  C CG  . TYR A 1 23  ? -7.057  -0.280  -17.104 1.00 34.28  ? 23  TYR A CG  1 
ATOM   138  C CD1 . TYR A 1 23  ? -6.398  -0.257  -18.334 1.00 35.91  ? 23  TYR A CD1 1 
ATOM   139  C CD2 . TYR A 1 23  ? -6.332  0.051   -15.951 1.00 34.09  ? 23  TYR A CD2 1 
ATOM   140  C CE1 . TYR A 1 23  ? -5.058  0.092   -18.414 1.00 36.73  ? 23  TYR A CE1 1 
ATOM   141  C CE2 . TYR A 1 23  ? -5.003  0.406   -16.011 1.00 34.33  ? 23  TYR A CE2 1 
ATOM   142  C CZ  . TYR A 1 23  ? -4.370  0.427   -17.246 1.00 36.41  ? 23  TYR A CZ  1 
ATOM   143  O OH  . TYR A 1 23  ? -3.044  0.778   -17.345 1.00 37.84  ? 23  TYR A OH  1 
ATOM   144  N N   . TYR A 1 24  ? -9.180  1.721   -15.538 1.00 32.88  ? 24  TYR A N   1 
ATOM   145  C CA  . TYR A 1 24  ? -9.026  2.966   -14.771 1.00 33.52  ? 24  TYR A CA  1 
ATOM   146  C C   . TYR A 1 24  ? -7.851  2.867   -13.820 1.00 32.49  ? 24  TYR A C   1 
ATOM   147  O O   . TYR A 1 24  ? -7.669  1.851   -13.146 1.00 31.13  ? 24  TYR A O   1 
ATOM   148  C CB  . TYR A 1 24  ? -10.313 3.295   -14.024 1.00 35.10  ? 24  TYR A CB  1 
ATOM   149  C CG  . TYR A 1 24  ? -11.463 3.463   -15.002 1.00 37.63  ? 24  TYR A CG  1 
ATOM   150  C CD1 . TYR A 1 24  ? -12.187 2.352   -15.456 1.00 38.34  ? 24  TYR A CD1 1 
ATOM   151  C CD2 . TYR A 1 24  ? -11.777 4.728   -15.524 1.00 39.89  ? 24  TYR A CD2 1 
ATOM   152  C CE1 . TYR A 1 24  ? -13.209 2.492   -16.390 1.00 40.75  ? 24  TYR A CE1 1 
ATOM   153  C CE2 . TYR A 1 24  ? -12.807 4.886   -16.442 1.00 42.31  ? 24  TYR A CE2 1 
ATOM   154  C CZ  . TYR A 1 24  ? -13.513 3.765   -16.871 1.00 43.06  ? 24  TYR A CZ  1 
ATOM   155  O OH  . TYR A 1 24  ? -14.533 3.925   -17.788 1.00 45.99  ? 24  TYR A OH  1 
ATOM   156  N N   . PHE A 1 25  ? -7.055  3.929   -13.786 1.00 32.53  ? 25  PHE A N   1 
ATOM   157  C CA  . PHE A 1 25  ? -5.841  3.963   -12.992 1.00 33.02  ? 25  PHE A CA  1 
ATOM   158  C C   . PHE A 1 25  ? -5.862  5.228   -12.129 1.00 34.02  ? 25  PHE A C   1 
ATOM   159  O O   . PHE A 1 25  ? -6.235  6.302   -12.624 1.00 34.93  ? 25  PHE A O   1 
ATOM   160  C CB  . PHE A 1 25  ? -4.611  3.965   -13.919 1.00 33.82  ? 25  PHE A CB  1 
ATOM   161  C CG  . PHE A 1 25  ? -3.324  4.214   -13.192 1.00 35.54  ? 25  PHE A CG  1 
ATOM   162  C CD1 . PHE A 1 25  ? -2.778  3.230   -12.342 1.00 35.08  ? 25  PHE A CD1 1 
ATOM   163  C CD2 . PHE A 1 25  ? -2.661  5.436   -13.329 1.00 35.78  ? 25  PHE A CD2 1 
ATOM   164  C CE1 . PHE A 1 25  ? -1.590  3.476   -11.647 1.00 36.04  ? 25  PHE A CE1 1 
ATOM   165  C CE2 . PHE A 1 25  ? -1.464  5.667   -12.650 1.00 36.54  ? 25  PHE A CE2 1 
ATOM   166  C CZ  . PHE A 1 25  ? -0.938  4.700   -11.801 1.00 36.08  ? 25  PHE A CZ  1 
ATOM   167  N N   . ASN A 1 26  ? -5.475  5.101   -10.866 1.00 32.96  ? 26  ASN A N   1 
ATOM   168  C CA  . ASN A 1 26  ? -5.408  6.266   -9.949  1.00 32.95  ? 26  ASN A CA  1 
ATOM   169  C C   . ASN A 1 26  ? -3.948  6.617   -9.683  1.00 32.65  ? 26  ASN A C   1 
ATOM   170  O O   . ASN A 1 26  ? -3.240  5.828   -9.078  1.00 31.52  ? 26  ASN A O   1 
ATOM   171  C CB  . ASN A 1 26  ? -6.149  5.963   -8.634  1.00 32.79  ? 26  ASN A CB  1 
ATOM   172  C CG  . ASN A 1 26  ? -6.290  7.193   -7.730  1.00 34.25  ? 26  ASN A CG  1 
ATOM   173  O OD1 . ASN A 1 26  ? -5.313  7.766   -7.294  1.00 33.15  ? 26  ASN A OD1 1 
ATOM   174  N ND2 . ASN A 1 26  ? -7.527  7.574   -7.437  1.00 34.72  ? 26  ASN A ND2 1 
ATOM   175  N N   . HIS A 1 27  ? -3.501  7.806   -10.111 1.00 32.41  ? 27  HIS A N   1 
ATOM   176  C CA  . HIS A 1 27  ? -2.086  8.167   -9.993  1.00 32.47  ? 27  HIS A CA  1 
ATOM   177  C C   . HIS A 1 27  ? -1.674  8.590   -8.569  1.00 31.95  ? 27  HIS A C   1 
ATOM   178  O O   . HIS A 1 27  ? -0.504  8.809   -8.303  1.00 31.69  ? 27  HIS A O   1 
ATOM   179  C CB  . HIS A 1 27  ? -1.680  9.216   -11.041 1.00 33.19  ? 27  HIS A CB  1 
ATOM   180  C CG  . HIS A 1 27  ? -2.389  10.528  -10.903 1.00 35.57  ? 27  HIS A CG  1 
ATOM   181  N ND1 . HIS A 1 27  ? -1.973  11.520  -10.027 1.00 37.00  ? 27  HIS A ND1 1 
ATOM   182  C CD2 . HIS A 1 27  ? -3.481  11.016  -11.535 1.00 36.28  ? 27  HIS A CD2 1 
ATOM   183  C CE1 . HIS A 1 27  ? -2.782  12.561  -10.131 1.00 38.20  ? 27  HIS A CE1 1 
ATOM   184  N NE2 . HIS A 1 27  ? -3.714  12.277  -11.029 1.00 38.41  ? 27  HIS A NE2 1 
ATOM   185  N N   . ILE A 1 28  ? -2.643  8.695   -7.673  1.00 32.54  ? 28  ILE A N   1 
ATOM   186  C CA  . ILE A 1 28  ? -2.372  9.011   -6.267  1.00 32.93  ? 28  ILE A CA  1 
ATOM   187  C C   . ILE A 1 28  ? -2.241  7.746   -5.417  1.00 32.10  ? 28  ILE A C   1 
ATOM   188  O O   . ILE A 1 28  ? -1.454  7.727   -4.473  1.00 31.41  ? 28  ILE A O   1 
ATOM   189  C CB  . ILE A 1 28  ? -3.434  9.929   -5.640  1.00 34.60  ? 28  ILE A CB  1 
ATOM   190  C CG1 . ILE A 1 28  ? -3.597  11.238  -6.439  1.00 35.70  ? 28  ILE A CG1 1 
ATOM   191  C CG2 . ILE A 1 28  ? -3.043  10.295  -4.205  1.00 34.84  ? 28  ILE A CG2 1 
ATOM   192  C CD1 . ILE A 1 28  ? -4.902  11.927  -6.122  1.00 36.69  ? 28  ILE A CD1 1 
ATOM   193  N N   . THR A 1 29  ? -2.969  6.684   -5.773  1.00 30.90  ? 29  THR A N   1 
ATOM   194  C CA  . THR A 1 29  ? -3.017  5.481   -4.931  1.00 29.97  ? 29  THR A CA  1 
ATOM   195  C C   . THR A 1 29  ? -2.338  4.309   -5.633  1.00 30.10  ? 29  THR A C   1 
ATOM   196  O O   . THR A 1 29  ? -2.124  3.279   -5.016  1.00 29.91  ? 29  THR A O   1 
ATOM   197  C CB  . THR A 1 29  ? -4.464  5.028   -4.602  1.00 30.00  ? 29  THR A CB  1 
ATOM   198  O OG1 . THR A 1 29  ? -5.129  4.603   -5.800  1.00 28.55  ? 29  THR A OG1 1 
ATOM   199  C CG2 . THR A 1 29  ? -5.306  6.132   -3.881  1.00 30.56  ? 29  THR A CG2 1 
ATOM   200  N N   . ASN A 1 30  ? -2.034  4.484   -6.923  1.00 30.25  ? 30  ASN A N   1 
ATOM   201  C CA  . ASN A 1 30  ? -1.566  3.412   -7.829  1.00 30.17  ? 30  ASN A CA  1 
ATOM   202  C C   . ASN A 1 30  ? -2.511  2.230   -7.979  1.00 30.00  ? 30  ASN A C   1 
ATOM   203  O O   . ASN A 1 30  ? -2.109  1.148   -8.470  1.00 28.61  ? 30  ASN A O   1 
ATOM   204  C CB  . ASN A 1 30  ? -0.110  2.991   -7.540  1.00 29.82  ? 30  ASN A CB  1 
ATOM   205  C CG  . ASN A 1 30  ? 0.885   4.123   -7.825  1.00 30.85  ? 30  ASN A CG  1 
ATOM   206  O OD1 . ASN A 1 30  ? 1.816   4.357   -7.053  1.00 31.63  ? 30  ASN A OD1 1 
ATOM   207  N ND2 . ASN A 1 30  ? 0.680   4.830   -8.930  1.00 30.40  ? 30  ASN A ND2 1 
ATOM   208  N N   . ALA A 1 31  ? -3.782  2.450   -7.644  1.00 29.81  ? 31  ALA A N   1 
ATOM   209  C CA  . ALA A 1 31  ? -4.796  1.426   -7.843  1.00 30.02  ? 31  ALA A CA  1 
ATOM   210  C C   . ALA A 1 31  ? -5.171  1.351   -9.330  1.00 30.56  ? 31  ALA A C   1 
ATOM   211  O O   . ALA A 1 31  ? -5.086  2.347   -10.050 1.00 30.89  ? 31  ALA A O   1 
ATOM   212  C CB  . ALA A 1 31  ? -6.037  1.706   -6.993  1.00 30.41  ? 31  ALA A CB  1 
ATOM   213  N N   . SER A 1 32  ? -5.573  0.163   -9.772  1.00 30.12  ? 32  SER A N   1 
ATOM   214  C CA  . SER A 1 32  ? -6.084  -0.046  -11.125 1.00 31.93  ? 32  SER A CA  1 
ATOM   215  C C   . SER A 1 32  ? -7.176  -1.098  -11.076 1.00 32.95  ? 32  SER A C   1 
ATOM   216  O O   . SER A 1 32  ? -7.129  -2.020  -10.266 1.00 32.22  ? 32  SER A O   1 
ATOM   217  C CB  . SER A 1 32  ? -4.960  -0.434  -12.111 1.00 33.09  ? 32  SER A CB  1 
ATOM   218  O OG  . SER A 1 32  ? -4.165  -1.511  -11.621 1.00 32.59  ? 32  SER A OG  1 
ATOM   219  N N   . GLN A 1 33  ? -8.183  -0.925  -11.924 1.00 34.79  ? 33  GLN A N   1 
ATOM   220  C CA  . GLN A 1 33  ? -9.411  -1.711  -11.901 1.00 35.87  ? 33  GLN A CA  1 
ATOM   221  C C   . GLN A 1 33  ? -10.115 -1.590  -13.257 1.00 36.33  ? 33  GLN A C   1 
ATOM   222  O O   . GLN A 1 33  ? -9.961  -0.561  -13.918 1.00 36.21  ? 33  GLN A O   1 
ATOM   223  C CB  . GLN A 1 33  ? -10.353 -1.235  -10.775 1.00 36.78  ? 33  GLN A CB  1 
ATOM   224  C CG  . GLN A 1 33  ? -10.801 0.229   -10.832 1.00 39.38  ? 33  GLN A CG  1 
ATOM   225  C CD  . GLN A 1 33  ? -11.732 0.611   -9.678  1.00 40.98  ? 33  GLN A CD  1 
ATOM   226  O OE1 . GLN A 1 33  ? -12.852 1.112   -9.877  1.00 43.33  ? 33  GLN A OE1 1 
ATOM   227  N NE2 . GLN A 1 33  ? -11.272 0.372   -8.472  1.00 40.18  ? 33  GLN A NE2 1 
ATOM   228  N N   . TRP A 1 34  ? -10.890 -2.617  -13.641 1.00 35.47  ? 34  TRP A N   1 
ATOM   229  C CA  . TRP A 1 34  ? -11.696 -2.593  -14.868 1.00 36.89  ? 34  TRP A CA  1 
ATOM   230  C C   . TRP A 1 34  ? -12.891 -1.653  -14.787 1.00 40.31  ? 34  TRP A C   1 
ATOM   231  O O   . TRP A 1 34  ? -13.214 -0.961  -15.759 1.00 39.62  ? 34  TRP A O   1 
ATOM   232  C CB  . TRP A 1 34  ? -12.170 -4.024  -15.270 1.00 35.35  ? 34  TRP A CB  1 
ATOM   233  C CG  . TRP A 1 34  ? -11.030 -4.926  -15.610 1.00 33.75  ? 34  TRP A CG  1 
ATOM   234  C CD1 . TRP A 1 34  ? -10.584 -6.006  -14.881 1.00 32.94  ? 34  TRP A CD1 1 
ATOM   235  C CD2 . TRP A 1 34  ? -10.132 -4.787  -16.712 1.00 33.58  ? 34  TRP A CD2 1 
ATOM   236  N NE1 . TRP A 1 34  ? -9.485  -6.568  -15.493 1.00 32.58  ? 34  TRP A NE1 1 
ATOM   237  C CE2 . TRP A 1 34  ? -9.174  -5.834  -16.611 1.00 33.21  ? 34  TRP A CE2 1 
ATOM   238  C CE3 . TRP A 1 34  ? -10.056 -3.899  -17.796 1.00 34.13  ? 34  TRP A CE3 1 
ATOM   239  C CZ2 . TRP A 1 34  ? -8.137  -6.006  -17.548 1.00 33.56  ? 34  TRP A CZ2 1 
ATOM   240  C CZ3 . TRP A 1 34  ? -9.024  -4.049  -18.718 1.00 34.48  ? 34  TRP A CZ3 1 
ATOM   241  C CH2 . TRP A 1 34  ? -8.075  -5.111  -18.589 1.00 34.32  ? 34  TRP A CH2 1 
ATOM   242  N N   . GLU A 1 35  ? -13.539 -1.647  -13.627 1.00 43.69  ? 35  GLU A N   1 
ATOM   243  C CA  . GLU A 1 35  ? -14.807 -0.957  -13.403 1.00 48.62  ? 35  GLU A CA  1 
ATOM   244  C C   . GLU A 1 35  ? -14.579 0.551   -13.288 1.00 51.42  ? 35  GLU A C   1 
ATOM   245  O O   . GLU A 1 35  ? -13.541 0.984   -12.772 1.00 50.63  ? 35  GLU A O   1 
ATOM   246  C CB  . GLU A 1 35  ? -15.469 -1.499  -12.124 1.00 51.65  ? 35  GLU A CB  1 
ATOM   247  C CG  . GLU A 1 35  ? -15.563 -3.041  -11.983 1.00 54.01  ? 35  GLU A CG  1 
ATOM   248  C CD  . GLU A 1 35  ? -14.244 -3.776  -11.649 1.00 55.72  ? 35  GLU A CD  1 
ATOM   249  O OE1 . GLU A 1 35  ? -14.172 -5.007  -11.914 1.00 58.34  ? 35  GLU A OE1 1 
ATOM   250  O OE2 . GLU A 1 35  ? -13.271 -3.162  -11.132 1.00 52.35  ? 35  GLU A OE2 1 
ATOM   251  N N   . ARG A 1 36  ? -15.529 1.345   -13.788 1.00 55.76  ? 36  ARG A N   1 
ATOM   252  C CA  . ARG A 1 36  ? -15.488 2.811   -13.652 1.00 61.15  ? 36  ARG A CA  1 
ATOM   253  C C   . ARG A 1 36  ? -15.655 3.167   -12.167 1.00 64.00  ? 36  ARG A C   1 
ATOM   254  O O   . ARG A 1 36  ? -16.606 2.693   -11.542 1.00 65.73  ? 36  ARG A O   1 
ATOM   255  C CB  . ARG A 1 36  ? -16.578 3.479   -14.495 1.00 63.69  ? 36  ARG A CB  1 
ATOM   256  C CG  . ARG A 1 36  ? -16.395 4.976   -14.708 1.00 66.26  ? 36  ARG A CG  1 
ATOM   257  C CD  . ARG A 1 36  ? -17.400 5.549   -15.707 1.00 70.52  ? 36  ARG A CD  1 
ATOM   258  N NE  . ARG A 1 36  ? -17.122 6.957   -16.030 1.00 72.95  ? 36  ARG A NE  1 
ATOM   259  C CZ  . ARG A 1 36  ? -16.427 7.393   -17.086 1.00 73.14  ? 36  ARG A CZ  1 
ATOM   260  N NH1 . ARG A 1 36  ? -15.921 6.547   -17.976 1.00 72.09  ? 36  ARG A NH1 1 
ATOM   261  N NH2 . ARG A 1 36  ? -16.238 8.696   -17.262 1.00 73.97  ? 36  ARG A NH2 1 
ATOM   262  N N   . PRO A 1 37  ? -14.706 3.943   -11.587 1.00 64.68  ? 37  PRO A N   1 
ATOM   263  C CA  . PRO A 1 37  ? -14.806 4.248   -10.150 1.00 66.49  ? 37  PRO A CA  1 
ATOM   264  C C   . PRO A 1 37  ? -15.978 5.191   -9.850  1.00 71.60  ? 37  PRO A C   1 
ATOM   265  O O   . PRO A 1 37  ? -16.296 6.071   -10.673 1.00 70.76  ? 37  PRO A O   1 
ATOM   266  C CB  . PRO A 1 37  ? -13.466 4.913   -9.837  1.00 64.23  ? 37  PRO A CB  1 
ATOM   267  C CG  . PRO A 1 37  ? -13.019 5.489   -11.136 1.00 63.15  ? 37  PRO A CG  1 
ATOM   268  C CD  . PRO A 1 37  ? -13.502 4.546   -12.193 1.00 62.94  ? 37  PRO A CD  1 
ATOM   269  N N   . SER A 1 38  ? -16.614 4.988   -8.695  1.00 76.95  ? 38  SER A N   1 
ATOM   270  C CA  . SER A 1 38  ? -17.794 5.772   -8.300  1.00 82.21  ? 38  SER A CA  1 
ATOM   271  C C   . SER A 1 38  ? -17.801 6.076   -6.805  1.00 84.39  ? 38  SER A C   1 
ATOM   272  O O   . SER A 1 38  ? -17.547 7.209   -6.393  1.00 87.76  ? 38  SER A O   1 
ATOM   273  C CB  . SER A 1 38  ? -19.082 5.042   -8.698  1.00 83.79  ? 38  SER A CB  1 
ATOM   274  O OG  . SER A 1 38  ? -20.210 5.892   -8.589  1.00 87.64  ? 38  SER A OG  1 
ATOM   275  N N   . GLU A 1 51  ? -13.409 15.878  2.498   1.00 71.00  ? 51  GLU A N   1 
ATOM   276  C CA  . GLU A 1 51  ? -12.742 14.658  2.935   1.00 69.10  ? 51  GLU A CA  1 
ATOM   277  C C   . GLU A 1 51  ? -12.788 14.521  4.475   1.00 69.70  ? 51  GLU A C   1 
ATOM   278  O O   . GLU A 1 51  ? -12.963 15.530  5.163   1.00 70.24  ? 51  GLU A O   1 
ATOM   279  C CB  . GLU A 1 51  ? -11.302 14.590  2.376   1.00 68.24  ? 51  GLU A CB  1 
ATOM   280  C CG  . GLU A 1 51  ? -10.235 15.379  3.148   1.00 67.60  ? 51  GLU A CG  1 
ATOM   281  C CD  . GLU A 1 51  ? -8.829  15.245  2.559   1.00 65.19  ? 51  GLU A CD  1 
ATOM   282  O OE1 . GLU A 1 51  ? -7.854  15.540  3.286   1.00 63.91  ? 51  GLU A OE1 1 
ATOM   283  O OE2 . GLU A 1 51  ? -8.692  14.865  1.373   1.00 62.78  ? 51  GLU A OE2 1 
ATOM   284  N N   . PRO A 1 52  ? -12.655 13.273  5.015   1.00 67.49  ? 52  PRO A N   1 
ATOM   285  C CA  . PRO A 1 52  ? -12.618 13.073  6.483   1.00 67.38  ? 52  PRO A CA  1 
ATOM   286  C C   . PRO A 1 52  ? -11.469 13.805  7.189   1.00 66.18  ? 52  PRO A C   1 
ATOM   287  O O   . PRO A 1 52  ? -10.484 14.166  6.553   1.00 66.70  ? 52  PRO A O   1 
ATOM   288  C CB  . PRO A 1 52  ? -12.430 11.548  6.629   1.00 65.46  ? 52  PRO A CB  1 
ATOM   289  C CG  . PRO A 1 52  ? -12.074 11.041  5.271   1.00 63.69  ? 52  PRO A CG  1 
ATOM   290  C CD  . PRO A 1 52  ? -12.731 11.978  4.311   1.00 65.71  ? 52  PRO A CD  1 
ATOM   291  N N   . ALA A 1 53  ? -11.594 14.011  8.491   1.00 66.41  ? 53  ALA A N   1 
ATOM   292  C CA  . ALA A 1 53  ? -10.489 14.551  9.282   1.00 66.85  ? 53  ALA A CA  1 
ATOM   293  C C   . ALA A 1 53  ? -9.426  13.481  9.470   1.00 64.99  ? 53  ALA A C   1 
ATOM   294  O O   . ALA A 1 53  ? -8.230  13.780  9.472   1.00 64.99  ? 53  ALA A O   1 
ATOM   295  C CB  . ALA A 1 53  ? -10.972 15.068  10.628  1.00 68.21  ? 53  ALA A CB  1 
ATOM   296  N N   . ARG A 1 54  ? -9.870  12.228  9.610   1.00 61.65  ? 54  ARG A N   1 
ATOM   297  C CA  . ARG A 1 54  ? -8.981  11.129  9.943   1.00 57.27  ? 54  ARG A CA  1 
ATOM   298  C C   . ARG A 1 54  ? -9.351  9.889   9.146   1.00 52.61  ? 54  ARG A C   1 
ATOM   299  O O   . ARG A 1 54  ? -10.520 9.690   8.792   1.00 51.53  ? 54  ARG A O   1 
ATOM   300  C CB  . ARG A 1 54  ? -9.039  10.824  11.447  1.00 61.34  ? 54  ARG A CB  1 
ATOM   301  C CG  . ARG A 1 54  ? -8.727  11.999  12.371  1.00 66.68  ? 54  ARG A CG  1 
ATOM   302  C CD  . ARG A 1 54  ? -8.775  11.592  13.833  1.00 70.74  ? 54  ARG A CD  1 
ATOM   303  N NE  . ARG A 1 54  ? -7.510  10.995  14.268  1.00 72.98  ? 54  ARG A NE  1 
ATOM   304  C CZ  . ARG A 1 54  ? -6.518  11.657  14.872  1.00 76.53  ? 54  ARG A CZ  1 
ATOM   305  N NH1 . ARG A 1 54  ? -6.621  12.959  15.140  1.00 80.36  ? 54  ARG A NH1 1 
ATOM   306  N NH2 . ARG A 1 54  ? -5.407  11.009  15.215  1.00 76.26  ? 54  ARG A NH2 1 
ATOM   307  N N   . VAL A 1 55  ? -8.351  9.074   8.827   1.00 47.19  ? 55  VAL A N   1 
ATOM   308  C CA  . VAL A 1 55  ? -8.632  7.745   8.271   1.00 43.10  ? 55  VAL A CA  1 
ATOM   309  C C   . VAL A 1 55  ? -7.896  6.678   9.067   1.00 42.00  ? 55  VAL A C   1 
ATOM   310  O O   . VAL A 1 55  ? -6.880  6.965   9.742   1.00 41.44  ? 55  VAL A O   1 
ATOM   311  C CB  . VAL A 1 55  ? -8.285  7.622   6.767   1.00 41.57  ? 55  VAL A CB  1 
ATOM   312  C CG1 . VAL A 1 55  ? -9.142  8.573   5.930   1.00 42.37  ? 55  VAL A CG1 1 
ATOM   313  C CG2 . VAL A 1 55  ? -6.791  7.819   6.501   1.00 40.01  ? 55  VAL A CG2 1 
ATOM   314  N N   . ARG A 1 56  ? -8.409  5.456   8.973   1.00 39.75  ? 56  ARG A N   1 
ATOM   315  C CA  . ARG A 1 56  ? -7.757  4.308   9.552   1.00 38.84  ? 56  ARG A CA  1 
ATOM   316  C C   . ARG A 1 56  ? -7.304  3.415   8.416   1.00 36.18  ? 56  ARG A C   1 
ATOM   317  O O   . ARG A 1 56  ? -8.070  3.139   7.483   1.00 34.05  ? 56  ARG A O   1 
ATOM   318  C CB  . ARG A 1 56  ? -8.702  3.545   10.480  1.00 39.36  ? 56  ARG A CB  1 
ATOM   319  C CG  . ARG A 1 56  ? -7.995  2.514   11.340  1.00 39.62  ? 56  ARG A CG  1 
ATOM   320  C CD  . ARG A 1 56  ? -8.963  1.816   12.277  1.00 40.51  ? 56  ARG A CD  1 
ATOM   321  N NE  . ARG A 1 56  ? -8.305  0.714   12.973  1.00 41.13  ? 56  ARG A NE  1 
ATOM   322  C CZ  . ARG A 1 56  ? -8.911  -0.109  13.828  1.00 42.08  ? 56  ARG A CZ  1 
ATOM   323  N NH1 . ARG A 1 56  ? -10.202 0.048   14.116  1.00 42.83  ? 56  ARG A NH1 1 
ATOM   324  N NH2 . ARG A 1 56  ? -8.217  -1.087  14.412  1.00 41.04  ? 56  ARG A NH2 1 
ATOM   325  N N   . CYS A 1 57  ? -6.045  2.989   8.506   1.00 35.11  ? 57  CYS A N   1 
ATOM   326  C CA  . CYS A 1 57  ? -5.450  2.150   7.498   1.00 33.79  ? 57  CYS A CA  1 
ATOM   327  C C   . CYS A 1 57  ? -4.669  1.008   8.092   1.00 33.06  ? 57  CYS A C   1 
ATOM   328  O O   . CYS A 1 57  ? -4.139  1.113   9.191   1.00 32.57  ? 57  CYS A O   1 
ATOM   329  C CB  . CYS A 1 57  ? -4.511  2.972   6.608   1.00 33.98  ? 57  CYS A CB  1 
ATOM   330  S SG  . CYS A 1 57  ? -5.369  4.165   5.571   1.00 33.82  ? 57  CYS A SG  1 
ATOM   331  N N   . SER A 1 58  ? -4.618  -0.093  7.344   1.00 31.14  ? 58  SER A N   1 
ATOM   332  C CA  . SER A 1 58  ? -3.566  -1.065  7.557   1.00 30.74  ? 58  SER A CA  1 
ATOM   333  C C   . SER A 1 58  ? -2.558  -0.947  6.420   1.00 30.07  ? 58  SER A C   1 
ATOM   334  O O   . SER A 1 58  ? -2.861  -0.359  5.365   1.00 30.96  ? 58  SER A O   1 
ATOM   335  C CB  . SER A 1 58  ? -4.149  -2.457  7.644   1.00 30.17  ? 58  SER A CB  1 
ATOM   336  O OG  . SER A 1 58  ? -5.119  -2.506  8.674   1.00 31.62  ? 58  SER A OG  1 
ATOM   337  N N   . HIS A 1 59  ? -1.351  -1.458  6.644   1.00 29.76  ? 59  HIS A N   1 
ATOM   338  C CA  . HIS A 1 59  ? -0.347  -1.561  5.603   1.00 29.28  ? 59  HIS A CA  1 
ATOM   339  C C   . HIS A 1 59  ? 0.560   -2.804  5.728   1.00 28.80  ? 59  HIS A C   1 
ATOM   340  O O   . HIS A 1 59  ? 0.635   -3.453  6.790   1.00 28.45  ? 59  HIS A O   1 
ATOM   341  C CB  . HIS A 1 59  ? 0.454   -0.261  5.424   1.00 29.10  ? 59  HIS A CB  1 
ATOM   342  C CG  . HIS A 1 59  ? 1.643   -0.134  6.329   1.00 29.54  ? 59  HIS A CG  1 
ATOM   343  N ND1 . HIS A 1 59  ? 1.607   -0.446  7.670   1.00 30.90  ? 59  HIS A ND1 1 
ATOM   344  C CD2 . HIS A 1 59  ? 2.891   0.302   6.082   1.00 30.05  ? 59  HIS A CD2 1 
ATOM   345  C CE1 . HIS A 1 59  ? 2.790   -0.218  8.214   1.00 31.09  ? 59  HIS A CE1 1 
ATOM   346  N NE2 . HIS A 1 59  ? 3.583   0.260   7.274   1.00 31.85  ? 59  HIS A NE2 1 
ATOM   347  N N   . LEU A 1 60  ? 1.190   -3.124  4.606   1.00 28.14  ? 60  LEU A N   1 
ATOM   348  C CA  . LEU A 1 60  ? 2.143   -4.219  4.480   1.00 27.78  ? 60  LEU A CA  1 
ATOM   349  C C   . LEU A 1 60  ? 3.330   -3.555  3.810   1.00 28.34  ? 60  LEU A C   1 
ATOM   350  O O   . LEU A 1 60  ? 3.258   -3.131  2.657   1.00 28.11  ? 60  LEU A O   1 
ATOM   351  C CB  . LEU A 1 60  ? 1.548   -5.376  3.624   1.00 26.99  ? 60  LEU A CB  1 
ATOM   352  C CG  . LEU A 1 60  ? 2.356   -6.696  3.489   1.00 27.17  ? 60  LEU A CG  1 
ATOM   353  C CD1 . LEU A 1 60  ? 1.557   -7.796  2.753   1.00 26.31  ? 60  LEU A CD1 1 
ATOM   354  C CD2 . LEU A 1 60  ? 3.649   -6.495  2.722   1.00 27.71  ? 60  LEU A CD2 1 
ATOM   355  N N   . LEU A 1 61  ? 4.427   -3.427  4.556   1.00 29.07  ? 61  LEU A N   1 
ATOM   356  C CA  . LEU A 1 61  ? 5.604   -2.749  4.083   1.00 29.49  ? 61  LEU A CA  1 
ATOM   357  C C   . LEU A 1 61  ? 6.651   -3.770  3.674   1.00 29.93  ? 61  LEU A C   1 
ATOM   358  O O   . LEU A 1 61  ? 6.910   -4.700  4.415   1.00 30.39  ? 61  LEU A O   1 
ATOM   359  C CB  . LEU A 1 61  ? 6.181   -1.865  5.224   1.00 30.32  ? 61  LEU A CB  1 
ATOM   360  C CG  . LEU A 1 61  ? 7.579   -1.249  5.064   1.00 31.14  ? 61  LEU A CG  1 
ATOM   361  C CD1 . LEU A 1 61  ? 7.650   -0.238  3.935   1.00 30.93  ? 61  LEU A CD1 1 
ATOM   362  C CD2 . LEU A 1 61  ? 8.022   -0.597  6.382   1.00 32.30  ? 61  LEU A CD2 1 
ATOM   363  N N   . VAL A 1 62  ? 7.246   -3.586  2.501   1.00 29.74  ? 62  VAL A N   1 
ATOM   364  C CA  . VAL A 1 62  ? 8.407   -4.378  2.127   1.00 31.37  ? 62  VAL A CA  1 
ATOM   365  C C   . VAL A 1 62  ? 9.570   -3.401  2.014   1.00 32.71  ? 62  VAL A C   1 
ATOM   366  O O   . VAL A 1 62  ? 9.565   -2.460  1.196   1.00 32.10  ? 62  VAL A O   1 
ATOM   367  C CB  . VAL A 1 62  ? 8.193   -5.222  0.845   1.00 31.10  ? 62  VAL A CB  1 
ATOM   368  C CG1 . VAL A 1 62  ? 9.434   -6.085  0.544   1.00 31.91  ? 62  VAL A CG1 1 
ATOM   369  C CG2 . VAL A 1 62  ? 6.957   -6.123  0.987   1.00 29.47  ? 62  VAL A CG2 1 
ATOM   370  N N   . LYS A 1 63  ? 10.553  -3.613  2.872   1.00 34.27  ? 63  LYS A N   1 
ATOM   371  C CA  . LYS A 1 63  ? 11.730  -2.744  2.893   1.00 36.04  ? 63  LYS A CA  1 
ATOM   372  C C   . LYS A 1 63  ? 12.785  -3.255  1.926   1.00 37.20  ? 63  LYS A C   1 
ATOM   373  O O   . LYS A 1 63  ? 12.680  -4.392  1.445   1.00 37.28  ? 63  LYS A O   1 
ATOM   374  C CB  . LYS A 1 63  ? 12.283  -2.642  4.303   1.00 37.01  ? 63  LYS A CB  1 
ATOM   375  C CG  . LYS A 1 63  ? 11.470  -1.750  5.232   1.00 36.64  ? 63  LYS A CG  1 
ATOM   376  C CD  . LYS A 1 63  ? 12.328  -1.385  6.442   1.00 37.95  ? 63  LYS A CD  1 
ATOM   377  C CE  . LYS A 1 63  ? 11.565  -0.587  7.481   1.00 37.89  ? 63  LYS A CE  1 
ATOM   378  N NZ  . LYS A 1 63  ? 12.494  -0.110  8.563   1.00 39.43  ? 63  LYS A NZ  1 
ATOM   379  N N   . HIS A 1 64  ? 13.775  -2.417  1.632   1.00 37.69  ? 64  HIS A N   1 
ATOM   380  C CA  . HIS A 1 64  ? 14.840  -2.756  0.695   1.00 38.53  ? 64  HIS A CA  1 
ATOM   381  C C   . HIS A 1 64  ? 16.137  -2.054  1.064   1.00 40.60  ? 64  HIS A C   1 
ATOM   382  O O   . HIS A 1 64  ? 16.163  -1.242  2.007   1.00 41.55  ? 64  HIS A O   1 
ATOM   383  C CB  . HIS A 1 64  ? 14.450  -2.416  -0.749  1.00 37.67  ? 64  HIS A CB  1 
ATOM   384  C CG  . HIS A 1 64  ? 13.890  -1.039  -0.917  1.00 37.46  ? 64  HIS A CG  1 
ATOM   385  N ND1 . HIS A 1 64  ? 14.681  0.084   -0.961  1.00 38.19  ? 64  HIS A ND1 1 
ATOM   386  C CD2 . HIS A 1 64  ? 12.610  -0.606  -1.031  1.00 36.25  ? 64  HIS A CD2 1 
ATOM   387  C CE1 . HIS A 1 64  ? 13.917  1.153   -1.111  1.00 38.37  ? 64  HIS A CE1 1 
ATOM   388  N NE2 . HIS A 1 64  ? 12.654  0.761   -1.165  1.00 36.54  ? 64  HIS A NE2 1 
ATOM   389  N N   . SER A 1 65  ? 17.203  -2.345  0.311   1.00 41.25  ? 65  SER A N   1 
ATOM   390  C CA  . SER A 1 65  ? 18.535  -1.801  0.613   1.00 43.09  ? 65  SER A CA  1 
ATOM   391  C C   . SER A 1 65  ? 18.594  -0.266  0.607   1.00 43.38  ? 65  SER A C   1 
ATOM   392  O O   . SER A 1 65  ? 19.456  0.314   1.271   1.00 43.79  ? 65  SER A O   1 
ATOM   393  C CB  . SER A 1 65  ? 19.635  -2.418  -0.267  1.00 43.80  ? 65  SER A CB  1 
ATOM   394  O OG  . SER A 1 65  ? 19.441  -2.124  -1.635  1.00 42.82  ? 65  SER A OG  1 
ATOM   395  N N   . GLN A 1 66  ? 17.659  0.375   -0.100  1.00 42.12  ? 66  GLN A N   1 
ATOM   396  C CA  . GLN A 1 66  ? 17.556  1.839   -0.115  1.00 42.74  ? 66  GLN A CA  1 
ATOM   397  C C   . GLN A 1 66  ? 16.606  2.461   0.912   1.00 42.02  ? 66  GLN A C   1 
ATOM   398  O O   . GLN A 1 66  ? 16.512  3.702   0.985   1.00 42.47  ? 66  GLN A O   1 
ATOM   399  C CB  . GLN A 1 66  ? 17.285  2.378   -1.526  1.00 41.98  ? 66  GLN A CB  1 
ATOM   400  C CG  . GLN A 1 66  ? 18.496  2.282   -2.425  1.00 44.62  ? 66  GLN A CG  1 
ATOM   401  C CD  . GLN A 1 66  ? 18.302  2.997   -3.741  1.00 45.34  ? 66  GLN A CD  1 
ATOM   402  O OE1 . GLN A 1 66  ? 18.530  4.201   -3.839  1.00 46.33  ? 66  GLN A OE1 1 
ATOM   403  N NE2 . GLN A 1 66  ? 17.896  2.252   -4.770  1.00 44.78  ? 66  GLN A NE2 1 
ATOM   404  N N   . SER A 1 67  ? 15.949  1.619   1.722   1.00 41.01  ? 67  SER A N   1 
ATOM   405  C CA  . SER A 1 67  ? 15.121  2.076   2.835   1.00 41.06  ? 67  SER A CA  1 
ATOM   406  C C   . SER A 1 67  ? 15.981  2.911   3.758   1.00 44.25  ? 67  SER A C   1 
ATOM   407  O O   . SER A 1 67  ? 17.189  2.647   3.910   1.00 44.66  ? 67  SER A O   1 
ATOM   408  C CB  . SER A 1 67  ? 14.483  0.899   3.608   1.00 40.16  ? 67  SER A CB  1 
ATOM   409  O OG  . SER A 1 67  ? 13.396  0.281   2.870   1.00 36.60  ? 67  SER A OG  1 
ATOM   410  N N   . ARG A 1 68  ? 15.367  3.931   4.354   1.00 46.12  ? 68  ARG A N   1 
ATOM   411  C CA  . ARG A 1 68  ? 16.088  4.831   5.259   1.00 48.78  ? 68  ARG A CA  1 
ATOM   412  C C   . ARG A 1 68  ? 16.665  4.082   6.456   1.00 49.75  ? 68  ARG A C   1 
ATOM   413  O O   . ARG A 1 68  ? 17.702  4.474   6.988   1.00 50.41  ? 68  ARG A O   1 
ATOM   414  C CB  . ARG A 1 68  ? 15.222  6.022   5.693   1.00 50.71  ? 68  ARG A CB  1 
ATOM   415  C CG  . ARG A 1 68  ? 14.010  5.697   6.564   1.00 50.90  ? 68  ARG A CG  1 
ATOM   416  C CD  . ARG A 1 68  ? 13.426  6.980   7.130   1.00 53.03  ? 68  ARG A CD  1 
ATOM   417  N NE  . ARG A 1 68  ? 12.253  6.740   7.972   1.00 53.96  ? 68  ARG A NE  1 
ATOM   418  C CZ  . ARG A 1 68  ? 11.264  7.610   8.158   1.00 54.48  ? 68  ARG A CZ  1 
ATOM   419  N NH1 . ARG A 1 68  ? 11.287  8.799   7.563   1.00 56.37  ? 68  ARG A NH1 1 
ATOM   420  N NH2 . ARG A 1 68  ? 10.245  7.293   8.945   1.00 54.83  ? 68  ARG A NH2 1 
ATOM   421  N N   . ARG A 1 69  ? 16.000  2.995   6.848   1.00 48.71  ? 69  ARG A N   1 
ATOM   422  C CA  . ARG A 1 69  ? 16.489  2.091   7.886   1.00 49.97  ? 69  ARG A CA  1 
ATOM   423  C C   . ARG A 1 69  ? 16.295  0.632   7.427   1.00 48.57  ? 69  ARG A C   1 
ATOM   424  O O   . ARG A 1 69  ? 15.218  0.044   7.661   1.00 47.29  ? 69  ARG A O   1 
ATOM   425  C CB  . ARG A 1 69  ? 15.744  2.350   9.183   1.00 51.68  ? 69  ARG A CB  1 
ATOM   426  C CG  . ARG A 1 69  ? 16.620  2.254   10.420  1.00 56.07  ? 69  ARG A CG  1 
ATOM   427  C CD  . ARG A 1 69  ? 15.769  2.154   11.672  1.00 57.06  ? 69  ARG A CD  1 
ATOM   428  N NE  . ARG A 1 69  ? 14.780  1.079   11.551  1.00 56.41  ? 69  ARG A NE  1 
ATOM   429  C CZ  . ARG A 1 69  ? 13.606  1.060   12.173  1.00 57.20  ? 69  ARG A CZ  1 
ATOM   430  N NH1 . ARG A 1 69  ? 13.254  2.070   12.965  1.00 60.31  ? 69  ARG A NH1 1 
ATOM   431  N NH2 . ARG A 1 69  ? 12.765  0.049   11.987  1.00 54.84  ? 69  ARG A NH2 1 
ATOM   432  N N   . PRO A 1 70  ? 17.318  0.040   6.763   1.00 48.16  ? 70  PRO A N   1 
ATOM   433  C CA  . PRO A 1 70  ? 17.111  -1.273  6.151   1.00 46.55  ? 70  PRO A CA  1 
ATOM   434  C C   . PRO A 1 70  ? 17.201  -2.456  7.147   1.00 46.37  ? 70  PRO A C   1 
ATOM   435  O O   . PRO A 1 70  ? 18.162  -3.247  7.123   1.00 46.15  ? 70  PRO A O   1 
ATOM   436  C CB  . PRO A 1 70  ? 18.192  -1.322  5.071   1.00 47.92  ? 70  PRO A CB  1 
ATOM   437  C CG  . PRO A 1 70  ? 19.233  -0.303  5.476   1.00 49.82  ? 70  PRO A CG  1 
ATOM   438  C CD  . PRO A 1 70  ? 18.739  0.436   6.690   1.00 50.28  ? 70  PRO A CD  1 
ATOM   439  N N   . SER A 1 71  ? 16.163  -2.564  7.980   1.00 45.09  ? 71  SER A N   1 
ATOM   440  C CA  . SER A 1 71  ? 16.084  -3.463  9.137   1.00 45.20  ? 71  SER A CA  1 
ATOM   441  C C   . SER A 1 71  ? 14.618  -3.573  9.569   1.00 43.20  ? 71  SER A C   1 
ATOM   442  O O   . SER A 1 71  ? 13.881  -2.597  9.467   1.00 42.06  ? 71  SER A O   1 
ATOM   443  C CB  . SER A 1 71  ? 16.896  -2.870  10.291  1.00 47.46  ? 71  SER A CB  1 
ATOM   444  O OG  . SER A 1 71  ? 17.056  -3.809  11.335  1.00 49.65  ? 71  SER A OG  1 
ATOM   445  N N   . SER A 1 72  ? 14.208  -4.749  10.047  1.00 42.04  ? 72  SER A N   1 
ATOM   446  C CA  . SER A 1 72  ? 12.865  -4.970  10.597  1.00 41.35  ? 72  SER A CA  1 
ATOM   447  C C   . SER A 1 72  ? 12.927  -6.100  11.622  1.00 42.43  ? 72  SER A C   1 
ATOM   448  O O   . SER A 1 72  ? 13.970  -6.754  11.751  1.00 44.01  ? 72  SER A O   1 
ATOM   449  C CB  . SER A 1 72  ? 11.875  -5.335  9.478   1.00 38.88  ? 72  SER A CB  1 
ATOM   450  O OG  . SER A 1 72  ? 11.963  -6.722  9.134   1.00 37.43  ? 72  SER A OG  1 
ATOM   451  N N   . TRP A 1 73  ? 11.822  -6.331  12.341  1.00 41.80  ? 73  TRP A N   1 
ATOM   452  C CA  . TRP A 1 73  ? 11.674  -7.522  13.199  1.00 43.34  ? 73  TRP A CA  1 
ATOM   453  C C   . TRP A 1 73  ? 11.860  -8.846  12.405  1.00 43.20  ? 73  TRP A C   1 
ATOM   454  O O   . TRP A 1 73  ? 12.196  -9.862  12.995  1.00 44.36  ? 73  TRP A O   1 
ATOM   455  C CB  . TRP A 1 73  ? 10.311  -7.525  13.929  1.00 44.08  ? 73  TRP A CB  1 
ATOM   456  C CG  . TRP A 1 73  ? 9.094   -7.779  12.962  1.00 43.13  ? 73  TRP A CG  1 
ATOM   457  C CD1 . TRP A 1 73  ? 8.366   -6.835  12.324  1.00 42.46  ? 73  TRP A CD1 1 
ATOM   458  C CD2 . TRP A 1 73  ? 8.550   -9.051  12.548  1.00 44.89  ? 73  TRP A CD2 1 
ATOM   459  N NE1 . TRP A 1 73  ? 7.395   -7.421  11.530  1.00 41.81  ? 73  TRP A NE1 1 
ATOM   460  C CE2 . TRP A 1 73  ? 7.486   -8.780  11.654  1.00 42.65  ? 73  TRP A CE2 1 
ATOM   461  C CE3 . TRP A 1 73  ? 8.871   -10.398 12.835  1.00 46.22  ? 73  TRP A CE3 1 
ATOM   462  C CZ2 . TRP A 1 73  ? 6.726   -9.800  11.045  1.00 43.70  ? 73  TRP A CZ2 1 
ATOM   463  C CZ3 . TRP A 1 73  ? 8.104   -11.421 12.226  1.00 45.29  ? 73  TRP A CZ3 1 
ATOM   464  C CH2 . TRP A 1 73  ? 7.056   -11.110 11.342  1.00 44.99  ? 73  TRP A CH2 1 
ATOM   465  N N   . ARG A 1 74  ? 11.621  -8.826  11.088  1.00 43.22  ? 74  ARG A N   1 
ATOM   466  C CA  . ARG A 1 74  ? 11.786  -10.018 10.207  1.00 43.40  ? 74  ARG A CA  1 
ATOM   467  C C   . ARG A 1 74  ? 13.256  -10.368 9.910   1.00 45.09  ? 74  ARG A C   1 
ATOM   468  O O   . ARG A 1 74  ? 13.570  -11.533 9.723   1.00 45.03  ? 74  ARG A O   1 
ATOM   469  C CB  . ARG A 1 74  ? 11.064  -9.856  8.858   1.00 42.07  ? 74  ARG A CB  1 
ATOM   470  C CG  . ARG A 1 74  ? 9.594   -9.475  8.909   1.00 40.31  ? 74  ARG A CG  1 
ATOM   471  C CD  . ARG A 1 74  ? 8.908   -9.784  7.584   1.00 39.75  ? 74  ARG A CD  1 
ATOM   472  N NE  . ARG A 1 74  ? 9.002   -11.212 7.271   1.00 40.09  ? 74  ARG A NE  1 
ATOM   473  C CZ  . ARG A 1 74  ? 9.247   -11.745 6.074   1.00 40.74  ? 74  ARG A CZ  1 
ATOM   474  N NH1 . ARG A 1 74  ? 9.400   -10.982 4.982   1.00 39.68  ? 74  ARG A NH1 1 
ATOM   475  N NH2 . ARG A 1 74  ? 9.342   -13.081 5.976   1.00 41.86  ? 74  ARG A NH2 1 
ATOM   476  N N   . GLN A 1 75  ? 14.114  -9.351  9.782   1.00 46.07  ? 75  GLN A N   1 
ATOM   477  C CA  . GLN A 1 75  ? 15.560  -9.539  9.583   1.00 48.80  ? 75  GLN A CA  1 
ATOM   478  C C   . GLN A 1 75  ? 16.350  -8.279  9.848   1.00 49.06  ? 75  GLN A C   1 
ATOM   479  O O   . GLN A 1 75  ? 15.953  -7.179  9.427   1.00 48.91  ? 75  GLN A O   1 
ATOM   480  C CB  . GLN A 1 75  ? 15.935  -10.094 8.197   1.00 50.29  ? 75  GLN A CB  1 
ATOM   481  C CG  . GLN A 1 75  ? 15.171  -9.540  7.018   1.00 49.33  ? 75  GLN A CG  1 
ATOM   482  C CD  . GLN A 1 75  ? 15.839  -9.838  5.676   1.00 50.63  ? 75  GLN A CD  1 
ATOM   483  O OE1 . GLN A 1 75  ? 16.864  -10.534 5.594   1.00 52.82  ? 75  GLN A OE1 1 
ATOM   484  N NE2 . GLN A 1 75  ? 15.268  -9.298  4.620   1.00 48.77  ? 75  GLN A NE2 1 
ATOM   485  N N   . GLU A 1 76  ? 17.476  -8.478  10.527  1.00 49.69  ? 76  GLU A N   1 
ATOM   486  C CA  . GLU A 1 76  ? 18.336  -7.415  11.018  1.00 50.03  ? 76  GLU A CA  1 
ATOM   487  C C   . GLU A 1 76  ? 18.933  -6.532  9.915   1.00 49.28  ? 76  GLU A C   1 
ATOM   488  O O   . GLU A 1 76  ? 18.957  -5.302  10.047  1.00 48.91  ? 76  GLU A O   1 
ATOM   489  C CB  . GLU A 1 76  ? 19.446  -8.007  11.891  1.00 52.59  ? 76  GLU A CB  1 
ATOM   490  C CG  . GLU A 1 76  ? 20.010  -7.011  12.884  1.00 54.01  ? 76  GLU A CG  1 
ATOM   491  C CD  . GLU A 1 76  ? 20.950  -7.628  13.901  1.00 56.79  ? 76  GLU A CD  1 
ATOM   492  O OE1 . GLU A 1 76  ? 21.522  -6.835  14.685  1.00 57.64  ? 76  GLU A OE1 1 
ATOM   493  O OE2 . GLU A 1 76  ? 21.098  -8.878  13.940  1.00 57.01  ? 76  GLU A OE2 1 
ATOM   494  N N   . LYS A 1 77  ? 19.417  -7.157  8.840   1.00 49.28  ? 77  LYS A N   1 
ATOM   495  C CA  . LYS A 1 77  ? 19.890  -6.419  7.671   1.00 49.02  ? 77  LYS A CA  1 
ATOM   496  C C   . LYS A 1 77  ? 19.051  -6.801  6.455   1.00 46.58  ? 77  LYS A C   1 
ATOM   497  O O   . LYS A 1 77  ? 19.057  -7.948  6.009   1.00 46.33  ? 77  LYS A O   1 
ATOM   498  C CB  . LYS A 1 77  ? 21.390  -6.650  7.423   1.00 52.63  ? 77  LYS A CB  1 
ATOM   499  C CG  . LYS A 1 77  ? 21.975  -5.875  6.239   1.00 53.80  ? 77  LYS A CG  1 
ATOM   500  C CD  . LYS A 1 77  ? 22.277  -4.418  6.594   1.00 55.74  ? 77  LYS A CD  1 
ATOM   501  C CE  . LYS A 1 77  ? 23.068  -3.689  5.511   1.00 56.82  ? 77  LYS A CE  1 
ATOM   502  N NZ  . LYS A 1 77  ? 24.355  -4.352  5.119   1.00 58.98  ? 77  LYS A NZ  1 
ATOM   503  N N   . ILE A 1 78  ? 18.303  -5.835  5.937   1.00 44.39  ? 78  ILE A N   1 
ATOM   504  C CA  . ILE A 1 78  ? 17.522  -6.080  4.732   1.00 42.04  ? 78  ILE A CA  1 
ATOM   505  C C   . ILE A 1 78  ? 18.385  -5.784  3.502   1.00 42.22  ? 78  ILE A C   1 
ATOM   506  O O   . ILE A 1 78  ? 18.891  -4.673  3.346   1.00 42.30  ? 78  ILE A O   1 
ATOM   507  C CB  . ILE A 1 78  ? 16.167  -5.338  4.774   1.00 40.48  ? 78  ILE A CB  1 
ATOM   508  C CG1 . ILE A 1 78  ? 15.360  -5.910  5.950   1.00 40.29  ? 78  ILE A CG1 1 
ATOM   509  C CG2 . ILE A 1 78  ? 15.430  -5.506  3.440   1.00 38.58  ? 78  ILE A CG2 1 
ATOM   510  C CD1 . ILE A 1 78  ? 14.011  -5.297  6.231   1.00 39.57  ? 78  ILE A CD1 1 
ATOM   511  N N   . THR A 1 79  ? 18.537  -6.785  2.636   1.00 42.30  ? 79  THR A N   1 
ATOM   512  C CA  . THR A 1 79  ? 19.470  -6.731  1.499   1.00 43.57  ? 79  THR A CA  1 
ATOM   513  C C   . THR A 1 79  ? 18.811  -6.758  0.120   1.00 42.23  ? 79  THR A C   1 
ATOM   514  O O   . THR A 1 79  ? 19.459  -6.460  -0.896  1.00 42.09  ? 79  THR A O   1 
ATOM   515  C CB  . THR A 1 79  ? 20.487  -7.881  1.576   1.00 45.76  ? 79  THR A CB  1 
ATOM   516  O OG1 . THR A 1 79  ? 19.775  -9.120  1.589   1.00 46.17  ? 79  THR A OG1 1 
ATOM   517  C CG2 . THR A 1 79  ? 21.317  -7.779  2.846   1.00 47.82  ? 79  THR A CG2 1 
ATOM   518  N N   . ARG A 1 80  ? 17.527  -7.109  0.061   1.00 40.77  ? 80  ARG A N   1 
ATOM   519  C CA  . ARG A 1 80  ? 16.861  -7.132  -1.223  1.00 39.99  ? 80  ARG A CA  1 
ATOM   520  C C   . ARG A 1 80  ? 16.931  -5.742  -1.911  1.00 39.39  ? 80  ARG A C   1 
ATOM   521  O O   . ARG A 1 80  ? 16.924  -4.705  -1.251  1.00 39.63  ? 80  ARG A O   1 
ATOM   522  C CB  . ARG A 1 80  ? 15.431  -7.683  -1.093  1.00 38.95  ? 80  ARG A CB  1 
ATOM   523  C CG  . ARG A 1 80  ? 14.415  -6.750  -0.426  1.00 38.72  ? 80  ARG A CG  1 
ATOM   524  C CD  . ARG A 1 80  ? 13.032  -7.389  -0.406  1.00 37.88  ? 80  ARG A CD  1 
ATOM   525  N NE  . ARG A 1 80  ? 12.656  -7.811  0.946   1.00 39.92  ? 80  ARG A NE  1 
ATOM   526  C CZ  . ARG A 1 80  ? 12.675  -9.054  1.408   1.00 42.06  ? 80  ARG A CZ  1 
ATOM   527  N NH1 . ARG A 1 80  ? 13.089  -10.086 0.640   1.00 46.38  ? 80  ARG A NH1 1 
ATOM   528  N NH2 . ARG A 1 80  ? 12.298  -9.276  2.659   1.00 41.77  ? 80  ARG A NH2 1 
ATOM   529  N N   . THR A 1 81  ? 17.063  -5.746  -3.229  1.00 39.18  ? 81  THR A N   1 
ATOM   530  C CA  . THR A 1 81  ? 16.997  -4.536  -4.031  1.00 39.05  ? 81  THR A CA  1 
ATOM   531  C C   . THR A 1 81  ? 15.554  -3.978  -4.028  1.00 37.92  ? 81  THR A C   1 
ATOM   532  O O   . THR A 1 81  ? 14.597  -4.707  -3.759  1.00 35.48  ? 81  THR A O   1 
ATOM   533  C CB  . THR A 1 81  ? 17.442  -4.813  -5.482  1.00 39.83  ? 81  THR A CB  1 
ATOM   534  O OG1 . THR A 1 81  ? 16.505  -5.684  -6.141  1.00 37.82  ? 81  THR A OG1 1 
ATOM   535  C CG2 . THR A 1 81  ? 18.833  -5.451  -5.515  1.00 41.17  ? 81  THR A CG2 1 
ATOM   536  N N   . LYS A 1 82  ? 15.429  -2.675  -4.288  1.00 38.90  ? 82  LYS A N   1 
ATOM   537  C CA  . LYS A 1 82  ? 14.146  -2.026  -4.459  1.00 38.45  ? 82  LYS A CA  1 
ATOM   538  C C   . LYS A 1 82  ? 13.320  -2.721  -5.564  1.00 37.37  ? 82  LYS A C   1 
ATOM   539  O O   . LYS A 1 82  ? 12.088  -2.814  -5.448  1.00 35.95  ? 82  LYS A O   1 
ATOM   540  C CB  . LYS A 1 82  ? 14.359  -0.555  -4.788  1.00 40.59  ? 82  LYS A CB  1 
ATOM   541  C CG  . LYS A 1 82  ? 13.134  0.294   -4.469  1.00 42.81  ? 82  LYS A CG  1 
ATOM   542  C CD  . LYS A 1 82  ? 13.053  1.593   -5.268  1.00 44.48  ? 82  LYS A CD  1 
ATOM   543  C CE  . LYS A 1 82  ? 14.136  2.581   -4.933  1.00 46.67  ? 82  LYS A CE  1 
ATOM   544  N NZ  . LYS A 1 82  ? 14.676  3.106   -6.217  1.00 49.85  ? 82  LYS A NZ  1 
ATOM   545  N N   . GLU A 1 83  ? 13.991  -3.195  -6.617  1.00 37.20  ? 83  GLU A N   1 
ATOM   546  C CA  . GLU A 1 83  ? 13.318  -3.962  -7.682  1.00 37.26  ? 83  GLU A CA  1 
ATOM   547  C C   . GLU A 1 83  ? 12.745  -5.280  -7.161  1.00 36.03  ? 83  GLU A C   1 
ATOM   548  O O   . GLU A 1 83  ? 11.632  -5.664  -7.540  1.00 34.10  ? 83  GLU A O   1 
ATOM   549  C CB  . GLU A 1 83  ? 14.250  -4.234  -8.867  1.00 39.40  ? 83  GLU A CB  1 
ATOM   550  C CG  . GLU A 1 83  ? 13.521  -4.901  -10.033 1.00 40.25  ? 83  GLU A CG  1 
ATOM   551  C CD  . GLU A 1 83  ? 14.372  -5.057  -11.287 1.00 41.85  ? 83  GLU A CD  1 
ATOM   552  O OE1 . GLU A 1 83  ? 15.527  -4.592  -11.294 1.00 42.30  ? 83  GLU A OE1 1 
ATOM   553  O OE2 . GLU A 1 83  ? 13.870  -5.633  -12.277 1.00 41.88  ? 83  GLU A OE2 1 
ATOM   554  N N   . GLU A 1 84  ? 13.521  -5.966  -6.320  1.00 35.88  ? 84  GLU A N   1 
ATOM   555  C CA  . GLU A 1 84  ? 13.062  -7.199  -5.670  1.00 35.72  ? 84  GLU A CA  1 
ATOM   556  C C   . GLU A 1 84  ? 11.901  -6.951  -4.712  1.00 34.16  ? 84  GLU A C   1 
ATOM   557  O O   . GLU A 1 84  ? 10.963  -7.744  -4.663  1.00 34.31  ? 84  GLU A O   1 
ATOM   558  C CB  . GLU A 1 84  ? 14.206  -7.882  -4.935  1.00 36.74  ? 84  GLU A CB  1 
ATOM   559  C CG  . GLU A 1 84  ? 15.073  -8.687  -5.875  1.00 37.73  ? 84  GLU A CG  1 
ATOM   560  C CD  . GLU A 1 84  ? 16.458  -8.944  -5.322  1.00 39.24  ? 84  GLU A CD  1 
ATOM   561  O OE1 . GLU A 1 84  ? 16.837  -8.428  -4.244  1.00 39.09  ? 84  GLU A OE1 1 
ATOM   562  O OE2 . GLU A 1 84  ? 17.185  -9.668  -5.998  1.00 41.09  ? 84  GLU A OE2 1 
ATOM   563  N N   . ALA A 1 85  ? 11.956  -5.830  -3.994  1.00 33.23  ? 85  ALA A N   1 
ATOM   564  C CA  . ALA A 1 85  ? 10.877  -5.405  -3.088  1.00 31.65  ? 85  ALA A CA  1 
ATOM   565  C C   . ALA A 1 85  ? 9.567   -5.154  -3.849  1.00 30.11  ? 85  ALA A C   1 
ATOM   566  O O   . ALA A 1 85  ? 8.501   -5.596  -3.413  1.00 29.54  ? 85  ALA A O   1 
ATOM   567  C CB  . ALA A 1 85  ? 11.298  -4.165  -2.298  1.00 31.42  ? 85  ALA A CB  1 
ATOM   568  N N   . LEU A 1 86  ? 9.669   -4.481  -4.994  1.00 30.01  ? 86  LEU A N   1 
ATOM   569  C CA  . LEU A 1 86  ? 8.514   -4.212  -5.863  1.00 29.36  ? 86  LEU A CA  1 
ATOM   570  C C   . LEU A 1 86  ? 7.918   -5.523  -6.422  1.00 28.92  ? 86  LEU A C   1 
ATOM   571  O O   . LEU A 1 86  ? 6.708   -5.661  -6.466  1.00 28.07  ? 86  LEU A O   1 
ATOM   572  C CB  . LEU A 1 86  ? 8.889   -3.251  -7.009  1.00 29.13  ? 86  LEU A CB  1 
ATOM   573  C CG  . LEU A 1 86  ? 7.827   -2.815  -8.043  1.00 29.18  ? 86  LEU A CG  1 
ATOM   574  C CD1 . LEU A 1 86  ? 6.556   -2.312  -7.347  1.00 28.05  ? 86  LEU A CD1 1 
ATOM   575  C CD2 . LEU A 1 86  ? 8.395   -1.740  -8.989  1.00 29.11  ? 86  LEU A CD2 1 
ATOM   576  N N   . GLU A 1 87  ? 8.757   -6.486  -6.817  1.00 31.01  ? 87  GLU A N   1 
ATOM   577  C CA  . GLU A 1 87  ? 8.232   -7.792  -7.262  1.00 32.18  ? 87  GLU A CA  1 
ATOM   578  C C   . GLU A 1 87  ? 7.448   -8.525  -6.175  1.00 30.78  ? 87  GLU A C   1 
ATOM   579  O O   . GLU A 1 87  ? 6.431   -9.146  -6.454  1.00 30.18  ? 87  GLU A O   1 
ATOM   580  C CB  . GLU A 1 87  ? 9.328   -8.706  -7.811  1.00 36.29  ? 87  GLU A CB  1 
ATOM   581  C CG  . GLU A 1 87  ? 9.984   -8.156  -9.060  1.00 41.20  ? 87  GLU A CG  1 
ATOM   582  C CD  . GLU A 1 87  ? 9.316   -8.602  -10.351 1.00 45.55  ? 87  GLU A CD  1 
ATOM   583  O OE1 . GLU A 1 87  ? 10.087  -9.015  -11.256 1.00 49.86  ? 87  GLU A OE1 1 
ATOM   584  O OE2 . GLU A 1 87  ? 8.052   -8.544  -10.465 1.00 45.25  ? 87  GLU A OE2 1 
ATOM   585  N N   . LEU A 1 88  ? 7.931   -8.447  -4.939  1.00 29.70  ? 88  LEU A N   1 
ATOM   586  C CA  . LEU A 1 88  ? 7.267   -9.064  -3.792  1.00 28.47  ? 88  LEU A CA  1 
ATOM   587  C C   . LEU A 1 88  ? 5.907   -8.411  -3.511  1.00 27.11  ? 88  LEU A C   1 
ATOM   588  O O   . LEU A 1 88  ? 4.893   -9.109  -3.326  1.00 25.61  ? 88  LEU A O   1 
ATOM   589  C CB  . LEU A 1 88  ? 8.186   -9.029  -2.553  1.00 28.89  ? 88  LEU A CB  1 
ATOM   590  C CG  . LEU A 1 88  ? 9.271   -10.129 -2.547  1.00 30.57  ? 88  LEU A CG  1 
ATOM   591  C CD1 . LEU A 1 88  ? 10.393  -9.868  -1.519  1.00 31.16  ? 88  LEU A CD1 1 
ATOM   592  C CD2 . LEU A 1 88  ? 8.676   -11.508 -2.272  1.00 30.39  ? 88  LEU A CD2 1 
ATOM   593  N N   . ILE A 1 89  ? 5.904   -7.073  -3.497  1.00 26.60  ? 89  ILE A N   1 
ATOM   594  C CA  . ILE A 1 89  ? 4.677   -6.289  -3.385  1.00 25.66  ? 89  ILE A CA  1 
ATOM   595  C C   . ILE A 1 89  ? 3.671   -6.659  -4.491  1.00 25.58  ? 89  ILE A C   1 
ATOM   596  O O   . ILE A 1 89  ? 2.475   -6.911  -4.212  1.00 24.59  ? 89  ILE A O   1 
ATOM   597  C CB  . ILE A 1 89  ? 4.986   -4.782  -3.414  1.00 25.81  ? 89  ILE A CB  1 
ATOM   598  C CG1 . ILE A 1 89  ? 5.597   -4.340  -2.070  1.00 26.33  ? 89  ILE A CG1 1 
ATOM   599  C CG2 . ILE A 1 89  ? 3.741   -3.936  -3.735  1.00 24.97  ? 89  ILE A CG2 1 
ATOM   600  C CD1 . ILE A 1 89  ? 4.626   -4.160  -0.896  1.00 25.83  ? 89  ILE A CD1 1 
ATOM   601  N N   . ASN A 1 90  ? 4.153   -6.673  -5.734  1.00 26.09  ? 90  ASN A N   1 
ATOM   602  C CA  . ASN A 1 90  ? 3.300   -7.052  -6.863  1.00 27.01  ? 90  ASN A CA  1 
ATOM   603  C C   . ASN A 1 90  ? 2.679   -8.437  -6.689  1.00 27.20  ? 90  ASN A C   1 
ATOM   604  O O   . ASN A 1 90  ? 1.472   -8.628  -6.969  1.00 25.69  ? 90  ASN A O   1 
ATOM   605  C CB  . ASN A 1 90  ? 4.052   -6.941  -8.199  1.00 28.86  ? 90  ASN A CB  1 
ATOM   606  C CG  . ASN A 1 90  ? 4.269   -5.505  -8.634  1.00 30.86  ? 90  ASN A CG  1 
ATOM   607  O OD1 . ASN A 1 90  ? 3.522   -4.585  -8.273  1.00 32.06  ? 90  ASN A OD1 1 
ATOM   608  N ND2 . ASN A 1 90  ? 5.258   -5.317  -9.482  1.00 33.14  ? 90  ASN A ND2 1 
ATOM   609  N N   . GLY A 1 91  ? 3.489   -9.393  -6.222  1.00 27.18  ? 91  GLY A N   1 
ATOM   610  C CA  . GLY A 1 91  ? 3.021   -10.769 -5.953  1.00 27.12  ? 91  GLY A CA  1 
ATOM   611  C C   . GLY A 1 91  ? 1.946   -10.823 -4.853  1.00 26.93  ? 91  GLY A C   1 
ATOM   612  O O   . GLY A 1 91  ? 0.914   -11.488 -5.017  1.00 26.27  ? 91  GLY A O   1 
ATOM   613  N N   . TYR A 1 92  ? 2.154   -10.071 -3.764  1.00 25.36  ? 92  TYR A N   1 
ATOM   614  C CA  . TYR A 1 92  ? 1.181   -9.997  -2.647  1.00 24.86  ? 92  TYR A CA  1 
ATOM   615  C C   . TYR A 1 92  ? -0.145  -9.398  -3.118  1.00 23.90  ? 92  TYR A C   1 
ATOM   616  O O   . TYR A 1 92  ? -1.199  -9.918  -2.764  1.00 23.54  ? 92  TYR A O   1 
ATOM   617  C CB  . TYR A 1 92  ? 1.729   -9.133  -1.475  1.00 25.25  ? 92  TYR A CB  1 
ATOM   618  C CG  . TYR A 1 92  ? 2.977   -9.712  -0.835  1.00 26.65  ? 92  TYR A CG  1 
ATOM   619  C CD1 . TYR A 1 92  ? 3.189   -11.108 -0.797  1.00 27.06  ? 92  TYR A CD1 1 
ATOM   620  C CD2 . TYR A 1 92  ? 3.924   -8.883  -0.225  1.00 26.83  ? 92  TYR A CD2 1 
ATOM   621  C CE1 . TYR A 1 92  ? 4.339   -11.648 -0.205  1.00 28.75  ? 92  TYR A CE1 1 
ATOM   622  C CE2 . TYR A 1 92  ? 5.058   -9.412  0.372   1.00 27.94  ? 92  TYR A CE2 1 
ATOM   623  C CZ  . TYR A 1 92  ? 5.260   -10.789 0.366   1.00 28.94  ? 92  TYR A CZ  1 
ATOM   624  O OH  . TYR A 1 92  ? 6.392   -11.301 0.940   1.00 29.31  ? 92  TYR A OH  1 
ATOM   625  N N   . ILE A 1 93  ? -0.072  -8.327  -3.921  1.00 24.17  ? 93  ILE A N   1 
ATOM   626  C CA  . ILE A 1 93  ? -1.268  -7.681  -4.512  1.00 24.12  ? 93  ILE A CA  1 
ATOM   627  C C   . ILE A 1 93  ? -2.030  -8.708  -5.394  1.00 25.65  ? 93  ILE A C   1 
ATOM   628  O O   . ILE A 1 93  ? -3.252  -8.844  -5.309  1.00 25.17  ? 93  ILE A O   1 
ATOM   629  C CB  . ILE A 1 93  ? -0.906  -6.389  -5.282  1.00 24.01  ? 93  ILE A CB  1 
ATOM   630  C CG1 . ILE A 1 93  ? -0.440  -5.301  -4.272  1.00 24.48  ? 93  ILE A CG1 1 
ATOM   631  C CG2 . ILE A 1 93  ? -2.105  -5.881  -6.107  1.00 23.55  ? 93  ILE A CG2 1 
ATOM   632  C CD1 . ILE A 1 93  ? 0.116   -4.026  -4.901  1.00 25.17  ? 93  ILE A CD1 1 
ATOM   633  N N   . GLN A 1 94  ? -1.295  -9.458  -6.198  1.00 27.24  ? 94  GLN A N   1 
ATOM   634  C CA  . GLN A 1 94  ? -1.943  -10.507 -6.996  1.00 29.15  ? 94  GLN A CA  1 
ATOM   635  C C   . GLN A 1 94  ? -2.700  -11.511 -6.111  1.00 29.11  ? 94  GLN A C   1 
ATOM   636  O O   . GLN A 1 94  ? -3.862  -11.807 -6.410  1.00 29.52  ? 94  GLN A O   1 
ATOM   637  C CB  . GLN A 1 94  ? -0.945  -11.232 -7.880  1.00 32.10  ? 94  GLN A CB  1 
ATOM   638  C CG  . GLN A 1 94  ? -0.410  -10.391 -9.022  1.00 34.40  ? 94  GLN A CG  1 
ATOM   639  C CD  . GLN A 1 94  ? 0.577   -11.198 -9.839  1.00 38.48  ? 94  GLN A CD  1 
ATOM   640  O OE1 . GLN A 1 94  ? 1.425   -11.908 -9.280  1.00 40.91  ? 94  GLN A OE1 1 
ATOM   641  N NE2 . GLN A 1 94  ? 0.460   -11.129 -11.162 1.00 39.56  ? 94  GLN A NE2 1 
ATOM   642  N N   . LYS A 1 95  ? -2.046  -12.040 -5.062  1.00 28.89  ? 95  LYS A N   1 
ATOM   643  C CA  . LYS A 1 95  ? -2.680  -12.981 -4.130  1.00 29.14  ? 95  LYS A CA  1 
ATOM   644  C C   . LYS A 1 95  ? -3.890  -12.395 -3.398  1.00 27.50  ? 95  LYS A C   1 
ATOM   645  O O   . LYS A 1 95  ? -4.889  -13.079 -3.200  1.00 27.62  ? 95  LYS A O   1 
ATOM   646  C CB  . LYS A 1 95  ? -1.675  -13.551 -3.133  1.00 31.83  ? 95  LYS A CB  1 
ATOM   647  C CG  . LYS A 1 95  ? -0.635  -14.476 -3.779  1.00 35.83  ? 95  LYS A CG  1 
ATOM   648  C CD  . LYS A 1 95  ? 0.316   -15.066 -2.736  1.00 39.97  ? 95  LYS A CD  1 
ATOM   649  C CE  . LYS A 1 95  ? 1.703   -15.372 -3.333  1.00 44.79  ? 95  LYS A CE  1 
ATOM   650  N NZ  . LYS A 1 95  ? 2.644   -14.181 -3.273  1.00 46.44  ? 95  LYS A NZ  1 
ATOM   651  N N   . ILE A 1 96  ? -3.807  -11.123 -3.018  1.00 25.40  ? 96  ILE A N   1 
ATOM   652  C CA  . ILE A 1 96  ? -4.921  -10.482 -2.325  1.00 24.72  ? 96  ILE A CA  1 
ATOM   653  C C   . ILE A 1 96  ? -6.091  -10.314 -3.283  1.00 24.43  ? 96  ILE A C   1 
ATOM   654  O O   . ILE A 1 96  ? -7.221  -10.581 -2.907  1.00 24.85  ? 96  ILE A O   1 
ATOM   655  C CB  . ILE A 1 96  ? -4.505  -9.109  -1.728  1.00 24.87  ? 96  ILE A CB  1 
ATOM   656  C CG1 . ILE A 1 96  ? -3.466  -9.342  -0.617  1.00 24.92  ? 96  ILE A CG1 1 
ATOM   657  C CG2 . ILE A 1 96  ? -5.730  -8.348  -1.261  1.00 24.93  ? 96  ILE A CG2 1 
ATOM   658  C CD1 . ILE A 1 96  ? -2.644  -8.114  -0.225  1.00 26.32  ? 96  ILE A CD1 1 
ATOM   659  N N   . LYS A 1 97  ? -5.808  -9.873  -4.502  1.00 24.63  ? 97  LYS A N   1 
ATOM   660  C CA  . LYS A 1 97  ? -6.868  -9.627  -5.505  1.00 25.72  ? 97  LYS A CA  1 
ATOM   661  C C   . LYS A 1 97  ? -7.502  -10.918 -6.013  1.00 25.87  ? 97  LYS A C   1 
ATOM   662  O O   . LYS A 1 97  ? -8.681  -10.946 -6.404  1.00 26.50  ? 97  LYS A O   1 
ATOM   663  C CB  . LYS A 1 97  ? -6.299  -8.811  -6.683  1.00 25.98  ? 97  LYS A CB  1 
ATOM   664  C CG  . LYS A 1 97  ? -6.141  -7.321  -6.393  1.00 26.18  ? 97  LYS A CG  1 
ATOM   665  C CD  . LYS A 1 97  ? -5.902  -6.602  -7.704  1.00 27.14  ? 97  LYS A CD  1 
ATOM   666  C CE  . LYS A 1 97  ? -6.098  -5.103  -7.552  1.00 28.06  ? 97  LYS A CE  1 
ATOM   667  N NZ  . LYS A 1 97  ? -6.090  -4.406  -8.873  1.00 27.76  ? 97  LYS A NZ  1 
ATOM   668  N N   . SER A 1 98  ? -6.729  -11.987 -6.023  1.00 26.24  ? 98  SER A N   1 
ATOM   669  C CA  . SER A 1 98  ? -7.266  -13.288 -6.455  1.00 26.78  ? 98  SER A CA  1 
ATOM   670  C C   . SER A 1 98  ? -8.113  -13.922 -5.347  1.00 27.56  ? 98  SER A C   1 
ATOM   671  O O   . SER A 1 98  ? -8.874  -14.820 -5.613  1.00 27.68  ? 98  SER A O   1 
ATOM   672  C CB  . SER A 1 98  ? -6.142  -14.243 -6.803  1.00 27.05  ? 98  SER A CB  1 
ATOM   673  O OG  . SER A 1 98  ? -5.427  -14.564 -5.638  1.00 26.42  ? 98  SER A OG  1 
ATOM   674  N N   . GLY A 1 99  ? -7.961  -13.456 -4.105  1.00 28.00  ? 99  GLY A N   1 
ATOM   675  C CA  . GLY A 1 99  ? -8.598  -14.113 -2.955  1.00 29.49  ? 99  GLY A CA  1 
ATOM   676  C C   . GLY A 1 99  ? -7.887  -15.381 -2.481  1.00 31.19  ? 99  GLY A C   1 
ATOM   677  O O   . GLY A 1 99  ? -8.387  -16.063 -1.593  1.00 32.15  ? 99  GLY A O   1 
ATOM   678  N N   . GLU A 1 100 ? -6.717  -15.686 -3.042  1.00 32.28  ? 100 GLU A N   1 
ATOM   679  C CA  . GLU A 1 100 ? -5.924  -16.834 -2.581  1.00 36.54  ? 100 GLU A CA  1 
ATOM   680  C C   . GLU A 1 100 ? -5.470  -16.590 -1.151  1.00 35.92  ? 100 GLU A C   1 
ATOM   681  O O   . GLU A 1 100 ? -5.401  -17.501 -0.341  1.00 34.23  ? 100 GLU A O   1 
ATOM   682  C CB  . GLU A 1 100 ? -4.704  -17.036 -3.468  1.00 40.65  ? 100 GLU A CB  1 
ATOM   683  C CG  . GLU A 1 100 ? -5.001  -17.701 -4.813  1.00 47.16  ? 100 GLU A CG  1 
ATOM   684  C CD  . GLU A 1 100 ? -3.792  -17.603 -5.733  1.00 51.50  ? 100 GLU A CD  1 
ATOM   685  O OE1 . GLU A 1 100 ? -3.744  -16.656 -6.560  1.00 51.66  ? 100 GLU A OE1 1 
ATOM   686  O OE2 . GLU A 1 100 ? -2.859  -18.435 -5.568  1.00 54.59  ? 100 GLU A OE2 1 
ATOM   687  N N   . GLU A 1 101 ? -5.191  -15.324 -0.843  1.00 35.00  ? 101 GLU A N   1 
ATOM   688  C CA  . GLU A 1 101 ? -4.722  -14.938 0.471   1.00 35.89  ? 101 GLU A CA  1 
ATOM   689  C C   . GLU A 1 101 ? -5.424  -13.659 0.821   1.00 35.66  ? 101 GLU A C   1 
ATOM   690  O O   . GLU A 1 101 ? -5.837  -12.915 -0.075  1.00 34.77  ? 101 GLU A O   1 
ATOM   691  C CB  . GLU A 1 101 ? -3.225  -14.665 0.397   1.00 38.52  ? 101 GLU A CB  1 
ATOM   692  C CG  . GLU A 1 101 ? -2.392  -15.929 0.207   1.00 42.66  ? 101 GLU A CG  1 
ATOM   693  C CD  . GLU A 1 101 ? -2.028  -16.570 1.529   1.00 46.57  ? 101 GLU A CD  1 
ATOM   694  O OE1 . GLU A 1 101 ? -2.819  -16.460 2.496   1.00 49.58  ? 101 GLU A OE1 1 
ATOM   695  O OE2 . GLU A 1 101 ? -0.928  -17.162 1.614   1.00 50.21  ? 101 GLU A OE2 1 
ATOM   696  N N   . ASP A 1 102 ? -5.552  -13.359 2.102   1.00 35.86  ? 102 ASP A N   1 
ATOM   697  C CA  . ASP A 1 102 ? -6.071  -12.038 2.404   1.00 36.33  ? 102 ASP A CA  1 
ATOM   698  C C   . ASP A 1 102 ? -5.024  -11.076 2.951   1.00 33.41  ? 102 ASP A C   1 
ATOM   699  O O   . ASP A 1 102 ? -3.931  -11.478 3.401   1.00 32.70  ? 102 ASP A O   1 
ATOM   700  C CB  . ASP A 1 102 ? -7.417  -12.071 3.156   1.00 39.95  ? 102 ASP A CB  1 
ATOM   701  C CG  . ASP A 1 102 ? -7.354  -12.815 4.468   1.00 42.87  ? 102 ASP A CG  1 
ATOM   702  O OD1 . ASP A 1 102 ? -6.337  -12.709 5.193   1.00 44.39  ? 102 ASP A OD1 1 
ATOM   703  O OD2 . ASP A 1 102 ? -8.343  -13.523 4.782   1.00 45.99  ? 102 ASP A OD2 1 
ATOM   704  N N   . PHE A 1 103 ? -5.349  -9.801  2.833   1.00 31.36  ? 103 PHE A N   1 
ATOM   705  C CA  . PHE A 1 103 ? -4.441  -8.738  3.217   1.00 30.49  ? 103 PHE A CA  1 
ATOM   706  C C   . PHE A 1 103 ? -3.857  -8.967  4.614   1.00 29.55  ? 103 PHE A C   1 
ATOM   707  O O   . PHE A 1 103 ? -2.634  -8.881  4.788   1.00 27.84  ? 103 PHE A O   1 
ATOM   708  C CB  . PHE A 1 103 ? -5.123  -7.369  3.138   1.00 30.57  ? 103 PHE A CB  1 
ATOM   709  C CG  . PHE A 1 103 ? -4.210  -6.239  3.546   1.00 30.91  ? 103 PHE A CG  1 
ATOM   710  C CD1 . PHE A 1 103 ? -4.053  -5.899  4.897   1.00 32.27  ? 103 PHE A CD1 1 
ATOM   711  C CD2 . PHE A 1 103 ? -3.462  -5.554  2.592   1.00 31.03  ? 103 PHE A CD2 1 
ATOM   712  C CE1 . PHE A 1 103 ? -3.173  -4.888  5.274   1.00 32.10  ? 103 PHE A CE1 1 
ATOM   713  C CE2 . PHE A 1 103 ? -2.578  -4.552  2.972   1.00 31.37  ? 103 PHE A CE2 1 
ATOM   714  C CZ  . PHE A 1 103 ? -2.450  -4.217  4.307   1.00 31.22  ? 103 PHE A CZ  1 
ATOM   715  N N   . GLU A 1 104 ? -4.731  -9.265  5.587   1.00 29.16  ? 104 GLU A N   1 
ATOM   716  C CA  . GLU A 1 104 ? -4.334  -9.416  7.010   1.00 30.35  ? 104 GLU A CA  1 
ATOM   717  C C   . GLU A 1 104 ? -3.293  -10.511 7.192   1.00 30.40  ? 104 GLU A C   1 
ATOM   718  O O   . GLU A 1 104 ? -2.292  -10.333 7.887   1.00 30.64  ? 104 GLU A O   1 
ATOM   719  C CB  . GLU A 1 104 ? -5.568  -9.681  7.891   1.00 30.65  ? 104 GLU A CB  1 
ATOM   720  C CG  . GLU A 1 104 ? -6.549  -8.493  7.913   1.00 31.19  ? 104 GLU A CG  1 
ATOM   721  C CD  . GLU A 1 104 ? -7.604  -8.526  6.795   1.00 32.98  ? 104 GLU A CD  1 
ATOM   722  O OE1 . GLU A 1 104 ? -7.462  -9.293  5.809   1.00 32.03  ? 104 GLU A OE1 1 
ATOM   723  O OE2 . GLU A 1 104 ? -8.595  -7.767  6.908   1.00 34.15  ? 104 GLU A OE2 1 
ATOM   724  N N   . SER A 1 105 ? -3.540  -11.639 6.533   1.00 29.86  ? 105 SER A N   1 
ATOM   725  C CA  . SER A 1 105 ? -2.655  -12.785 6.580   1.00 30.43  ? 105 SER A CA  1 
ATOM   726  C C   . SER A 1 105 ? -1.257  -12.456 6.016   1.00 29.58  ? 105 SER A C   1 
ATOM   727  O O   . SER A 1 105 ? -0.253  -12.709 6.682   1.00 31.35  ? 105 SER A O   1 
ATOM   728  C CB  . SER A 1 105 ? -3.322  -13.955 5.841   1.00 31.40  ? 105 SER A CB  1 
ATOM   729  O OG  . SER A 1 105 ? -2.432  -15.039 5.808   1.00 35.60  ? 105 SER A OG  1 
ATOM   730  N N   . LEU A 1 106 ? -1.175  -11.861 4.823   1.00 28.37  ? 106 LEU A N   1 
ATOM   731  C CA  . LEU A 1 106 ? 0.135   -11.472 4.260   1.00 27.41  ? 106 LEU A CA  1 
ATOM   732  C C   . LEU A 1 106 ? 0.830   -10.362 5.093   1.00 27.46  ? 106 LEU A C   1 
ATOM   733  O O   . LEU A 1 106 ? 2.063   -10.376 5.287   1.00 28.71  ? 106 LEU A O   1 
ATOM   734  C CB  . LEU A 1 106 ? -0.035  -11.048 2.803   1.00 26.05  ? 106 LEU A CB  1 
ATOM   735  C CG  . LEU A 1 106 ? -0.611  -12.133 1.837   1.00 25.12  ? 106 LEU A CG  1 
ATOM   736  C CD1 . LEU A 1 106 ? -0.591  -11.580 0.420   1.00 24.45  ? 106 LEU A CD1 1 
ATOM   737  C CD2 . LEU A 1 106 ? 0.167   -13.444 1.872   1.00 26.22  ? 106 LEU A CD2 1 
ATOM   738  N N   . ALA A 1 107 ? 0.042   -9.436  5.622   1.00 27.24  ? 107 ALA A N   1 
ATOM   739  C CA  . ALA A 1 107 ? 0.622   -8.370  6.468   1.00 28.12  ? 107 ALA A CA  1 
ATOM   740  C C   . ALA A 1 107 ? 1.258   -8.995  7.720   1.00 29.57  ? 107 ALA A C   1 
ATOM   741  O O   . ALA A 1 107 ? 2.418   -8.678  8.056   1.00 29.79  ? 107 ALA A O   1 
ATOM   742  C CB  . ALA A 1 107 ? -0.434  -7.318  6.812   1.00 27.74  ? 107 ALA A CB  1 
ATOM   743  N N   . SER A 1 108 ? 0.537   -9.926  8.371   1.00 30.14  ? 108 SER A N   1 
ATOM   744  C CA  . SER A 1 108 ? 1.020   -10.591 9.591   1.00 31.23  ? 108 SER A CA  1 
ATOM   745  C C   . SER A 1 108 ? 2.336   -11.305 9.326   1.00 31.73  ? 108 SER A C   1 
ATOM   746  O O   . SER A 1 108 ? 3.246   -11.270 10.163  1.00 31.56  ? 108 SER A O   1 
ATOM   747  C CB  . SER A 1 108 ? 0.007   -11.628 10.093  1.00 31.79  ? 108 SER A CB  1 
ATOM   748  O OG  . SER A 1 108 ? -1.191  -11.005 10.447  1.00 33.71  ? 108 SER A OG  1 
ATOM   749  N N   . GLN A 1 109 ? 2.417   -11.927 8.150   1.00 31.17  ? 109 GLN A N   1 
ATOM   750  C CA  . GLN A 1 109 ? 3.561   -12.770 7.775   1.00 32.91  ? 109 GLN A CA  1 
ATOM   751  C C   . GLN A 1 109 ? 4.745   -12.002 7.210   1.00 32.80  ? 109 GLN A C   1 
ATOM   752  O O   . GLN A 1 109 ? 5.877   -12.329 7.530   1.00 33.47  ? 109 GLN A O   1 
ATOM   753  C CB  . GLN A 1 109 ? 3.133   -13.875 6.780   1.00 32.97  ? 109 GLN A CB  1 
ATOM   754  C CG  . GLN A 1 109 ? 2.176   -14.903 7.372   1.00 33.24  ? 109 GLN A CG  1 
ATOM   755  C CD  . GLN A 1 109 ? 1.667   -15.907 6.347   1.00 34.37  ? 109 GLN A CD  1 
ATOM   756  O OE1 . GLN A 1 109 ? 0.523   -15.803 5.842   1.00 34.03  ? 109 GLN A OE1 1 
ATOM   757  N NE2 . GLN A 1 109 ? 2.492   -16.885 6.045   1.00 33.97  ? 109 GLN A NE2 1 
ATOM   758  N N   . PHE A 1 110 ? 4.483   -10.955 6.423   1.00 31.30  ? 110 PHE A N   1 
ATOM   759  C CA  . PHE A 1 110 ? 5.508   -10.388 5.559   1.00 31.54  ? 110 PHE A CA  1 
ATOM   760  C C   . PHE A 1 110 ? 5.817   -8.891  5.719   1.00 31.69  ? 110 PHE A C   1 
ATOM   761  O O   . PHE A 1 110 ? 6.827   -8.416  5.189   1.00 33.31  ? 110 PHE A O   1 
ATOM   762  C CB  . PHE A 1 110 ? 5.226   -10.763 4.094   1.00 31.47  ? 110 PHE A CB  1 
ATOM   763  C CG  . PHE A 1 110 ? 5.134   -12.254 3.865   1.00 31.86  ? 110 PHE A CG  1 
ATOM   764  C CD1 . PHE A 1 110 ? 6.215   -13.091 4.158   1.00 32.81  ? 110 PHE A CD1 1 
ATOM   765  C CD2 . PHE A 1 110 ? 3.954   -12.829 3.349   1.00 31.90  ? 110 PHE A CD2 1 
ATOM   766  C CE1 . PHE A 1 110 ? 6.146   -14.476 3.971   1.00 33.87  ? 110 PHE A CE1 1 
ATOM   767  C CE2 . PHE A 1 110 ? 3.879   -14.216 3.143   1.00 31.92  ? 110 PHE A CE2 1 
ATOM   768  C CZ  . PHE A 1 110 ? 4.979   -15.035 3.459   1.00 33.90  ? 110 PHE A CZ  1 
ATOM   769  N N   . SER A 1 111 ? 4.981   -8.149  6.433   1.00 30.01  ? 111 SER A N   1 
ATOM   770  C CA  . SER A 1 111 ? 5.255   -6.715  6.594   1.00 30.19  ? 111 SER A CA  1 
ATOM   771  C C   . SER A 1 111 ? 6.530   -6.472  7.437   1.00 31.50  ? 111 SER A C   1 
ATOM   772  O O   . SER A 1 111 ? 6.634   -7.032  8.526   1.00 32.21  ? 111 SER A O   1 
ATOM   773  C CB  . SER A 1 111 ? 4.139   -5.995  7.278   1.00 28.49  ? 111 SER A CB  1 
ATOM   774  O OG  . SER A 1 111 ? 4.414   -4.626  7.162   1.00 28.80  ? 111 SER A OG  1 
ATOM   775  N N   . ASP A 1 112 ? 7.413   -5.612  6.926   1.00 32.17  ? 112 ASP A N   1 
ATOM   776  C CA  . ASP A 1 112 ? 8.701   -5.260  7.558   1.00 34.54  ? 112 ASP A CA  1 
ATOM   777  C C   . ASP A 1 112 ? 8.520   -4.078  8.551   1.00 35.81  ? 112 ASP A C   1 
ATOM   778  O O   . ASP A 1 112 ? 9.187   -3.066  8.442   1.00 35.96  ? 112 ASP A O   1 
ATOM   779  C CB  . ASP A 1 112 ? 9.747   -4.891  6.496   1.00 34.86  ? 112 ASP A CB  1 
ATOM   780  C CG  . ASP A 1 112 ? 10.435  -6.099  5.864   1.00 36.00  ? 112 ASP A CG  1 
ATOM   781  O OD1 . ASP A 1 112 ? 10.889  -7.010  6.595   1.00 37.52  ? 112 ASP A OD1 1 
ATOM   782  O OD2 . ASP A 1 112 ? 10.589  -6.104  4.619   1.00 35.19  ? 112 ASP A OD2 1 
ATOM   783  N N   . CYS A 1 113 ? 7.593   -4.243  9.496   1.00 37.33  ? 113 CYS A N   1 
ATOM   784  C CA  . CYS A 1 113 ? 7.162   -3.223  10.456  1.00 38.68  ? 113 CYS A CA  1 
ATOM   785  C C   . CYS A 1 113 ? 6.457   -4.039  11.542  1.00 38.98  ? 113 CYS A C   1 
ATOM   786  O O   . CYS A 1 113 ? 5.754   -4.993  11.223  1.00 37.58  ? 113 CYS A O   1 
ATOM   787  C CB  . CYS A 1 113 ? 6.166   -2.258  9.799   1.00 38.43  ? 113 CYS A CB  1 
ATOM   788  S SG  . CYS A 1 113 ? 5.744   -0.772  10.767  1.00 40.32  ? 113 CYS A SG  1 
ATOM   789  N N   . SER A 1 114 ? 6.628   -3.679  12.816  1.00 38.72  ? 114 SER A N   1 
ATOM   790  C CA  . SER A 1 114 ? 6.019   -4.479  13.906  1.00 38.92  ? 114 SER A CA  1 
ATOM   791  C C   . SER A 1 114 ? 4.483   -4.398  13.978  1.00 36.86  ? 114 SER A C   1 
ATOM   792  O O   . SER A 1 114 ? 3.851   -5.235  14.620  1.00 36.24  ? 114 SER A O   1 
ATOM   793  C CB  . SER A 1 114 ? 6.658   -4.185  15.269  1.00 41.97  ? 114 SER A CB  1 
ATOM   794  O OG  . SER A 1 114 ? 7.841   -4.969  15.457  1.00 44.02  ? 114 SER A OG  1 
ATOM   795  N N   . SER A 1 115 ? 3.894   -3.418  13.284  1.00 35.70  ? 115 SER A N   1 
ATOM   796  C CA  . SER A 1 115 ? 2.425   -3.394  13.019  1.00 34.11  ? 115 SER A CA  1 
ATOM   797  C C   . SER A 1 115 ? 1.904   -4.650  12.304  1.00 32.35  ? 115 SER A C   1 
ATOM   798  O O   . SER A 1 115 ? 0.683   -4.879  12.250  1.00 31.85  ? 115 SER A O   1 
ATOM   799  C CB  . SER A 1 115 ? 2.028   -2.139  12.246  1.00 33.95  ? 115 SER A CB  1 
ATOM   800  O OG  . SER A 1 115 ? 2.675   -2.104  10.988  1.00 33.58  ? 115 SER A OG  1 
ATOM   801  N N   . ALA A 1 116 ? 2.809   -5.474  11.775  1.00 31.97  ? 116 ALA A N   1 
ATOM   802  C CA  . ALA A 1 116 ? 2.453   -6.835  11.295  1.00 31.38  ? 116 ALA A CA  1 
ATOM   803  C C   . ALA A 1 116 ? 1.701   -7.618  12.366  1.00 31.85  ? 116 ALA A C   1 
ATOM   804  O O   . ALA A 1 116 ? 0.742   -8.314  12.071  1.00 29.91  ? 116 ALA A O   1 
ATOM   805  C CB  . ALA A 1 116 ? 3.711   -7.604  10.887  1.00 31.57  ? 116 ALA A CB  1 
ATOM   806  N N   . LYS A 1 117 ? 2.124   -7.469  13.623  1.00 32.62  ? 117 LYS A N   1 
ATOM   807  C CA  . LYS A 1 117 ? 1.473   -8.177  14.739  1.00 33.44  ? 117 LYS A CA  1 
ATOM   808  C C   . LYS A 1 117 ? 0.034   -7.736  15.043  1.00 31.90  ? 117 LYS A C   1 
ATOM   809  O O   . LYS A 1 117 ? -0.677  -8.423  15.772  1.00 31.73  ? 117 LYS A O   1 
ATOM   810  C CB  . LYS A 1 117 ? 2.377   -8.179  15.988  1.00 36.23  ? 117 LYS A CB  1 
ATOM   811  C CG  . LYS A 1 117 ? 3.784   -8.581  15.588  1.00 39.02  ? 117 LYS A CG  1 
ATOM   812  C CD  . LYS A 1 117 ? 4.524   -9.514  16.528  1.00 42.11  ? 117 LYS A CD  1 
ATOM   813  C CE  . LYS A 1 117 ? 5.931   -9.728  15.951  1.00 44.98  ? 117 LYS A CE  1 
ATOM   814  N NZ  . LYS A 1 117 ? 5.889   -10.037 14.466  1.00 44.36  ? 117 LYS A NZ  1 
ATOM   815  N N   . ALA A 1 118 ? -0.377  -6.598  14.479  1.00 31.31  ? 118 ALA A N   1 
ATOM   816  C CA  . ALA A 1 118 ? -1.762  -6.135  14.527  1.00 31.47  ? 118 ALA A CA  1 
ATOM   817  C C   . ALA A 1 118 ? -2.408  -6.269  13.143  1.00 30.97  ? 118 ALA A C   1 
ATOM   818  O O   . ALA A 1 118 ? -3.269  -5.448  12.755  1.00 30.16  ? 118 ALA A O   1 
ATOM   819  C CB  . ALA A 1 118 ? -1.834  -4.681  15.004  1.00 32.22  ? 118 ALA A CB  1 
ATOM   820  N N   . ARG A 1 119 ? -1.970  -7.278  12.385  1.00 31.04  ? 119 ARG A N   1 
ATOM   821  C CA  . ARG A 1 119 ? -2.503  -7.532  11.014  1.00 31.81  ? 119 ARG A CA  1 
ATOM   822  C C   . ARG A 1 119 ? -2.285  -6.327  10.083  1.00 30.44  ? 119 ARG A C   1 
ATOM   823  O O   . ARG A 1 119 ? -3.056  -6.096  9.143   1.00 29.37  ? 119 ARG A O   1 
ATOM   824  C CB  . ARG A 1 119 ? -3.989  -7.952  11.076  1.00 34.03  ? 119 ARG A CB  1 
ATOM   825  C CG  . ARG A 1 119 ? -4.197  -9.338  11.688  1.00 38.04  ? 119 ARG A CG  1 
ATOM   826  C CD  . ARG A 1 119 ? -5.548  -9.544  12.369  1.00 40.94  ? 119 ARG A CD  1 
ATOM   827  N NE  . ARG A 1 119 ? -6.453  -10.280 11.528  1.00 47.36  ? 119 ARG A NE  1 
ATOM   828  C CZ  . ARG A 1 119 ? -6.773  -11.585 11.615  1.00 48.60  ? 119 ARG A CZ  1 
ATOM   829  N NH1 . ARG A 1 119 ? -6.266  -12.400 12.546  1.00 47.79  ? 119 ARG A NH1 1 
ATOM   830  N NH2 . ARG A 1 119 ? -7.630  -12.061 10.722  1.00 45.98  ? 119 ARG A NH2 1 
ATOM   831  N N   . GLY A 1 120 ? -1.249  -5.540  10.388  1.00 30.04  ? 120 GLY A N   1 
ATOM   832  C CA  . GLY A 1 120 ? -0.874  -4.355  9.599   1.00 30.14  ? 120 GLY A CA  1 
ATOM   833  C C   . GLY A 1 120 ? -1.530  -3.037  10.007  1.00 30.31  ? 120 GLY A C   1 
ATOM   834  O O   . GLY A 1 120 ? -1.210  -2.009  9.450   1.00 29.49  ? 120 GLY A O   1 
ATOM   835  N N   . ASP A 1 121 ? -2.429  -3.078  10.989  1.00 32.01  ? 121 ASP A N   1 
ATOM   836  C CA  . ASP A 1 121 ? -3.230  -1.916  11.371  1.00 33.83  ? 121 ASP A CA  1 
ATOM   837  C C   . ASP A 1 121 ? -2.318  -0.857  12.016  1.00 35.96  ? 121 ASP A C   1 
ATOM   838  O O   . ASP A 1 121 ? -1.481  -1.171  12.869  1.00 35.64  ? 121 ASP A O   1 
ATOM   839  C CB  . ASP A 1 121 ? -4.419  -2.317  12.294  1.00 33.81  ? 121 ASP A CB  1 
ATOM   840  C CG  . ASP A 1 121 ? -5.180  -1.098  12.857  1.00 35.02  ? 121 ASP A CG  1 
ATOM   841  O OD1 . ASP A 1 121 ? -5.393  -0.096  12.131  1.00 35.08  ? 121 ASP A OD1 1 
ATOM   842  O OD2 . ASP A 1 121 ? -5.569  -1.145  14.042  1.00 35.47  ? 121 ASP A OD2 1 
ATOM   843  N N   . LEU A 1 122 ? -2.453  0.366   11.508  1.00 37.87  ? 122 LEU A N   1 
ATOM   844  C CA  . LEU A 1 122 ? -1.739  1.536   11.991  1.00 40.45  ? 122 LEU A CA  1 
ATOM   845  C C   . LEU A 1 122 ? -2.540  2.364   12.942  1.00 41.88  ? 122 LEU A C   1 
ATOM   846  O O   . LEU A 1 122 ? -1.973  3.219   13.633  1.00 43.83  ? 122 LEU A O   1 
ATOM   847  C CB  . LEU A 1 122 ? -1.373  2.466   10.824  1.00 41.56  ? 122 LEU A CB  1 
ATOM   848  C CG  . LEU A 1 122 ? -0.363  1.988   9.807   1.00 41.68  ? 122 LEU A CG  1 
ATOM   849  C CD1 . LEU A 1 122 ? -0.067  3.130   8.869   1.00 42.52  ? 122 LEU A CD1 1 
ATOM   850  C CD2 . LEU A 1 122 ? 0.886   1.567   10.542  1.00 42.60  ? 122 LEU A CD2 1 
ATOM   851  N N   . GLY A 1 123 ? -3.847  2.127   12.967  1.00 41.68  ? 123 GLY A N   1 
ATOM   852  C CA  . GLY A 1 123 ? -4.773  2.983   13.676  1.00 42.02  ? 123 GLY A CA  1 
ATOM   853  C C   . GLY A 1 123 ? -5.159  4.169   12.821  1.00 42.53  ? 123 GLY A C   1 
ATOM   854  O O   . GLY A 1 123 ? -4.869  4.221   11.617  1.00 42.41  ? 123 GLY A O   1 
ATOM   855  N N   . ALA A 1 124 ? -5.809  5.135   13.454  1.00 43.51  ? 124 ALA A N   1 
ATOM   856  C CA  . ALA A 1 124 ? -6.371  6.272   12.768  1.00 44.36  ? 124 ALA A CA  1 
ATOM   857  C C   . ALA A 1 124 ? -5.403  7.442   12.882  1.00 45.66  ? 124 ALA A C   1 
ATOM   858  O O   . ALA A 1 124 ? -4.730  7.598   13.896  1.00 46.76  ? 124 ALA A O   1 
ATOM   859  C CB  . ALA A 1 124 ? -7.738  6.622   13.344  1.00 44.59  ? 124 ALA A CB  1 
ATOM   860  N N   . PHE A 1 125 ? -5.324  8.232   11.820  1.00 46.25  ? 125 PHE A N   1 
ATOM   861  C CA  . PHE A 1 125 ? -4.402  9.374   11.719  1.00 47.33  ? 125 PHE A CA  1 
ATOM   862  C C   . PHE A 1 125 ? -5.019  10.440  10.823  1.00 48.17  ? 125 PHE A C   1 
ATOM   863  O O   . PHE A 1 125 ? -5.891  10.141  10.005  1.00 48.23  ? 125 PHE A O   1 
ATOM   864  C CB  . PHE A 1 125 ? -3.020  8.931   11.193  1.00 46.30  ? 125 PHE A CB  1 
ATOM   865  C CG  . PHE A 1 125 ? -3.064  8.242   9.839   1.00 44.33  ? 125 PHE A CG  1 
ATOM   866  C CD1 . PHE A 1 125 ? -3.281  6.865   9.747   1.00 43.09  ? 125 PHE A CD1 1 
ATOM   867  C CD2 . PHE A 1 125 ? -2.879  8.970   8.662   1.00 44.33  ? 125 PHE A CD2 1 
ATOM   868  C CE1 . PHE A 1 125 ? -3.334  6.236   8.501   1.00 41.44  ? 125 PHE A CE1 1 
ATOM   869  C CE2 . PHE A 1 125 ? -2.924  8.349   7.420   1.00 42.95  ? 125 PHE A CE2 1 
ATOM   870  C CZ  . PHE A 1 125 ? -3.145  6.978   7.338   1.00 41.19  ? 125 PHE A CZ  1 
ATOM   871  N N   . SER A 1 126 ? -4.586  11.685  11.000  1.00 50.94  ? 126 SER A N   1 
ATOM   872  C CA  . SER A 1 126 ? -5.017  12.797  10.158  1.00 51.47  ? 126 SER A CA  1 
ATOM   873  C C   . SER A 1 126 ? -3.848  13.216  9.256   1.00 51.34  ? 126 SER A C   1 
ATOM   874  O O   . SER A 1 126 ? -2.715  12.727  9.418   1.00 50.70  ? 126 SER A O   1 
ATOM   875  C CB  . SER A 1 126 ? -5.474  13.972  11.032  1.00 55.23  ? 126 SER A CB  1 
ATOM   876  O OG  . SER A 1 126 ? -4.426  14.345  11.901  1.00 56.75  ? 126 SER A OG  1 
ATOM   877  N N   . ARG A 1 127 ? -4.117  14.115  8.309   1.00 51.96  ? 127 ARG A N   1 
ATOM   878  C CA  . ARG A 1 127 ? -3.054  14.737  7.511   1.00 51.88  ? 127 ARG A CA  1 
ATOM   879  C C   . ARG A 1 127 ? -2.010  15.380  8.433   1.00 54.71  ? 127 ARG A C   1 
ATOM   880  O O   . ARG A 1 127 ? -2.342  15.845  9.539   1.00 55.90  ? 127 ARG A O   1 
ATOM   881  C CB  . ARG A 1 127 ? -3.622  15.736  6.498   1.00 51.64  ? 127 ARG A CB  1 
ATOM   882  C CG  . ARG A 1 127 ? -4.386  15.090  5.346   1.00 49.68  ? 127 ARG A CG  1 
ATOM   883  C CD  . ARG A 1 127 ? -4.526  16.034  4.167   1.00 49.60  ? 127 ARG A CD  1 
ATOM   884  N NE  . ARG A 1 127 ? -5.154  15.392  2.998   1.00 48.16  ? 127 ARG A NE  1 
ATOM   885  C CZ  . ARG A 1 127 ? -4.507  14.795  2.000   1.00 45.15  ? 127 ARG A CZ  1 
ATOM   886  N NH1 . ARG A 1 127 ? -3.198  14.716  1.994   1.00 44.30  ? 127 ARG A NH1 1 
ATOM   887  N NH2 . ARG A 1 127 ? -5.182  14.281  0.992   1.00 44.61  ? 127 ARG A NH2 1 
ATOM   888  N N   . GLY A 1 128 ? -0.750  15.330  8.008   1.00 55.00  ? 128 GLY A N   1 
ATOM   889  C CA  . GLY A 1 128 ? 0.364   15.846  8.806   1.00 56.25  ? 128 GLY A CA  1 
ATOM   890  C C   . GLY A 1 128 ? 1.130   14.834  9.651   1.00 56.74  ? 128 GLY A C   1 
ATOM   891  O O   . GLY A 1 128 ? 2.061   15.216  10.352  1.00 58.44  ? 128 GLY A O   1 
ATOM   892  N N   . GLN A 1 129 ? 0.778   13.544  9.582   1.00 54.87  ? 129 GLN A N   1 
ATOM   893  C CA  . GLN A 1 129 ? 1.339   12.561  10.524  1.00 54.13  ? 129 GLN A CA  1 
ATOM   894  C C   . GLN A 1 129 ? 2.233   11.499  9.898   1.00 52.25  ? 129 GLN A C   1 
ATOM   895  O O   . GLN A 1 129 ? 3.237   11.101  10.491  1.00 52.15  ? 129 GLN A O   1 
ATOM   896  C CB  . GLN A 1 129 ? 0.227   11.883  11.311  1.00 55.15  ? 129 GLN A CB  1 
ATOM   897  C CG  . GLN A 1 129 ? -0.404  12.778  12.361  1.00 58.45  ? 129 GLN A CG  1 
ATOM   898  C CD  . GLN A 1 129 ? -1.217  11.980  13.353  1.00 59.35  ? 129 GLN A CD  1 
ATOM   899  O OE1 . GLN A 1 129 ? -2.371  11.628  13.091  1.00 59.28  ? 129 GLN A OE1 1 
ATOM   900  N NE2 . GLN A 1 129 ? -0.615  11.689  14.509  1.00 60.57  ? 129 GLN A NE2 1 
ATOM   901  N N   . MET A 1 130 ? 1.845   11.043  8.710   1.00 48.75  ? 130 MET A N   1 
ATOM   902  C CA  . MET A 1 130 ? 2.576   10.023  7.964   1.00 47.81  ? 130 MET A CA  1 
ATOM   903  C C   . MET A 1 130 ? 3.323   10.669  6.793   1.00 46.80  ? 130 MET A C   1 
ATOM   904  O O   . MET A 1 130 ? 3.105   11.846  6.510   1.00 47.22  ? 130 MET A O   1 
ATOM   905  C CB  . MET A 1 130 ? 1.575   8.954   7.490   1.00 47.13  ? 130 MET A CB  1 
ATOM   906  C CG  . MET A 1 130 ? 0.971   8.153   8.645   1.00 48.13  ? 130 MET A CG  1 
ATOM   907  S SD  . MET A 1 130 ? 2.172   7.047   9.435   1.00 51.12  ? 130 MET A SD  1 
ATOM   908  C CE  . MET A 1 130 ? 2.465   5.821   8.155   1.00 49.16  ? 130 MET A CE  1 
ATOM   909  N N   . GLN A 1 131 ? 4.222   9.931   6.141   1.00 45.21  ? 131 GLN A N   1 
ATOM   910  C CA  . GLN A 1 131 ? 4.922   10.448  4.964   1.00 45.31  ? 131 GLN A CA  1 
ATOM   911  C C   . GLN A 1 131 ? 3.935   10.779  3.846   1.00 43.99  ? 131 GLN A C   1 
ATOM   912  O O   . GLN A 1 131 ? 2.979   10.029  3.626   1.00 42.38  ? 131 GLN A O   1 
ATOM   913  C CB  . GLN A 1 131 ? 5.973   9.453   4.472   1.00 45.96  ? 131 GLN A CB  1 
ATOM   914  C CG  . GLN A 1 131 ? 7.184   9.381   5.403   1.00 48.73  ? 131 GLN A CG  1 
ATOM   915  C CD  . GLN A 1 131 ? 8.274   8.445   4.889   1.00 49.13  ? 131 GLN A CD  1 
ATOM   916  O OE1 . GLN A 1 131 ? 8.913   8.713   3.861   1.00 49.33  ? 131 GLN A OE1 1 
ATOM   917  N NE2 . GLN A 1 131 ? 8.509   7.351   5.618   1.00 49.45  ? 131 GLN A NE2 1 
ATOM   918  N N   . LYS A 1 132 ? 4.183   11.891  3.144   1.00 42.91  ? 132 LYS A N   1 
ATOM   919  C CA  . LYS A 1 132 ? 3.254   12.427  2.132   1.00 41.73  ? 132 LYS A CA  1 
ATOM   920  C C   . LYS A 1 132 ? 2.722   11.421  1.086   1.00 38.60  ? 132 LYS A C   1 
ATOM   921  O O   . LYS A 1 132 ? 1.519   11.432  0.812   1.00 38.60  ? 132 LYS A O   1 
ATOM   922  C CB  . LYS A 1 132 ? 3.840   13.679  1.439   1.00 43.68  ? 132 LYS A CB  1 
ATOM   923  C CG  . LYS A 1 132 ? 2.809   14.678  0.928   1.00 45.50  ? 132 LYS A CG  1 
ATOM   924  C CD  . LYS A 1 132 ? 2.024   15.324  2.059   1.00 48.04  ? 132 LYS A CD  1 
ATOM   925  C CE  . LYS A 1 132 ? 1.163   16.492  1.604   1.00 50.04  ? 132 LYS A CE  1 
ATOM   926  N NZ  . LYS A 1 132 ? 0.052   16.081  0.686   1.00 48.63  ? 132 LYS A NZ  1 
ATOM   927  N N   . PRO A 1 133 ? 3.599   10.576  0.488   1.00 36.34  ? 133 PRO A N   1 
ATOM   928  C CA  . PRO A 1 133 ? 2.986   9.612   -0.432  1.00 35.01  ? 133 PRO A CA  1 
ATOM   929  C C   . PRO A 1 133 ? 1.983   8.681   0.249   1.00 33.79  ? 133 PRO A C   1 
ATOM   930  O O   . PRO A 1 133 ? 0.937   8.397   -0.347  1.00 34.56  ? 133 PRO A O   1 
ATOM   931  C CB  . PRO A 1 133 ? 4.186   8.856   -1.009  1.00 33.96  ? 133 PRO A CB  1 
ATOM   932  C CG  . PRO A 1 133 ? 5.334   9.833   -0.850  1.00 35.95  ? 133 PRO A CG  1 
ATOM   933  C CD  . PRO A 1 133 ? 5.068   10.430  0.492   1.00 36.17  ? 133 PRO A CD  1 
ATOM   934  N N   . PHE A 1 134 ? 2.294   8.241   1.469   1.00 33.39  ? 134 PHE A N   1 
ATOM   935  C CA  . PHE A 1 134 ? 1.423   7.368   2.278   1.00 32.24  ? 134 PHE A CA  1 
ATOM   936  C C   . PHE A 1 134 ? 0.132   8.126   2.630   1.00 32.64  ? 134 PHE A C   1 
ATOM   937  O O   . PHE A 1 134 ? -0.992  7.651   2.374   1.00 30.95  ? 134 PHE A O   1 
ATOM   938  C CB  . PHE A 1 134 ? 2.159   6.889   3.540   1.00 31.94  ? 134 PHE A CB  1 
ATOM   939  C CG  . PHE A 1 134 ? 1.465   5.784   4.267   1.00 31.46  ? 134 PHE A CG  1 
ATOM   940  C CD1 . PHE A 1 134 ? 0.350   6.043   5.071   1.00 31.47  ? 134 PHE A CD1 1 
ATOM   941  C CD2 . PHE A 1 134 ? 1.887   4.437   4.104   1.00 30.35  ? 134 PHE A CD2 1 
ATOM   942  C CE1 . PHE A 1 134 ? -0.318  5.025   5.723   1.00 31.10  ? 134 PHE A CE1 1 
ATOM   943  C CE2 . PHE A 1 134 ? 1.220   3.415   4.780   1.00 30.03  ? 134 PHE A CE2 1 
ATOM   944  C CZ  . PHE A 1 134 ? 0.112   3.702   5.574   1.00 29.85  ? 134 PHE A CZ  1 
ATOM   945  N N   . GLU A 1 135 ? 0.292   9.329   3.167   1.00 33.82  ? 135 GLU A N   1 
ATOM   946  C CA  . GLU A 1 135 ? -0.860  10.168  3.457   1.00 35.24  ? 135 GLU A CA  1 
ATOM   947  C C   . GLU A 1 135 ? -1.790  10.400  2.261   1.00 34.59  ? 135 GLU A C   1 
ATOM   948  O O   . GLU A 1 135 ? -3.001  10.177  2.385   1.00 35.34  ? 135 GLU A O   1 
ATOM   949  C CB  . GLU A 1 135 ? -0.397  11.506  4.061   1.00 36.61  ? 135 GLU A CB  1 
ATOM   950  C CG  . GLU A 1 135 ? -1.512  12.498  4.230   1.00 38.93  ? 135 GLU A CG  1 
ATOM   951  C CD  . GLU A 1 135 ? -1.006  13.882  4.612   1.00 41.42  ? 135 GLU A CD  1 
ATOM   952  O OE1 . GLU A 1 135 ? -0.276  13.987  5.616   1.00 42.42  ? 135 GLU A OE1 1 
ATOM   953  O OE2 . GLU A 1 135 ? -1.323  14.844  3.881   1.00 43.18  ? 135 GLU A OE2 1 
ATOM   954  N N   . ASP A 1 136 ? -1.238  10.849  1.128   1.00 34.37  ? 136 ASP A N   1 
ATOM   955  C CA  . ASP A 1 136 ? -2.038  11.171  -0.064  1.00 34.52  ? 136 ASP A CA  1 
ATOM   956  C C   . ASP A 1 136 ? -2.808  9.928   -0.547  1.00 32.65  ? 136 ASP A C   1 
ATOM   957  O O   . ASP A 1 136 ? -4.013  10.012  -0.847  1.00 32.71  ? 136 ASP A O   1 
ATOM   958  C CB  . ASP A 1 136 ? -1.184  11.722  -1.235  1.00 35.06  ? 136 ASP A CB  1 
ATOM   959  C CG  . ASP A 1 136 ? -0.798  13.204  -1.080  1.00 37.51  ? 136 ASP A CG  1 
ATOM   960  O OD1 . ASP A 1 136 ? -1.462  13.995  -0.338  1.00 38.00  ? 136 ASP A OD1 1 
ATOM   961  O OD2 . ASP A 1 136 ? 0.206   13.577  -1.733  1.00 37.89  ? 136 ASP A OD2 1 
ATOM   962  N N   . ALA A 1 137 ? -2.129  8.788   -0.602  1.00 31.46  ? 137 ALA A N   1 
ATOM   963  C CA  . ALA A 1 137 ? -2.809  7.544   -1.003  1.00 30.69  ? 137 ALA A CA  1 
ATOM   964  C C   . ALA A 1 137 ? -3.955  7.204   -0.041  1.00 31.03  ? 137 ALA A C   1 
ATOM   965  O O   . ALA A 1 137 ? -5.056  6.898   -0.487  1.00 30.63  ? 137 ALA A O   1 
ATOM   966  C CB  . ALA A 1 137 ? -1.820  6.379   -1.119  1.00 30.13  ? 137 ALA A CB  1 
ATOM   967  N N   . SER A 1 138 ? -3.708  7.316   1.269   1.00 32.01  ? 138 SER A N   1 
ATOM   968  C CA  . SER A 1 138 ? -4.691  6.920   2.270   1.00 32.86  ? 138 SER A CA  1 
ATOM   969  C C   . SER A 1 138 ? -5.944  7.770   2.171   1.00 34.27  ? 138 SER A C   1 
ATOM   970  O O   . SER A 1 138 ? -7.038  7.233   2.250   1.00 33.68  ? 138 SER A O   1 
ATOM   971  C CB  . SER A 1 138 ? -4.131  7.012   3.690   1.00 33.62  ? 138 SER A CB  1 
ATOM   972  O OG  . SER A 1 138 ? -2.985  6.203   3.836   1.00 32.64  ? 138 SER A OG  1 
ATOM   973  N N   . PHE A 1 139 ? -5.779  9.089   2.012   1.00 36.59  ? 139 PHE A N   1 
ATOM   974  C CA  . PHE A 1 139 ? -6.936  9.995   1.923   1.00 37.41  ? 139 PHE A CA  1 
ATOM   975  C C   . PHE A 1 139 ? -7.704  9.916   0.612   1.00 37.57  ? 139 PHE A C   1 
ATOM   976  O O   . PHE A 1 139 ? -8.883  10.298  0.545   1.00 39.05  ? 139 PHE A O   1 
ATOM   977  C CB  . PHE A 1 139 ? -6.539  11.426  2.289   1.00 39.54  ? 139 PHE A CB  1 
ATOM   978  C CG  . PHE A 1 139 ? -6.485  11.646  3.761   1.00 40.67  ? 139 PHE A CG  1 
ATOM   979  C CD1 . PHE A 1 139 ? -5.337  11.328  4.483   1.00 40.77  ? 139 PHE A CD1 1 
ATOM   980  C CD2 . PHE A 1 139 ? -7.623  12.080  4.452   1.00 42.32  ? 139 PHE A CD2 1 
ATOM   981  C CE1 . PHE A 1 139 ? -5.295  11.507  5.867   1.00 42.64  ? 139 PHE A CE1 1 
ATOM   982  C CE2 . PHE A 1 139 ? -7.589  12.261  5.833   1.00 43.82  ? 139 PHE A CE2 1 
ATOM   983  C CZ  . PHE A 1 139 ? -6.423  11.968  6.544   1.00 43.47  ? 139 PHE A CZ  1 
ATOM   984  N N   . ALA A 1 140 ? -7.057  9.394   -0.423  1.00 35.43  ? 140 ALA A N   1 
ATOM   985  C CA  . ALA A 1 140 ? -7.695  9.255   -1.707  1.00 35.56  ? 140 ALA A CA  1 
ATOM   986  C C   . ALA A 1 140 ? -8.327  7.853   -1.904  1.00 35.15  ? 140 ALA A C   1 
ATOM   987  O O   . ALA A 1 140 ? -9.091  7.637   -2.845  1.00 34.78  ? 140 ALA A O   1 
ATOM   988  C CB  . ALA A 1 140 ? -6.696  9.586   -2.809  1.00 35.29  ? 140 ALA A CB  1 
ATOM   989  N N   . LEU A 1 141 ? -8.041  6.913   -1.006  1.00 35.04  ? 141 LEU A N   1 
ATOM   990  C CA  . LEU A 1 141 ? -8.764  5.626   -1.010  1.00 35.50  ? 141 LEU A CA  1 
ATOM   991  C C   . LEU A 1 141 ? -10.142 5.825   -0.407  1.00 37.89  ? 141 LEU A C   1 
ATOM   992  O O   . LEU A 1 141 ? -10.303 6.639   0.496   1.00 37.42  ? 141 LEU A O   1 
ATOM   993  C CB  . LEU A 1 141 ? -8.039  4.574   -0.178  1.00 33.42  ? 141 LEU A CB  1 
ATOM   994  C CG  . LEU A 1 141 ? -6.746  4.044   -0.768  1.00 32.00  ? 141 LEU A CG  1 
ATOM   995  C CD1 . LEU A 1 141 ? -6.042  3.250   0.322   1.00 30.92  ? 141 LEU A CD1 1 
ATOM   996  C CD2 . LEU A 1 141 ? -7.055  3.195   -2.013  1.00 30.85  ? 141 LEU A CD2 1 
ATOM   997  N N   . ARG A 1 142 ? -11.117 5.084   -0.921  1.00 39.38  ? 142 ARG A N   1 
ATOM   998  C CA  . ARG A 1 142 ? -12.406 4.936   -0.256  1.00 42.12  ? 142 ARG A CA  1 
ATOM   999  C C   . ARG A 1 142 ? -12.319 3.837   0.782   1.00 40.15  ? 142 ARG A C   1 
ATOM   1000 O O   . ARG A 1 142 ? -11.402 3.011   0.735   1.00 37.79  ? 142 ARG A O   1 
ATOM   1001 C CB  . ARG A 1 142 ? -13.469 4.585   -1.285  1.00 46.11  ? 142 ARG A CB  1 
ATOM   1002 C CG  . ARG A 1 142 ? -14.169 5.818   -1.829  1.00 52.40  ? 142 ARG A CG  1 
ATOM   1003 C CD  . ARG A 1 142 ? -14.586 5.566   -3.260  1.00 56.78  ? 142 ARG A CD  1 
ATOM   1004 N NE  . ARG A 1 142 ? -13.510 5.907   -4.187  1.00 58.53  ? 142 ARG A NE  1 
ATOM   1005 C CZ  . ARG A 1 142 ? -13.691 6.524   -5.356  1.00 61.38  ? 142 ARG A CZ  1 
ATOM   1006 N NH1 . ARG A 1 142 ? -14.916 6.885   -5.761  1.00 62.65  ? 142 ARG A NH1 1 
ATOM   1007 N NH2 . ARG A 1 142 ? -12.637 6.802   -6.115  1.00 59.50  ? 142 ARG A NH2 1 
ATOM   1008 N N   . THR A 1 143 ? -13.271 3.821   1.710   1.00 40.27  ? 143 THR A N   1 
ATOM   1009 C CA  . THR A 1 143 ? -13.318 2.819   2.771   1.00 40.09  ? 143 THR A CA  1 
ATOM   1010 C C   . THR A 1 143 ? -13.407 1.433   2.164   1.00 38.56  ? 143 THR A C   1 
ATOM   1011 O O   . THR A 1 143 ? -14.208 1.196   1.287   1.00 38.11  ? 143 THR A O   1 
ATOM   1012 C CB  . THR A 1 143 ? -14.489 3.080   3.735   1.00 42.29  ? 143 THR A CB  1 
ATOM   1013 O OG1 . THR A 1 143 ? -14.285 4.347   4.356   1.00 45.02  ? 143 THR A OG1 1 
ATOM   1014 C CG2 . THR A 1 143 ? -14.558 2.035   4.830   1.00 42.12  ? 143 THR A CG2 1 
ATOM   1015 N N   . GLY A 1 144 ? -12.522 0.538   2.591   1.00 37.61  ? 144 GLY A N   1 
ATOM   1016 C CA  . GLY A 1 144 ? -12.477 -0.793  2.017   1.00 35.41  ? 144 GLY A CA  1 
ATOM   1017 C C   . GLY A 1 144 ? -11.544 -0.930  0.826   1.00 34.26  ? 144 GLY A C   1 
ATOM   1018 O O   . GLY A 1 144 ? -11.239 -2.054  0.441   1.00 32.59  ? 144 GLY A O   1 
ATOM   1019 N N   . GLU A 1 145 ? -11.080 0.182   0.245   1.00 33.39  ? 145 GLU A N   1 
ATOM   1020 C CA  . GLU A 1 145 ? -10.215 0.091   -0.949  1.00 33.69  ? 145 GLU A CA  1 
ATOM   1021 C C   . GLU A 1 145 ? -8.742  -0.120  -0.602  1.00 31.84  ? 145 GLU A C   1 
ATOM   1022 O O   . GLU A 1 145 ? -8.285  0.277   0.488   1.00 30.98  ? 145 GLU A O   1 
ATOM   1023 C CB  . GLU A 1 145 ? -10.332 1.314   -1.841  1.00 36.76  ? 145 GLU A CB  1 
ATOM   1024 C CG  . GLU A 1 145 ? -11.578 1.442   -2.696  1.00 41.21  ? 145 GLU A CG  1 
ATOM   1025 C CD  . GLU A 1 145 ? -11.562 2.729   -3.541  1.00 44.62  ? 145 GLU A CD  1 
ATOM   1026 O OE1 . GLU A 1 145 ? -10.615 3.566   -3.388  1.00 43.46  ? 145 GLU A OE1 1 
ATOM   1027 O OE2 . GLU A 1 145 ? -12.503 2.895   -4.378  1.00 46.60  ? 145 GLU A OE2 1 
ATOM   1028 N N   . MET A 1 146 ? -8.026  -0.731  -1.540  1.00 30.00  ? 146 MET A N   1 
ATOM   1029 C CA  . MET A 1 146 ? -6.599  -1.041  -1.412  1.00 28.54  ? 146 MET A CA  1 
ATOM   1030 C C   . MET A 1 146 ? -5.786  -0.259  -2.455  1.00 27.71  ? 146 MET A C   1 
ATOM   1031 O O   . MET A 1 146 ? -6.200  -0.129  -3.609  1.00 27.82  ? 146 MET A O   1 
ATOM   1032 C CB  . MET A 1 146 ? -6.369  -2.566  -1.586  1.00 27.90  ? 146 MET A CB  1 
ATOM   1033 C CG  . MET A 1 146 ? -4.995  -3.065  -1.095  1.00 27.32  ? 146 MET A CG  1 
ATOM   1034 S SD  . MET A 1 146 ? -4.742  -4.835  -1.377  1.00 28.27  ? 146 MET A SD  1 
ATOM   1035 C CE  . MET A 1 146 ? -4.744  -4.888  -3.162  1.00 27.68  ? 146 MET A CE  1 
ATOM   1036 N N   . SER A 1 147 ? -4.616  0.232   -2.053  1.00 26.71  ? 147 SER A N   1 
ATOM   1037 C CA  . SER A 1 147 ? -3.670  0.877   -2.967  1.00 26.02  ? 147 SER A CA  1 
ATOM   1038 C C   . SER A 1 147 ? -2.927  -0.129  -3.871  1.00 24.79  ? 147 SER A C   1 
ATOM   1039 O O   . SER A 1 147 ? -3.019  -1.326  -3.665  1.00 24.36  ? 147 SER A O   1 
ATOM   1040 C CB  . SER A 1 147 ? -2.632  1.672   -2.152  1.00 27.13  ? 147 SER A CB  1 
ATOM   1041 O OG  . SER A 1 147 ? -1.658  0.768   -1.618  1.00 27.00  ? 147 SER A OG  1 
ATOM   1042 N N   . GLY A 1 148 ? -2.237  0.377   -4.898  1.00 24.51  ? 148 GLY A N   1 
ATOM   1043 C CA  . GLY A 1 148 ? -1.156  -0.370  -5.562  1.00 24.21  ? 148 GLY A CA  1 
ATOM   1044 C C   . GLY A 1 148 ? 0.107   -0.081  -4.759  1.00 24.48  ? 148 GLY A C   1 
ATOM   1045 O O   . GLY A 1 148 ? 0.001   0.440   -3.634  1.00 25.58  ? 148 GLY A O   1 
ATOM   1046 N N   . PRO A 1 149 ? 1.301   -0.358  -5.331  1.00 24.66  ? 149 PRO A N   1 
ATOM   1047 C CA  . PRO A 1 149 ? 2.551   -0.072  -4.579  1.00 24.87  ? 149 PRO A CA  1 
ATOM   1048 C C   . PRO A 1 149 ? 2.695   1.431   -4.313  1.00 25.99  ? 149 PRO A C   1 
ATOM   1049 O O   . PRO A 1 149 ? 2.586   2.240   -5.242  1.00 27.11  ? 149 PRO A O   1 
ATOM   1050 C CB  . PRO A 1 149 ? 3.649   -0.527  -5.554  1.00 25.17  ? 149 PRO A CB  1 
ATOM   1051 C CG  . PRO A 1 149 ? 2.988   -1.602  -6.416  1.00 25.36  ? 149 PRO A CG  1 
ATOM   1052 C CD  . PRO A 1 149 ? 1.589   -1.002  -6.633  1.00 24.65  ? 149 PRO A CD  1 
ATOM   1053 N N   . VAL A 1 150 ? 2.955   1.791   -3.073  1.00 26.43  ? 150 VAL A N   1 
ATOM   1054 C CA  . VAL A 1 150 ? 3.150   3.208   -2.687  1.00 27.03  ? 150 VAL A CA  1 
ATOM   1055 C C   . VAL A 1 150 ? 4.546   3.313   -2.070  1.00 27.94  ? 150 VAL A C   1 
ATOM   1056 O O   . VAL A 1 150 ? 4.845   2.637   -1.099  1.00 28.56  ? 150 VAL A O   1 
ATOM   1057 C CB  . VAL A 1 150 ? 2.066   3.690   -1.721  1.00 26.75  ? 150 VAL A CB  1 
ATOM   1058 C CG1 . VAL A 1 150 ? 2.355   5.105   -1.227  1.00 27.88  ? 150 VAL A CG1 1 
ATOM   1059 C CG2 . VAL A 1 150 ? 0.694   3.624   -2.402  1.00 26.36  ? 150 VAL A CG2 1 
ATOM   1060 N N   . PHE A 1 151 ? 5.372   4.167   -2.663  1.00 28.95  ? 151 PHE A N   1 
ATOM   1061 C CA  . PHE A 1 151 ? 6.775   4.338   -2.287  1.00 30.42  ? 151 PHE A CA  1 
ATOM   1062 C C   . PHE A 1 151 ? 6.952   5.486   -1.298  1.00 32.50  ? 151 PHE A C   1 
ATOM   1063 O O   . PHE A 1 151 ? 6.451   6.600   -1.519  1.00 34.30  ? 151 PHE A O   1 
ATOM   1064 C CB  . PHE A 1 151 ? 7.612   4.644   -3.544  1.00 30.48  ? 151 PHE A CB  1 
ATOM   1065 C CG  . PHE A 1 151 ? 7.669   3.515   -4.544  1.00 29.88  ? 151 PHE A CG  1 
ATOM   1066 C CD1 . PHE A 1 151 ? 6.608   3.266   -5.397  1.00 29.41  ? 151 PHE A CD1 1 
ATOM   1067 C CD2 . PHE A 1 151 ? 8.835   2.740   -4.664  1.00 30.84  ? 151 PHE A CD2 1 
ATOM   1068 C CE1 . PHE A 1 151 ? 6.669   2.212   -6.336  1.00 29.79  ? 151 PHE A CE1 1 
ATOM   1069 C CE2 . PHE A 1 151 ? 8.906   1.697   -5.589  1.00 30.42  ? 151 PHE A CE2 1 
ATOM   1070 C CZ  . PHE A 1 151 ? 7.823   1.443   -6.432  1.00 29.61  ? 151 PHE A CZ  1 
ATOM   1071 N N   . THR A 1 152 ? 7.638   5.215   -0.196  1.00 33.03  ? 152 THR A N   1 
ATOM   1072 C CA  . THR A 1 152 ? 8.026   6.260   0.742   1.00 35.27  ? 152 THR A CA  1 
ATOM   1073 C C   . THR A 1 152 ? 9.481   6.003   1.032   1.00 36.19  ? 152 THR A C   1 
ATOM   1074 O O   . THR A 1 152 ? 10.047  5.040   0.514   1.00 35.75  ? 152 THR A O   1 
ATOM   1075 C CB  . THR A 1 152 ? 7.281   6.132   2.071   1.00 36.14  ? 152 THR A CB  1 
ATOM   1076 O OG1 . THR A 1 152 ? 7.747   4.954   2.747   1.00 36.10  ? 152 THR A OG1 1 
ATOM   1077 C CG2 . THR A 1 152 ? 5.737   6.111   1.879   1.00 35.00  ? 152 THR A CG2 1 
ATOM   1078 N N   . ASP A 1 153 ? 10.090  6.809   1.896   1.00 37.87  ? 153 ASP A N   1 
ATOM   1079 C CA  . ASP A 1 153 ? 11.466  6.526   2.296   1.00 39.73  ? 153 ASP A CA  1 
ATOM   1080 C C   . ASP A 1 153 ? 11.613  5.248   3.115   1.00 39.63  ? 153 ASP A C   1 
ATOM   1081 O O   . ASP A 1 153 ? 12.723  4.730   3.234   1.00 41.65  ? 153 ASP A O   1 
ATOM   1082 C CB  . ASP A 1 153 ? 12.048  7.707   3.073   1.00 41.86  ? 153 ASP A CB  1 
ATOM   1083 C CG  . ASP A 1 153 ? 12.717  8.727   2.186   1.00 43.75  ? 153 ASP A CG  1 
ATOM   1084 O OD1 . ASP A 1 153 ? 12.492  8.789   0.961   1.00 44.63  ? 153 ASP A OD1 1 
ATOM   1085 O OD2 . ASP A 1 153 ? 13.503  9.506   2.725   1.00 47.91  ? 153 ASP A OD2 1 
ATOM   1086 N N   . SER A 1 154 ? 10.522  4.768   3.722   1.00 37.81  ? 154 SER A N   1 
ATOM   1087 C CA  . SER A 1 154 ? 10.585  3.573   4.569   1.00 37.32  ? 154 SER A CA  1 
ATOM   1088 C C   . SER A 1 154 ? 10.718  2.294   3.725   1.00 35.84  ? 154 SER A C   1 
ATOM   1089 O O   . SER A 1 154 ? 11.294  1.322   4.166   1.00 36.14  ? 154 SER A O   1 
ATOM   1090 C CB  . SER A 1 154 ? 9.340   3.451   5.431   1.00 36.99  ? 154 SER A CB  1 
ATOM   1091 O OG  . SER A 1 154 ? 9.387   4.326   6.522   1.00 40.43  ? 154 SER A OG  1 
ATOM   1092 N N   . GLY A 1 155 ? 10.150  2.318   2.526   1.00 34.38  ? 155 GLY A N   1 
ATOM   1093 C CA  . GLY A 1 155 ? 10.133  1.166   1.632   1.00 32.80  ? 155 GLY A CA  1 
ATOM   1094 C C   . GLY A 1 155 ? 8.903   1.294   0.777   1.00 31.63  ? 155 GLY A C   1 
ATOM   1095 O O   . GLY A 1 155 ? 8.406   2.405   0.565   1.00 31.87  ? 155 GLY A O   1 
ATOM   1096 N N   . ILE A 1 156 ? 8.426   0.162   0.270   1.00 30.17  ? 156 ILE A N   1 
ATOM   1097 C CA  . ILE A 1 156 ? 7.204   0.112   -0.572  1.00 28.85  ? 156 ILE A CA  1 
ATOM   1098 C C   . ILE A 1 156 ? 6.041   -0.490  0.218   1.00 28.81  ? 156 ILE A C   1 
ATOM   1099 O O   . ILE A 1 156 ? 6.211   -1.531  0.882   1.00 29.16  ? 156 ILE A O   1 
ATOM   1100 C CB  . ILE A 1 156 ? 7.454   -0.733  -1.841  1.00 28.03  ? 156 ILE A CB  1 
ATOM   1101 C CG1 . ILE A 1 156 ? 8.756   -0.313  -2.553  1.00 28.49  ? 156 ILE A CG1 1 
ATOM   1102 C CG2 . ILE A 1 156 ? 6.289   -0.644  -2.825  1.00 27.29  ? 156 ILE A CG2 1 
ATOM   1103 C CD1 . ILE A 1 156 ? 9.310   -1.357  -3.503  1.00 28.08  ? 156 ILE A CD1 1 
ATOM   1104 N N   . HIS A 1 157 ? 4.854   0.131   0.108   1.00 27.73  ? 157 HIS A N   1 
ATOM   1105 C CA  . HIS A 1 157 ? 3.684   -0.200  0.933   1.00 27.10  ? 157 HIS A CA  1 
ATOM   1106 C C   . HIS A 1 157 ? 2.530   -0.668  0.047   1.00 26.37  ? 157 HIS A C   1 
ATOM   1107 O O   . HIS A 1 157 ? 2.426   -0.245  -1.089  1.00 26.40  ? 157 HIS A O   1 
ATOM   1108 C CB  . HIS A 1 157 ? 3.143   1.029   1.674   1.00 27.52  ? 157 HIS A CB  1 
ATOM   1109 C CG  . HIS A 1 157 ? 4.163   1.760   2.488   1.00 28.09  ? 157 HIS A CG  1 
ATOM   1110 N ND1 . HIS A 1 157 ? 4.164   1.729   3.862   1.00 29.19  ? 157 HIS A ND1 1 
ATOM   1111 C CD2 . HIS A 1 157 ? 5.194   2.561   2.129   1.00 28.85  ? 157 HIS A CD2 1 
ATOM   1112 C CE1 . HIS A 1 157 ? 5.133   2.503   4.323   1.00 29.40  ? 157 HIS A CE1 1 
ATOM   1113 N NE2 . HIS A 1 157 ? 5.790   3.001   3.287   1.00 29.39  ? 157 HIS A NE2 1 
ATOM   1114 N N   . ILE A 1 158 ? 1.695   -1.541  0.597   1.00 26.34  ? 158 ILE A N   1 
ATOM   1115 C CA  . ILE A 1 158 ? 0.321   -1.724  0.112   1.00 26.95  ? 158 ILE A CA  1 
ATOM   1116 C C   . ILE A 1 158 ? -0.537  -1.198  1.243   1.00 26.94  ? 158 ILE A C   1 
ATOM   1117 O O   . ILE A 1 158 ? -0.381  -1.615  2.395   1.00 26.56  ? 158 ILE A O   1 
ATOM   1118 C CB  . ILE A 1 158 ? -0.035  -3.216  -0.086  1.00 26.88  ? 158 ILE A CB  1 
ATOM   1119 C CG1 . ILE A 1 158 ? 0.932   -3.896  -1.049  1.00 27.77  ? 158 ILE A CG1 1 
ATOM   1120 C CG2 . ILE A 1 158 ? -1.481  -3.369  -0.577  1.00 27.78  ? 158 ILE A CG2 1 
ATOM   1121 C CD1 . ILE A 1 158 ? 0.959   -5.426  -0.954  1.00 27.87  ? 158 ILE A CD1 1 
ATOM   1122 N N   . ILE A 1 159 ? -1.518  -0.365  0.913   1.00 27.23  ? 159 ILE A N   1 
ATOM   1123 C CA  . ILE A 1 159 ? -2.280  0.319   1.952   1.00 27.96  ? 159 ILE A CA  1 
ATOM   1124 C C   . ILE A 1 159 ? -3.737  -0.073  1.841   1.00 27.73  ? 159 ILE A C   1 
ATOM   1125 O O   . ILE A 1 159 ? -4.292  -0.036  0.745   1.00 28.35  ? 159 ILE A O   1 
ATOM   1126 C CB  . ILE A 1 159 ? -2.137  1.867   1.858   1.00 28.10  ? 159 ILE A CB  1 
ATOM   1127 C CG1 . ILE A 1 159 ? -0.655  2.282   1.895   1.00 29.19  ? 159 ILE A CG1 1 
ATOM   1128 C CG2 . ILE A 1 159 ? -2.974  2.545   2.947   1.00 28.50  ? 159 ILE A CG2 1 
ATOM   1129 C CD1 . ILE A 1 159 ? -0.366  3.723   1.439   1.00 29.22  ? 159 ILE A CD1 1 
ATOM   1130 N N   . LEU A 1 160 ? -4.343  -0.469  2.955   1.00 27.90  ? 160 LEU A N   1 
ATOM   1131 C CA  . LEU A 1 160 ? -5.764  -0.799  2.935   1.00 28.65  ? 160 LEU A CA  1 
ATOM   1132 C C   . LEU A 1 160 ? -6.505  0.181   3.817   1.00 28.91  ? 160 LEU A C   1 
ATOM   1133 O O   . LEU A 1 160 ? -6.270  0.224   5.000   1.00 29.41  ? 160 LEU A O   1 
ATOM   1134 C CB  . LEU A 1 160 ? -6.027  -2.230  3.425   1.00 28.38  ? 160 LEU A CB  1 
ATOM   1135 C CG  . LEU A 1 160 ? -7.473  -2.692  3.640   1.00 29.96  ? 160 LEU A CG  1 
ATOM   1136 C CD1 . LEU A 1 160 ? -8.234  -2.866  2.303   1.00 29.90  ? 160 LEU A CD1 1 
ATOM   1137 C CD2 . LEU A 1 160 ? -7.493  -4.029  4.396   1.00 30.39  ? 160 LEU A CD2 1 
ATOM   1138 N N   . ARG A 1 161 ? -7.433  0.927   3.246   1.00 29.91  ? 161 ARG A N   1 
ATOM   1139 C CA  . ARG A 1 161 ? -8.206  1.864   4.077   1.00 32.21  ? 161 ARG A CA  1 
ATOM   1140 C C   . ARG A 1 161 ? -9.387  1.146   4.719   1.00 32.69  ? 161 ARG A C   1 
ATOM   1141 O O   . ARG A 1 161 ? -10.265 0.624   4.014   1.00 31.99  ? 161 ARG A O   1 
ATOM   1142 C CB  . ARG A 1 161 ? -8.664  3.112   3.305   1.00 32.56  ? 161 ARG A CB  1 
ATOM   1143 C CG  . ARG A 1 161 ? -9.392  4.086   4.239   1.00 34.33  ? 161 ARG A CG  1 
ATOM   1144 C CD  . ARG A 1 161 ? -9.881  5.350   3.565   1.00 35.51  ? 161 ARG A CD  1 
ATOM   1145 N NE  . ARG A 1 161 ? -11.041 5.852   4.294   1.00 37.93  ? 161 ARG A NE  1 
ATOM   1146 C CZ  . ARG A 1 161 ? -11.845 6.841   3.904   1.00 39.53  ? 161 ARG A CZ  1 
ATOM   1147 N NH1 . ARG A 1 161 ? -11.633 7.508   2.778   1.00 40.14  ? 161 ARG A NH1 1 
ATOM   1148 N NH2 . ARG A 1 161 ? -12.868 7.184   4.668   1.00 41.06  ? 161 ARG A NH2 1 
ATOM   1149 N N   . THR A 1 162 ? -9.394  1.131   6.053   1.00 33.78  ? 162 THR A N   1 
ATOM   1150 C CA  . THR A 1 162 ? -10.413 0.405   6.825   1.00 35.20  ? 162 THR A CA  1 
ATOM   1151 C C   . THR A 1 162 ? -11.510 1.310   7.403   1.00 38.12  ? 162 THR A C   1 
ATOM   1152 O O   . THR A 1 162 ? -12.589 0.837   7.715   1.00 39.26  ? 162 THR A O   1 
ATOM   1153 C CB  . THR A 1 162 ? -9.800  -0.411  7.961   1.00 34.67  ? 162 THR A CB  1 
ATOM   1154 O OG1 . THR A 1 162 ? -9.089  0.451   8.858   1.00 35.01  ? 162 THR A OG1 1 
ATOM   1155 C CG2 . THR A 1 162 ? -8.853  -1.506  7.403   1.00 33.86  ? 162 THR A CG2 1 
ATOM   1156 N N   . GLU A 1 163 ? -11.202 2.596   7.581   1.00 39.77  ? 163 GLU A N   1 
ATOM   1157 C CA  . GLU A 1 163 ? -12.158 3.590   8.051   1.00 43.20  ? 163 GLU A CA  1 
ATOM   1158 C C   . GLU A 1 163 ? -11.784 4.934   7.444   1.00 42.96  ? 163 GLU A C   1 
ATOM   1159 O O   . GLU A 1 163 ? -12.630 5.815   7.407   1.00 44.94  ? 163 GLU A O   1 
ATOM   1160 C CB  . GLU A 1 163 ? -12.157 3.718   9.590   1.00 45.38  ? 163 GLU A CB  1 
ATOM   1161 C CG  . GLU A 1 163 ? -12.718 2.501   10.341  1.00 46.76  ? 163 GLU A CG  1 
ATOM   1162 C CD  . GLU A 1 163 ? -12.487 2.520   11.847  1.00 48.43  ? 163 GLU A CD  1 
ATOM   1163 O OE1 . GLU A 1 163 ? -12.246 3.601   12.440  1.00 50.87  ? 163 GLU A OE1 1 
ATOM   1164 O OE2 . GLU A 1 163 ? -12.556 1.425   12.449  1.00 48.60  ? 163 GLU A OE2 1 
ATOM   1165 N N   . GLN B 2 1   ? 3.833   3.434   16.966  1.00 75.15  ? 1   GLN B N   1 
ATOM   1166 C CA  . GLN B 2 1   ? 4.109   2.751   18.265  1.00 77.51  ? 1   GLN B CA  1 
ATOM   1167 C C   . GLN B 2 1   ? 5.497   2.101   18.340  1.00 79.52  ? 1   GLN B C   1 
ATOM   1168 O O   . GLN B 2 1   ? 5.752   1.286   19.235  1.00 85.72  ? 1   GLN B O   1 
ATOM   1169 C CB  . GLN B 2 1   ? 3.031   1.705   18.564  1.00 76.41  ? 1   GLN B CB  1 
ATOM   1170 C CG  . GLN B 2 1   ? 1.606   2.232   18.556  1.00 79.63  ? 1   GLN B CG  1 
ATOM   1171 C CD  . GLN B 2 1   ? 0.585   1.123   18.694  1.00 83.31  ? 1   GLN B CD  1 
ATOM   1172 O OE1 . GLN B 2 1   ? -0.259  0.945   17.817  1.00 88.35  ? 1   GLN B OE1 1 
ATOM   1173 N NE2 . GLN B 2 1   ? 0.655   0.369   19.796  1.00 87.04  ? 1   GLN B NE2 1 
ATOM   1174 N N   . ALA B 2 2   ? 6.383   2.463   17.405  1.00 80.29  ? 2   ALA B N   1 
ATOM   1175 C CA  . ALA B 2 2   ? 7.770   1.960   17.358  1.00 80.44  ? 2   ALA B CA  1 
ATOM   1176 C C   . ALA B 2 2   ? 8.726   2.903   16.596  1.00 80.44  ? 2   ALA B C   1 
ATOM   1177 O O   . ALA B 2 2   ? 9.636   2.438   15.893  1.00 84.51  ? 2   ALA B O   1 
ATOM   1178 C CB  . ALA B 2 2   ? 7.817   0.543   16.778  1.00 79.23  ? 2   ALA B CB  1 
ATOM   1179 N N   . SER B 2 3   ? 8.498   4.214   16.757  1.00 78.80  ? 3   SER B N   1 
ATOM   1180 C CA  . SER B 2 3   ? 9.310   5.341   16.208  1.00 81.36  ? 3   SER B CA  1 
ATOM   1181 C C   . SER B 2 3   ? 8.965   5.819   14.774  1.00 79.56  ? 3   SER B C   1 
ATOM   1182 O O   . SER B 2 3   ? 8.170   6.752   14.611  1.00 78.37  ? 3   SER B O   1 
ATOM   1183 C CB  . SER B 2 3   ? 10.837  5.197   16.453  1.00 85.83  ? 3   SER B CB  1 
ATOM   1184 O OG  . SER B 2 3   ? 11.456  4.318   15.522  1.00 85.85  ? 3   SER B OG  1 
HETATM 1185 N N   . TPO B 2 4   ? 9.562   5.180   13.763  1.00 75.50  ? 4   TPO B N   1 
HETATM 1186 C CA  . TPO B 2 4   ? 9.312   5.491   12.333  1.00 74.17  ? 4   TPO B CA  1 
HETATM 1187 C CB  . TPO B 2 4   ? 10.553  5.202   11.426  1.00 66.34  ? 4   TPO B CB  1 
HETATM 1188 C CG2 . TPO B 2 4   ? 11.850  5.274   12.247  1.00 65.57  ? 4   TPO B CG2 1 
HETATM 1189 O OG1 . TPO B 2 4   ? 10.372  4.040   10.566  1.00 58.09  ? 4   TPO B OG1 1 
HETATM 1190 P P   . TPO B 2 4   ? 11.617  3.416   9.695   1.00 53.08  ? 4   TPO B P   1 
HETATM 1191 O O1P . TPO B 2 4   ? 11.663  3.921   8.276   1.00 48.91  ? 4   TPO B O1P 1 
HETATM 1192 O O2P . TPO B 2 4   ? 11.378  1.927   9.725   1.00 51.17  ? 4   TPO B O2P 1 
HETATM 1193 O O3P . TPO B 2 4   ? 12.966  3.660   10.340  1.00 57.57  ? 4   TPO B O3P 1 
HETATM 1194 C C   . TPO B 2 4   ? 7.985   4.838   11.939  1.00 78.38  ? 4   TPO B C   1 
HETATM 1195 O O   . TPO B 2 4   ? 7.847   3.617   12.074  1.00 76.19  ? 4   TPO B O   1 
ATOM   1196 N N   . PRO B 2 5   ? 7.024   5.632   11.388  1.00 82.04  ? 5   PRO B N   1 
ATOM   1197 C CA  . PRO B 2 5   ? 5.559   5.536   11.318  1.00 79.01  ? 5   PRO B CA  1 
ATOM   1198 C C   . PRO B 2 5   ? 4.758   4.658   12.300  1.00 78.48  ? 5   PRO B C   1 
ATOM   1199 O O   . PRO B 2 5   ? 5.066   3.473   12.477  1.00 76.54  ? 5   PRO B O   1 
ATOM   1200 C CB  . PRO B 2 5   ? 5.342   5.095   9.873   1.00 80.59  ? 5   PRO B CB  1 
ATOM   1201 C CG  . PRO B 2 5   ? 6.459   5.778   9.127   1.00 83.46  ? 5   PRO B CG  1 
ATOM   1202 C CD  . PRO B 2 5   ? 7.461   6.290   10.146  1.00 84.60  ? 5   PRO B CD  1 
ATOM   1203 N N   . ARG B 2 6   ? 3.711   5.280   12.868  1.00 75.09  ? 6   ARG B N   1 
ATOM   1204 C CA  . ARG B 2 6   ? 2.741   4.728   13.862  1.00 69.43  ? 6   ARG B CA  1 
ATOM   1205 C C   . ARG B 2 6   ? 2.454   3.222   13.866  1.00 70.97  ? 6   ARG B C   1 
ATOM   1206 O O   . ARG B 2 6   ? 2.485   2.567   12.825  1.00 73.68  ? 6   ARG B O   1 
ATOM   1207 C CB  . ARG B 2 6   ? 1.402   5.484   13.760  1.00 66.74  ? 6   ARG B CB  1 
ATOM   1208 C CG  . ARG B 2 6   ? 1.317   6.765   14.584  1.00 62.89  ? 6   ARG B CG  1 
ATOM   1209 C CD  . ARG B 2 6   ? 0.706   6.499   15.948  1.00 60.91  ? 6   ARG B CD  1 
ATOM   1210 N NE  . ARG B 2 6   ? 0.982   7.567   16.914  1.00 63.59  ? 6   ARG B NE  1 
ATOM   1211 C CZ  . ARG B 2 6   ? 0.174   8.596   17.192  1.00 61.43  ? 6   ARG B CZ  1 
ATOM   1212 N NH1 . ARG B 2 6   ? -0.996  8.757   16.586  1.00 56.36  ? 6   ARG B NH1 1 
ATOM   1213 N NH2 . ARG B 2 6   ? 0.551   9.481   18.099  1.00 63.27  ? 6   ARG B NH2 1 
HETATM 1214 N N1  . NIT B 2 7   ? 1.840   1.940   14.376  1.00 67.96  ? 7   NIT B N1  1 
HETATM 1215 C C1  . NIT B 2 7   ? 2.080   0.763   15.014  1.00 64.11  ? 7   NIT B C1  1 
HETATM 1216 C C2  . NIT B 2 7   ? 1.035   -0.124  15.291  1.00 64.99  ? 7   NIT B C2  1 
HETATM 1217 C C3  . NIT B 2 7   ? 1.311   -1.335  15.955  1.00 66.08  ? 7   NIT B C3  1 
HETATM 1218 C C4  . NIT B 2 7   ? 2.628   -1.665  16.332  1.00 64.53  ? 7   NIT B C4  1 
HETATM 1219 N N4  . NIT B 2 7   ? 2.922   -2.842  16.975  1.00 67.01  ? 7   NIT B N4  1 
HETATM 1220 O ON1 . NIT B 2 7   ? 2.055   -3.663  17.255  1.00 67.15  ? 7   NIT B ON1 1 
HETATM 1221 O ON2 . NIT B 2 7   ? 4.077   -3.104  17.291  1.00 63.87  ? 7   NIT B ON2 1 
HETATM 1222 C C5  . NIT B 2 7   ? 3.661   -0.766  16.033  1.00 63.28  ? 7   NIT B C5  1 
HETATM 1223 C C6  . NIT B 2 7   ? 3.390   0.436   15.376  1.00 63.36  ? 7   NIT B C6  1 
HETATM 1224 O O1  . PE4 C 3 .   ? -1.861  -5.724  -13.286 1.00 71.58  ? 300 PE4 A O1  1 
HETATM 1225 C C1  . PE4 C 3 .   ? -0.668  -5.412  -14.041 1.00 71.69  ? 300 PE4 A C1  1 
HETATM 1226 C C2  . PE4 C 3 .   ? -0.512  -3.894  -14.231 1.00 67.82  ? 300 PE4 A C2  1 
HETATM 1227 O O2  . PE4 C 3 .   ? -1.761  -3.289  -14.611 1.00 64.09  ? 300 PE4 A O2  1 
HETATM 1228 C C3  . PE4 C 3 .   ? -1.842  -2.819  -15.960 1.00 58.46  ? 300 PE4 A C3  1 
HETATM 1229 C C4  . PE4 C 3 .   ? -3.000  -3.505  -16.698 1.00 53.03  ? 300 PE4 A C4  1 
HETATM 1230 O O3  . PE4 C 3 .   ? -4.194  -3.353  -15.937 1.00 47.45  ? 300 PE4 A O3  1 
HETATM 1231 C C5  . PE4 C 3 .   ? -5.371  -3.551  -16.701 1.00 43.14  ? 300 PE4 A C5  1 
HETATM 1232 C C6  . PE4 C 3 .   ? -6.536  -3.400  -15.743 1.00 40.44  ? 300 PE4 A C6  1 
HETATM 1233 O O4  . PE4 C 3 .   ? -6.486  -4.444  -14.801 1.00 39.03  ? 300 PE4 A O4  1 
HETATM 1234 C C7  . PE4 C 3 .   ? -7.532  -4.437  -13.836 1.00 39.13  ? 300 PE4 A C7  1 
HETATM 1235 C C8  . PE4 C 3 .   ? -7.402  -5.716  -13.023 1.00 37.62  ? 300 PE4 A C8  1 
HETATM 1236 O O5  . PE4 C 3 .   ? -6.119  -5.699  -12.407 1.00 37.60  ? 300 PE4 A O5  1 
HETATM 1237 C C9  . PE4 C 3 .   ? -5.833  -6.903  -11.705 1.00 36.42  ? 300 PE4 A C9  1 
HETATM 1238 C C10 . PE4 C 3 .   ? -4.381  -6.861  -11.274 1.00 35.73  ? 300 PE4 A C10 1 
HETATM 1239 O O6  . PE4 C 3 .   ? -4.153  -5.646  -10.547 1.00 34.62  ? 300 PE4 A O6  1 
HETATM 1240 C C11 . PE4 C 3 .   ? -2.865  -5.745  -9.942  1.00 34.24  ? 300 PE4 A C11 1 
HETATM 1241 C C12 . PE4 C 3 .   ? -2.457  -4.326  -9.572  1.00 34.68  ? 300 PE4 A C12 1 
HETATM 1242 O O7  . PE4 C 3 .   ? -3.331  -3.876  -8.546  1.00 34.05  ? 300 PE4 A O7  1 
HETATM 1243 C C13 . PE4 C 3 .   ? -3.002  -2.531  -8.184  1.00 34.17  ? 300 PE4 A C13 1 
HETATM 1244 C C14 . PE4 C 3 .   ? -3.936  -2.080  -7.079  1.00 34.58  ? 300 PE4 A C14 1 
HETATM 1245 O O8  . PE4 C 3 .   ? -5.308  -2.117  -7.496  1.00 35.65  ? 300 PE4 A O8  1 
HETATM 1246 C C15 . PE4 C 3 .   ? -6.023  -2.206  -6.247  1.00 38.26  ? 300 PE4 A C15 1 
HETATM 1247 C C16 . PE4 C 3 .   ? -7.427  -1.644  -6.234  1.00 36.82  ? 300 PE4 A C16 1 
HETATM 1248 S S   . SO4 D 4 .   ? 10.229  -3.007  13.221  1.00 56.45  ? 301 SO4 A S   1 
HETATM 1249 O O1  . SO4 D 4 .   ? 9.872   -4.158  12.353  1.00 55.37  ? 301 SO4 A O1  1 
HETATM 1250 O O2  . SO4 D 4 .   ? 11.216  -2.152  12.541  1.00 58.33  ? 301 SO4 A O2  1 
HETATM 1251 O O3  . SO4 D 4 .   ? 10.857  -3.456  14.477  1.00 59.68  ? 301 SO4 A O3  1 
HETATM 1252 O O4  . SO4 D 4 .   ? 8.991   -2.238  13.529  1.00 57.42  ? 301 SO4 A O4  1 
HETATM 1253 S S   . SO4 E 4 .   ? 3.693   9.668   18.775  1.00 73.83  ? 101 SO4 B S   1 
HETATM 1254 O O1  . SO4 E 4 .   ? 3.548   11.144  18.776  1.00 76.39  ? 101 SO4 B O1  1 
HETATM 1255 O O2  . SO4 E 4 .   ? 3.215   9.088   17.486  1.00 72.14  ? 101 SO4 B O2  1 
HETATM 1256 O O3  . SO4 E 4 .   ? 2.902   9.105   19.884  1.00 74.24  ? 101 SO4 B O3  1 
HETATM 1257 O O4  . SO4 E 4 .   ? 5.123   9.354   18.985  1.00 74.18  ? 101 SO4 B O4  1 
HETATM 1258 O O   . HOH F 5 .   ? -8.539  -7.799  -20.268 1.00 56.65  ? 401 HOH A O   1 
HETATM 1259 O O   . HOH F 5 .   ? -9.860  0.286   -6.517  1.00 51.82  ? 402 HOH A O   1 
HETATM 1260 O O   . HOH F 5 .   ? 8.601   9.527   1.589   1.00 51.02  ? 403 HOH A O   1 
HETATM 1261 O O   . HOH F 5 .   ? -13.869 -4.342  -18.355 1.00 39.23  ? 404 HOH A O   1 
HETATM 1262 O O   . HOH F 5 .   ? -12.526 8.171   8.530   1.00 57.58  ? 405 HOH A O   1 
HETATM 1263 O O   . HOH F 5 .   ? 13.166  1.642   15.461  1.00 67.84  ? 406 HOH A O   1 
HETATM 1264 O O   . HOH F 5 .   ? -8.473  -10.775 -0.700  1.00 29.78  ? 407 HOH A O   1 
HETATM 1265 O O   . HOH F 5 .   ? -7.667  4.365   -5.633  1.00 32.53  ? 408 HOH A O   1 
HETATM 1266 O O   . HOH F 5 .   ? -9.492  -9.316  -17.812 1.00 34.15  ? 409 HOH A O   1 
HETATM 1267 O O   . HOH F 5 .   ? 4.831   -17.209 7.087   1.00 49.10  ? 410 HOH A O   1 
HETATM 1268 O O   . HOH F 5 .   ? -1.755  16.667  -1.080  1.00 55.75  ? 411 HOH A O   1 
HETATM 1269 O O   . HOH F 5 .   ? -13.401 -1.745  -18.347 1.00 46.59  ? 412 HOH A O   1 
HETATM 1270 O O   . HOH F 5 .   ? 12.312  -9.081  5.279   1.00 37.21  ? 413 HOH A O   1 
HETATM 1271 O O   . HOH F 5 .   ? -8.298  -5.834  8.665   1.00 59.09  ? 414 HOH A O   1 
HETATM 1272 O O   . HOH F 5 .   ? 0.430   8.931   -3.085  1.00 30.76  ? 415 HOH A O   1 
HETATM 1273 O O   . HOH F 5 .   ? 3.489   -11.180 12.782  1.00 45.77  ? 416 HOH A O   1 
HETATM 1274 O O   . HOH F 5 .   ? 6.035   8.069   -3.676  1.00 39.29  ? 417 HOH A O   1 
HETATM 1275 O O   . HOH F 5 .   ? 1.424   7.297   -9.513  1.00 31.55  ? 418 HOH A O   1 
HETATM 1276 O O   . HOH F 5 .   ? -1.774  -0.240  -10.698 1.00 44.35  ? 419 HOH A O   1 
HETATM 1277 O O   . HOH F 5 .   ? -3.967  -3.784  -12.979 1.00 35.22  ? 420 HOH A O   1 
HETATM 1278 O O   . HOH F 5 .   ? 16.395  -8.746  2.279   1.00 38.67  ? 421 HOH A O   1 
HETATM 1279 O O   . HOH F 5 .   ? -8.924  -9.586  10.834  1.00 45.38  ? 422 HOH A O   1 
HETATM 1280 O O   . HOH F 5 .   ? -4.982  12.467  -1.167  1.00 43.52  ? 423 HOH A O   1 
HETATM 1281 O O   . HOH F 5 .   ? -5.568  -5.078  9.181   1.00 36.05  ? 424 HOH A O   1 
HETATM 1282 O O   . HOH F 5 .   ? 2.421   -3.741  8.888   1.00 28.51  ? 425 HOH A O   1 
HETATM 1283 O O   . HOH F 5 .   ? -8.431  15.781  5.960   1.00 56.66  ? 426 HOH A O   1 
HETATM 1284 O O   . HOH F 5 .   ? 5.165   -11.786 -3.487  1.00 31.35  ? 427 HOH A O   1 
HETATM 1285 O O   . HOH F 5 .   ? -3.194  -9.030  16.529  1.00 30.79  ? 428 HOH A O   1 
HETATM 1286 O O   . HOH F 5 .   ? 11.321  -10.304 -5.447  1.00 36.83  ? 429 HOH A O   1 
HETATM 1287 O O   . HOH F 5 .   ? -9.761  -3.852  -0.931  1.00 38.29  ? 430 HOH A O   1 
HETATM 1288 O O   . HOH F 5 .   ? 17.320  -6.601  -8.548  1.00 50.80  ? 431 HOH A O   1 
HETATM 1289 O O   . HOH F 5 .   ? -4.188  -17.156 -9.180  1.00 53.94  ? 432 HOH A O   1 
HETATM 1290 O O   . HOH F 5 .   ? 6.950   -13.923 0.547   1.00 44.77  ? 433 HOH A O   1 
HETATM 1291 O O   . HOH F 5 .   ? 0.839   -4.194  -8.456  1.00 41.28  ? 434 HOH A O   1 
HETATM 1292 O O   . HOH F 5 .   ? -1.964  -2.429  -19.661 1.00 53.49  ? 435 HOH A O   1 
HETATM 1293 O O   . HOH F 5 .   ? -9.915  -8.572  -6.902  1.00 35.58  ? 436 HOH A O   1 
HETATM 1294 O O   . HOH F 5 .   ? -6.871  -0.818  9.912   1.00 34.38  ? 437 HOH A O   1 
HETATM 1295 O O   . HOH F 5 .   ? 9.085   -8.177  3.668   1.00 37.43  ? 438 HOH A O   1 
HETATM 1296 O O   . HOH F 5 .   ? -9.886  5.819   -4.750  1.00 32.23  ? 439 HOH A O   1 
HETATM 1297 O O   . HOH F 5 .   ? -1.357  -10.431 13.127  1.00 37.27  ? 440 HOH A O   1 
HETATM 1298 O O   . HOH F 5 .   ? -0.491  11.935  7.513   1.00 44.61  ? 441 HOH A O   1 
HETATM 1299 O O   . HOH F 5 .   ? 10.293  -5.102  -9.904  1.00 42.32  ? 442 HOH A O   1 
HETATM 1300 O O   . HOH F 5 .   ? -8.813  2.013   -4.823  1.00 58.55  ? 443 HOH A O   1 
HETATM 1301 O O   . HOH F 5 .   ? 16.778  6.070   -2.742  1.00 46.56  ? 444 HOH A O   1 
HETATM 1302 O O   . HOH F 5 .   ? 9.265   -13.603 8.749   1.00 52.28  ? 445 HOH A O   1 
HETATM 1303 O O   . HOH F 5 .   ? 10.791  2.885   -1.504  1.00 43.96  ? 446 HOH A O   1 
HETATM 1304 O O   . HOH F 5 .   ? 21.252  -3.083  3.034   1.00 46.49  ? 447 HOH A O   1 
HETATM 1305 O O   . HOH F 5 .   ? -8.855  -4.858  -9.568  1.00 37.69  ? 448 HOH A O   1 
HETATM 1306 O O   . HOH F 5 .   ? 19.977  -10.023 8.711   1.00 52.82  ? 449 HOH A O   1 
HETATM 1307 O O   . HOH F 5 .   ? 17.769  -0.928  -3.980  1.00 41.63  ? 450 HOH A O   1 
HETATM 1308 O O   . HOH F 5 .   ? 1.692   -12.714 -13.326 1.00 52.26  ? 451 HOH A O   1 
HETATM 1309 O O   . HOH F 5 .   ? -10.904 -4.859  -11.717 1.00 48.51  ? 452 HOH A O   1 
HETATM 1310 O O   . HOH F 5 .   ? 0.201   -6.758  -8.870  1.00 36.14  ? 453 HOH A O   1 
HETATM 1311 O O   . HOH F 5 .   ? 4.550   -2.555  -10.256 1.00 54.81  ? 454 HOH A O   1 
HETATM 1312 O O   . HOH F 5 .   ? 6.370   -0.981  14.186  1.00 91.44  ? 455 HOH A O   1 
HETATM 1313 O O   . HOH F 5 .   ? 17.862  -11.395 11.043  1.00 45.17  ? 456 HOH A O   1 
HETATM 1314 O O   . HOH F 5 .   ? 16.623  -2.086  -7.501  1.00 41.55  ? 457 HOH A O   1 
HETATM 1315 O O   . HOH F 5 .   ? 7.877   9.212   9.352   1.00 43.18  ? 458 HOH A O   1 
HETATM 1316 O O   . HOH F 5 .   ? 19.895  -11.618 3.394   1.00 52.71  ? 459 HOH A O   1 
HETATM 1317 O O   . HOH F 5 .   ? -11.260 -2.367  4.792   1.00 51.49  ? 460 HOH A O   1 
HETATM 1318 O O   . HOH F 5 .   ? -15.611 6.016   1.207   1.00 53.81  ? 461 HOH A O   1 
HETATM 1319 O O   . HOH F 5 .   ? 5.165   6.770   6.266   1.00 71.23  ? 462 HOH A O   1 
HETATM 1320 O O   . HOH F 5 .   ? 2.893   -15.416 -0.220  1.00 56.68  ? 463 HOH A O   1 
HETATM 1321 O O   . HOH F 5 .   ? -10.191 3.853   15.198  1.00 59.78  ? 464 HOH A O   1 
HETATM 1322 O O   . HOH F 5 .   ? -3.942  -10.968 14.833  1.00 38.73  ? 465 HOH A O   1 
HETATM 1323 O O   . HOH F 5 .   ? -9.407  -13.036 0.416   1.00 44.32  ? 466 HOH A O   1 
HETATM 1324 O O   . HOH F 5 .   ? 16.407  -11.316 1.388   1.00 52.97  ? 467 HOH A O   1 
HETATM 1325 O O   . HOH F 5 .   ? -8.600  -2.596  11.059  1.00 40.40  ? 468 HOH A O   1 
HETATM 1326 O O   . HOH F 5 .   ? -12.431 -8.826  -15.470 1.00 32.41  ? 469 HOH A O   1 
HETATM 1327 O O   . HOH F 5 .   ? 10.647  -12.634 1.800   1.00 47.55  ? 470 HOH A O   1 
HETATM 1328 O O   . HOH F 5 .   ? -13.813 -7.222  -8.942  1.00 54.85  ? 471 HOH A O   1 
HETATM 1329 O O   . HOH F 5 .   ? 6.478   2.134   8.783   1.00 41.00  ? 472 HOH A O   1 
HETATM 1330 O O   . HOH F 5 .   ? -0.282  15.729  13.420  1.00 62.79  ? 473 HOH A O   1 
HETATM 1331 O O   . HOH F 5 .   ? 9.267   -12.001 -5.837  1.00 56.92  ? 474 HOH A O   1 
HETATM 1332 O O   . HOH F 5 .   ? -10.958 -7.426  -11.404 1.00 44.76  ? 475 HOH A O   1 
HETATM 1333 O O   . HOH F 5 .   ? -0.452  -4.397  -19.222 1.00 59.92  ? 476 HOH A O   1 
HETATM 1334 O O   . HOH F 5 .   ? -0.974  0.570   -13.138 1.00 49.40  ? 477 HOH A O   1 
HETATM 1335 O O   . HOH F 5 .   ? -10.373 -4.200  8.832   1.00 55.12  ? 478 HOH A O   1 
HETATM 1336 O O   . HOH F 5 .   ? 6.935   -8.215  18.555  1.00 63.32  ? 479 HOH A O   1 
HETATM 1337 O O   . HOH G 5 .   ? 13.066  2.368   6.552   1.00 41.58  ? 201 HOH B O   1 
# 
